data_1F6M
#
_entry.id   1F6M
#
_cell.length_a   298.929
_cell.length_b   94.828
_cell.length_c   79.613
_cell.angle_alpha   90.00
_cell.angle_beta   104.175
_cell.angle_gamma   90.00
#
_symmetry.space_group_name_H-M   'C 1 2 1'
#
loop_
_entity.id
_entity.type
_entity.pdbx_description
1 polymer 'THIOREDOXIN REDUCTASE'
2 polymer 'THIOREDOXIN 1'
3 non-polymer 'FLAVIN-ADENINE DINUCLEOTIDE'
4 non-polymer '3-AMINOPYRIDINE-ADENINE DINUCLEOTIDE PHOSPHATE'
5 water water
#
loop_
_entity_poly.entity_id
_entity_poly.type
_entity_poly.pdbx_seq_one_letter_code
_entity_poly.pdbx_strand_id
1 'polypeptide(L)'
;GTTKHSKLLILGSGPAGYTAAVYAARANLQPVLITGMEKGGQLTTTTEVENWPGDPNDLTGPLLMERMHEHATKFETEII
FDHINKVDLQNRPFRLNGDNGEYTCDALIIATGASARYLGLPSEEAFKGRGVSASATCDGFFYRNQKVAVIGGGNTAVEE
ALYLSNIASEVHLIHRRDGFRAEKILIKRLMDKVENGNIILHTNRTLEEVTGDQMGVTGVRLRDTQNSDNIESLDVAGLF
VAIGHSPNTAIFEGQLELENGYIKVQSGIHGNATQTSIPGVFAAGDVMDHIYRQAITSAGTGCMAALDAERYLDGLADAK
;
A,B,E,F
2 'polypeptide(L)'
;SDKIIHLTDDSFDTDVLKADGAILVDFWAEWCGPSKMIAPILDEIADEYQGKLTVAKLNIDQNPGTAPKYGIRGIPTLLL
FKNGEVAATKVGALSKGQLKEFLDANLA
;
C,D,G,H
#
loop_
_chem_comp.id
_chem_comp.type
_chem_comp.name
_chem_comp.formula
3AA non-polymer '3-AMINOPYRIDINE-ADENINE DINUCLEOTIDE PHOSPHATE' 'C20 H29 N7 O16 P3 1'
FAD non-polymer 'FLAVIN-ADENINE DINUCLEOTIDE' 'C27 H33 N9 O15 P2'
#
# COMPACT_ATOMS: atom_id res chain seq x y z
N GLY A 1 -16.81 -43.95 -1.93
CA GLY A 1 -18.19 -44.37 -2.31
C GLY A 1 -19.22 -43.50 -1.60
N THR A 2 -18.88 -43.10 -0.37
CA THR A 2 -19.77 -42.27 0.41
C THR A 2 -19.21 -40.86 0.55
N THR A 3 -19.27 -40.12 -0.56
CA THR A 3 -18.80 -38.74 -0.59
C THR A 3 -19.87 -37.90 0.07
N LYS A 4 -19.50 -37.17 1.11
CA LYS A 4 -20.45 -36.35 1.84
C LYS A 4 -20.71 -35.04 1.10
N HIS A 5 -21.96 -34.85 0.68
CA HIS A 5 -22.35 -33.65 -0.04
C HIS A 5 -23.19 -32.72 0.83
N SER A 6 -23.06 -31.43 0.57
CA SER A 6 -23.79 -30.43 1.32
C SER A 6 -23.89 -29.15 0.51
N LYS A 7 -24.98 -28.40 0.73
CA LYS A 7 -25.16 -27.14 0.02
C LYS A 7 -23.93 -26.28 0.23
N LEU A 8 -23.59 -26.09 1.50
CA LEU A 8 -22.46 -25.27 1.89
C LEU A 8 -21.48 -26.03 2.77
N LEU A 9 -20.20 -25.71 2.63
CA LEU A 9 -19.15 -26.33 3.42
C LEU A 9 -18.23 -25.22 3.88
N ILE A 10 -17.88 -25.23 5.15
CA ILE A 10 -16.98 -24.23 5.71
C ILE A 10 -15.66 -24.88 6.10
N LEU A 11 -14.56 -24.23 5.73
CA LEU A 11 -13.22 -24.72 6.04
C LEU A 11 -12.57 -23.90 7.14
N GLY A 12 -12.36 -24.53 8.29
CA GLY A 12 -11.75 -23.85 9.41
C GLY A 12 -12.60 -23.81 10.68
N SER A 13 -11.96 -23.97 11.83
CA SER A 13 -12.66 -23.95 13.12
C SER A 13 -12.14 -22.80 14.00
N GLY A 14 -11.98 -21.64 13.38
CA GLY A 14 -11.53 -20.45 14.07
C GLY A 14 -12.68 -19.49 14.23
N PRO A 15 -12.45 -18.28 14.75
CA PRO A 15 -13.54 -17.33 14.92
C PRO A 15 -14.30 -17.04 13.61
N ALA A 16 -13.56 -16.88 12.52
CA ALA A 16 -14.21 -16.58 11.26
C ALA A 16 -15.16 -17.70 10.85
N GLY A 17 -14.66 -18.93 10.87
CA GLY A 17 -15.46 -20.06 10.45
C GLY A 17 -16.67 -20.34 11.29
N TYR A 18 -16.47 -20.38 12.60
CA TYR A 18 -17.56 -20.63 13.52
C TYR A 18 -18.67 -19.61 13.39
N THR A 19 -18.33 -18.36 13.10
CA THR A 19 -19.36 -17.33 12.96
C THR A 19 -20.14 -17.62 11.67
N ALA A 20 -19.41 -17.94 10.61
CA ALA A 20 -20.04 -18.28 9.34
C ALA A 20 -20.91 -19.51 9.62
N ALA A 21 -20.38 -20.43 10.44
CA ALA A 21 -21.14 -21.62 10.77
C ALA A 21 -22.50 -21.25 11.33
N VAL A 22 -22.54 -20.49 12.43
CA VAL A 22 -23.81 -20.15 13.03
C VAL A 22 -24.75 -19.29 12.19
N TYR A 23 -24.23 -18.32 11.46
CA TYR A 23 -25.11 -17.50 10.63
C TYR A 23 -25.68 -18.34 9.49
N ALA A 24 -24.85 -19.20 8.91
CA ALA A 24 -25.30 -20.07 7.82
C ALA A 24 -26.26 -21.11 8.35
N ALA A 25 -26.02 -21.61 9.55
CA ALA A 25 -26.90 -22.62 10.15
C ALA A 25 -28.30 -22.06 10.38
N ARG A 26 -28.41 -20.76 10.64
CA ARG A 26 -29.70 -20.14 10.89
C ARG A 26 -30.43 -19.85 9.59
N ALA A 27 -29.69 -19.79 8.49
CA ALA A 27 -30.30 -19.55 7.18
C ALA A 27 -30.76 -20.92 6.69
N ASN A 28 -30.64 -21.89 7.58
CA ASN A 28 -31.00 -23.28 7.28
C ASN A 28 -30.33 -23.78 6.02
N LEU A 29 -29.00 -23.71 6.02
CA LEU A 29 -28.16 -24.17 4.91
C LEU A 29 -27.51 -25.48 5.32
N GLN A 30 -27.92 -26.00 6.47
CA GLN A 30 -27.38 -27.27 6.98
C GLN A 30 -25.86 -27.31 6.75
N PRO A 31 -25.13 -26.32 7.26
CA PRO A 31 -23.68 -26.25 7.09
C PRO A 31 -22.84 -27.41 7.58
N VAL A 32 -21.77 -27.71 6.84
CA VAL A 32 -20.82 -28.74 7.23
C VAL A 32 -19.51 -28.00 7.46
N LEU A 33 -18.91 -28.17 8.63
CA LEU A 33 -17.65 -27.50 8.95
C LEU A 33 -16.53 -28.46 9.32
N ILE A 34 -15.37 -28.22 8.71
CA ILE A 34 -14.21 -29.04 8.96
C ILE A 34 -13.29 -28.21 9.85
N THR A 35 -12.94 -28.79 11.00
CA THR A 35 -12.10 -28.13 11.97
C THR A 35 -10.67 -27.84 11.54
N GLY A 36 -9.96 -28.88 11.12
CA GLY A 36 -8.58 -28.70 10.72
C GLY A 36 -7.75 -29.23 11.88
N MET A 37 -6.43 -29.19 11.78
CA MET A 37 -5.64 -29.70 12.88
C MET A 37 -5.67 -28.77 14.10
N GLU A 38 -5.69 -27.46 13.84
CA GLU A 38 -5.74 -26.50 14.92
C GLU A 38 -7.21 -26.13 15.23
N LYS A 39 -7.95 -27.06 15.79
CA LYS A 39 -9.35 -26.86 16.13
C LYS A 39 -9.50 -25.73 17.13
N GLY A 40 -10.21 -24.66 16.72
CA GLY A 40 -10.39 -23.52 17.59
C GLY A 40 -9.62 -22.32 17.07
N GLY A 41 -8.64 -22.58 16.20
CA GLY A 41 -7.86 -21.50 15.63
C GLY A 41 -6.68 -21.00 16.45
N GLN A 42 -6.09 -19.90 16.01
CA GLN A 42 -4.95 -19.31 16.69
C GLN A 42 -5.24 -18.95 18.13
N LEU A 43 -6.44 -18.44 18.36
CA LEU A 43 -6.86 -18.03 19.70
C LEU A 43 -6.59 -19.12 20.72
N THR A 44 -6.63 -20.38 20.31
CA THR A 44 -6.40 -21.49 21.24
C THR A 44 -4.95 -21.56 21.71
N THR A 45 -4.07 -20.78 21.11
CA THR A 45 -2.67 -20.81 21.49
C THR A 45 -2.32 -19.60 22.36
N THR A 46 -3.35 -18.91 22.84
CA THR A 46 -3.14 -17.77 23.70
C THR A 46 -3.85 -17.97 25.04
N THR A 47 -3.68 -17.00 25.93
CA THR A 47 -4.34 -17.02 27.23
C THR A 47 -5.38 -15.90 27.26
N GLU A 48 -5.15 -14.88 28.08
CA GLU A 48 -6.09 -13.77 28.17
C GLU A 48 -6.38 -13.09 26.85
N VAL A 49 -7.63 -12.71 26.65
CA VAL A 49 -8.02 -11.98 25.44
C VAL A 49 -8.73 -10.74 25.97
N GLU A 50 -8.11 -9.58 25.77
CA GLU A 50 -8.63 -8.33 26.30
C GLU A 50 -9.41 -7.42 25.38
N ASN A 51 -9.61 -7.81 24.13
CA ASN A 51 -10.32 -6.93 23.23
C ASN A 51 -11.48 -7.53 22.48
N TRP A 52 -12.02 -8.60 23.04
CA TRP A 52 -13.19 -9.27 22.46
C TRP A 52 -14.28 -8.41 23.07
N PRO A 53 -14.86 -7.49 22.28
CA PRO A 53 -15.91 -6.60 22.80
C PRO A 53 -16.99 -7.27 23.63
N GLY A 54 -17.21 -6.77 24.84
CA GLY A 54 -18.24 -7.33 25.69
C GLY A 54 -17.74 -8.36 26.70
N ASP A 55 -16.42 -8.53 26.74
CA ASP A 55 -15.79 -9.46 27.68
C ASP A 55 -14.65 -8.75 28.37
N PRO A 56 -14.99 -7.76 29.20
CA PRO A 56 -14.04 -6.96 29.95
C PRO A 56 -13.02 -7.70 30.78
N ASN A 57 -13.33 -8.88 31.31
CA ASN A 57 -12.35 -9.55 32.16
C ASN A 57 -12.28 -11.05 32.08
N ASP A 58 -11.09 -11.56 32.41
CA ASP A 58 -10.80 -12.98 32.47
C ASP A 58 -11.10 -13.91 31.30
N LEU A 59 -11.34 -13.35 30.12
CA LEU A 59 -11.62 -14.17 28.96
C LEU A 59 -10.30 -14.68 28.38
N THR A 60 -10.32 -15.92 27.90
CA THR A 60 -9.13 -16.53 27.33
C THR A 60 -9.50 -17.12 25.99
N GLY A 61 -8.55 -17.15 25.06
CA GLY A 61 -8.80 -17.70 23.73
C GLY A 61 -9.51 -19.05 23.81
N PRO A 62 -8.93 -20.02 24.53
CA PRO A 62 -9.55 -21.33 24.66
C PRO A 62 -11.03 -21.22 25.01
N LEU A 63 -11.33 -20.40 26.02
CA LEU A 63 -12.71 -20.23 26.47
C LEU A 63 -13.60 -19.64 25.37
N LEU A 64 -13.18 -18.55 24.75
CA LEU A 64 -13.99 -17.93 23.71
C LEU A 64 -14.27 -18.97 22.63
N MET A 65 -13.25 -19.70 22.24
CA MET A 65 -13.43 -20.69 21.18
C MET A 65 -14.21 -21.93 21.61
N GLU A 66 -14.12 -22.33 22.87
CA GLU A 66 -14.89 -23.50 23.30
C GLU A 66 -16.37 -23.11 23.26
N ARG A 67 -16.60 -21.83 23.50
CA ARG A 67 -17.92 -21.24 23.53
C ARG A 67 -18.49 -21.15 22.11
N MET A 68 -17.64 -20.83 21.14
CA MET A 68 -18.07 -20.74 19.74
C MET A 68 -18.36 -22.12 19.16
N HIS A 69 -17.60 -23.11 19.61
CA HIS A 69 -17.84 -24.46 19.14
C HIS A 69 -19.25 -24.79 19.59
N GLU A 70 -19.53 -24.56 20.87
CA GLU A 70 -20.85 -24.85 21.43
C GLU A 70 -21.95 -24.11 20.69
N HIS A 71 -21.68 -22.86 20.37
CA HIS A 71 -22.65 -22.03 19.68
C HIS A 71 -22.97 -22.63 18.29
N ALA A 72 -21.94 -22.90 17.51
CA ALA A 72 -22.10 -23.48 16.16
C ALA A 72 -22.79 -24.84 16.15
N THR A 73 -22.56 -25.65 17.19
CA THR A 73 -23.19 -26.96 17.24
C THR A 73 -24.62 -26.82 17.72
N LYS A 74 -24.89 -25.79 18.52
CA LYS A 74 -26.24 -25.58 19.01
C LYS A 74 -27.23 -25.45 17.87
N PHE A 75 -26.81 -24.85 16.77
CA PHE A 75 -27.72 -24.68 15.63
C PHE A 75 -27.46 -25.71 14.58
N GLU A 76 -27.09 -26.89 15.07
CA GLU A 76 -26.84 -28.06 14.25
C GLU A 76 -25.94 -27.91 13.04
N THR A 77 -24.68 -27.62 13.31
CA THR A 77 -23.66 -27.48 12.29
C THR A 77 -22.98 -28.82 12.34
N GLU A 78 -22.74 -29.44 11.20
CA GLU A 78 -22.08 -30.73 11.21
C GLU A 78 -20.59 -30.44 11.29
N ILE A 79 -20.04 -30.56 12.49
CA ILE A 79 -18.62 -30.28 12.68
C ILE A 79 -17.83 -31.57 12.52
N ILE A 80 -16.90 -31.56 11.56
CA ILE A 80 -16.09 -32.74 11.28
C ILE A 80 -14.62 -32.47 11.51
N PHE A 81 -14.01 -33.28 12.38
CA PHE A 81 -12.59 -33.14 12.68
C PHE A 81 -11.80 -33.71 11.50
N ASP A 82 -11.27 -32.82 10.66
CA ASP A 82 -10.51 -33.27 9.52
C ASP A 82 -9.61 -32.16 8.97
N HIS A 83 -8.76 -32.50 8.02
CA HIS A 83 -7.86 -31.52 7.42
C HIS A 83 -7.87 -31.75 5.91
N ILE A 84 -8.15 -30.70 5.14
CA ILE A 84 -8.21 -30.79 3.68
C ILE A 84 -6.83 -30.73 3.05
N ASN A 85 -6.51 -31.71 2.20
CA ASN A 85 -5.21 -31.76 1.54
C ASN A 85 -5.23 -31.30 0.10
N LYS A 86 -6.38 -31.40 -0.55
CA LYS A 86 -6.48 -31.04 -1.95
C LYS A 86 -7.88 -30.50 -2.24
N VAL A 87 -7.97 -29.58 -3.20
CA VAL A 87 -9.27 -29.02 -3.57
C VAL A 87 -9.38 -28.80 -5.07
N ASP A 88 -10.56 -29.11 -5.60
CA ASP A 88 -10.83 -28.90 -7.02
C ASP A 88 -11.97 -27.91 -7.15
N LEU A 89 -11.66 -26.69 -7.59
CA LEU A 89 -12.66 -25.64 -7.73
C LEU A 89 -13.03 -25.34 -9.18
N GLN A 90 -12.79 -26.30 -10.04
CA GLN A 90 -13.09 -26.11 -11.45
C GLN A 90 -14.36 -26.86 -11.82
N ASN A 91 -14.72 -27.83 -10.99
CA ASN A 91 -15.92 -28.63 -11.23
C ASN A 91 -16.95 -28.44 -10.13
N ARG A 92 -18.17 -28.11 -10.51
CA ARG A 92 -19.24 -27.95 -9.53
C ARG A 92 -20.05 -29.24 -9.53
N PRO A 93 -20.32 -29.82 -8.36
CA PRO A 93 -19.93 -29.37 -7.03
C PRO A 93 -18.43 -29.38 -6.78
N PHE A 94 -17.96 -28.45 -5.96
CA PHE A 94 -16.56 -28.34 -5.63
C PHE A 94 -16.14 -29.62 -4.91
N ARG A 95 -14.94 -30.11 -5.24
CA ARG A 95 -14.38 -31.32 -4.64
C ARG A 95 -13.27 -30.98 -3.64
N LEU A 96 -13.43 -31.45 -2.42
CA LEU A 96 -12.42 -31.22 -1.41
C LEU A 96 -11.98 -32.55 -0.81
N ASN A 97 -10.67 -32.76 -0.74
CA ASN A 97 -10.15 -34.00 -0.21
C ASN A 97 -9.45 -33.91 1.14
N GLY A 98 -9.97 -34.69 2.08
CA GLY A 98 -9.43 -34.74 3.42
C GLY A 98 -9.11 -36.14 3.91
N ASP A 99 -8.28 -36.24 4.93
CA ASP A 99 -7.83 -37.50 5.50
C ASP A 99 -8.93 -38.47 5.93
N ASN A 100 -10.12 -37.97 6.26
CA ASN A 100 -11.17 -38.89 6.69
C ASN A 100 -12.25 -39.12 5.64
N GLY A 101 -12.10 -38.52 4.45
CA GLY A 101 -13.08 -38.70 3.41
C GLY A 101 -13.09 -37.60 2.36
N GLU A 102 -13.96 -37.74 1.36
CA GLU A 102 -14.08 -36.76 0.28
C GLU A 102 -15.36 -35.95 0.42
N TYR A 103 -15.27 -34.64 0.14
CA TYR A 103 -16.44 -33.75 0.27
C TYR A 103 -16.71 -32.93 -0.99
N THR A 104 -17.99 -32.64 -1.23
CA THR A 104 -18.42 -31.83 -2.36
C THR A 104 -19.46 -30.86 -1.79
N CYS A 105 -19.53 -29.68 -2.39
CA CYS A 105 -20.46 -28.66 -1.90
C CYS A 105 -20.81 -27.67 -3.01
N ASP A 106 -22.02 -27.11 -2.94
CA ASP A 106 -22.43 -26.14 -3.96
C ASP A 106 -21.87 -24.75 -3.73
N ALA A 107 -21.41 -24.49 -2.50
CA ALA A 107 -20.80 -23.21 -2.13
C ALA A 107 -19.75 -23.48 -1.06
N LEU A 108 -18.66 -22.71 -1.09
CA LEU A 108 -17.57 -22.91 -0.14
C LEU A 108 -17.12 -21.65 0.58
N ILE A 109 -16.94 -21.78 1.89
CA ILE A 109 -16.46 -20.67 2.68
C ILE A 109 -15.09 -21.09 3.24
N ILE A 110 -14.06 -20.43 2.75
CA ILE A 110 -12.69 -20.70 3.13
C ILE A 110 -12.26 -19.83 4.30
N ALA A 111 -12.14 -20.45 5.47
CA ALA A 111 -11.74 -19.74 6.68
C ALA A 111 -10.53 -20.45 7.26
N THR A 112 -9.54 -20.66 6.41
CA THR A 112 -8.35 -21.37 6.81
C THR A 112 -7.34 -20.63 7.65
N GLY A 113 -7.58 -19.34 7.89
CA GLY A 113 -6.66 -18.57 8.71
C GLY A 113 -5.21 -18.55 8.27
N ALA A 114 -4.28 -18.69 9.22
CA ALA A 114 -2.84 -18.68 8.94
C ALA A 114 -2.03 -19.51 9.94
N SER A 115 -0.81 -19.86 9.55
CA SER A 115 0.08 -20.65 10.40
C SER A 115 1.23 -19.80 10.89
N ALA A 116 1.81 -20.22 12.03
CA ALA A 116 2.95 -19.53 12.61
C ALA A 116 4.08 -19.49 11.60
N ARG A 117 4.70 -18.33 11.48
CA ARG A 117 5.80 -18.15 10.55
C ARG A 117 7.16 -18.41 11.19
N TYR A 118 8.09 -18.93 10.40
CA TYR A 118 9.45 -19.21 10.85
C TYR A 118 10.49 -18.51 10.00
N LEU A 119 11.70 -18.41 10.56
CA LEU A 119 12.82 -17.73 9.90
C LEU A 119 13.41 -18.53 8.75
N GLY A 120 13.58 -19.83 8.97
CA GLY A 120 14.16 -20.68 7.94
C GLY A 120 15.55 -21.17 8.28
N LEU A 121 15.97 -20.99 9.53
CA LEU A 121 17.28 -21.44 9.96
C LEU A 121 17.22 -22.93 10.27
N PRO A 122 18.20 -23.69 9.78
CA PRO A 122 18.18 -25.12 10.05
C PRO A 122 18.32 -25.37 11.54
N SER A 123 19.11 -24.53 12.22
CA SER A 123 19.32 -24.65 13.66
C SER A 123 17.99 -24.53 14.38
N GLU A 124 17.12 -23.73 13.77
CA GLU A 124 15.78 -23.48 14.25
C GLU A 124 15.00 -24.77 14.16
N GLU A 125 15.15 -25.44 13.00
CA GLU A 125 14.48 -26.71 12.73
C GLU A 125 15.07 -27.84 13.57
N ALA A 126 16.40 -27.90 13.62
CA ALA A 126 17.13 -28.94 14.35
C ALA A 126 16.73 -29.00 15.83
N PHE A 127 16.33 -27.87 16.38
CA PHE A 127 15.95 -27.81 17.78
C PHE A 127 14.47 -27.66 18.06
N LYS A 128 13.64 -27.59 17.02
CA LYS A 128 12.21 -27.47 17.25
C LYS A 128 11.78 -28.66 18.10
N GLY A 129 11.22 -28.35 19.27
CA GLY A 129 10.79 -29.40 20.17
C GLY A 129 11.74 -29.56 21.34
N ARG A 130 12.96 -29.05 21.21
CA ARG A 130 13.97 -29.15 22.27
C ARG A 130 14.54 -27.78 22.67
N GLY A 131 13.81 -26.71 22.40
CA GLY A 131 14.32 -25.40 22.76
C GLY A 131 13.70 -24.34 21.89
N VAL A 132 13.40 -24.73 20.65
CA VAL A 132 12.74 -23.84 19.70
C VAL A 132 11.27 -24.23 19.76
N SER A 133 10.43 -23.29 20.15
CA SER A 133 9.00 -23.54 20.27
C SER A 133 8.17 -22.40 19.64
N ALA A 134 6.93 -22.68 19.29
CA ALA A 134 6.09 -21.64 18.69
C ALA A 134 5.02 -21.14 19.65
N SER A 135 4.62 -21.99 20.60
CA SER A 135 3.60 -21.61 21.57
C SER A 135 4.09 -21.66 23.01
N ALA A 136 4.14 -20.49 23.64
CA ALA A 136 4.59 -20.37 25.02
C ALA A 136 3.54 -20.96 25.95
N THR A 137 2.27 -20.66 25.64
CA THR A 137 1.13 -21.13 26.40
C THR A 137 1.26 -22.65 26.57
N CYS A 138 1.96 -23.29 25.65
CA CYS A 138 2.16 -24.74 25.68
C CYS A 138 3.46 -25.19 26.32
N ASP A 139 4.56 -24.56 25.95
CA ASP A 139 5.89 -24.91 26.44
C ASP A 139 6.54 -24.04 27.51
N GLY A 140 5.93 -22.91 27.85
CA GLY A 140 6.50 -22.05 28.87
C GLY A 140 6.75 -22.80 30.17
N PHE A 141 6.10 -23.95 30.27
CA PHE A 141 6.19 -24.84 31.42
C PHE A 141 7.64 -25.30 31.63
N PHE A 142 8.29 -25.69 30.55
CA PHE A 142 9.66 -26.19 30.59
C PHE A 142 10.74 -25.17 30.92
N TYR A 143 10.36 -23.96 31.27
CA TYR A 143 11.37 -22.95 31.54
C TYR A 143 11.27 -22.31 32.91
N ARG A 144 10.71 -23.04 33.86
CA ARG A 144 10.58 -22.52 35.21
C ARG A 144 11.92 -22.08 35.76
N ASN A 145 12.00 -20.81 36.16
CA ASN A 145 13.22 -20.23 36.71
C ASN A 145 14.46 -20.39 35.86
N GLN A 146 14.30 -20.25 34.54
CA GLN A 146 15.41 -20.38 33.62
C GLN A 146 15.37 -19.22 32.63
N LYS A 147 16.49 -18.95 31.98
CA LYS A 147 16.55 -17.87 31.01
C LYS A 147 15.94 -18.34 29.71
N VAL A 148 15.09 -17.50 29.10
CA VAL A 148 14.45 -17.85 27.84
C VAL A 148 14.34 -16.63 26.91
N ALA A 149 14.35 -16.90 25.61
CA ALA A 149 14.27 -15.82 24.61
C ALA A 149 12.98 -15.80 23.78
N VAL A 150 12.64 -14.62 23.28
CA VAL A 150 11.46 -14.41 22.43
C VAL A 150 11.96 -13.54 21.30
N ILE A 151 11.51 -13.81 20.09
CA ILE A 151 11.95 -13.06 18.91
C ILE A 151 10.79 -12.58 18.06
N GLY A 152 10.70 -11.27 17.90
CA GLY A 152 9.63 -10.64 17.15
C GLY A 152 9.24 -9.34 17.83
N GLY A 153 8.65 -8.41 17.08
CA GLY A 153 8.26 -7.15 17.68
C GLY A 153 6.78 -6.87 17.67
N GLY A 154 5.97 -7.88 17.34
CA GLY A 154 4.53 -7.69 17.32
C GLY A 154 3.82 -8.05 18.61
N ASN A 155 2.48 -8.06 18.56
CA ASN A 155 1.68 -8.39 19.73
C ASN A 155 2.01 -9.77 20.32
N THR A 156 2.19 -10.76 19.45
CA THR A 156 2.48 -12.12 19.91
C THR A 156 3.78 -12.23 20.69
N ALA A 157 4.80 -11.51 20.23
CA ALA A 157 6.08 -11.55 20.91
C ALA A 157 5.95 -10.89 22.27
N VAL A 158 5.50 -9.64 22.27
CA VAL A 158 5.34 -8.91 23.51
C VAL A 158 4.53 -9.71 24.52
N GLU A 159 3.34 -10.17 24.13
CA GLU A 159 2.49 -10.95 25.04
C GLU A 159 3.19 -12.21 25.54
N GLU A 160 3.88 -12.91 24.63
CA GLU A 160 4.60 -14.11 25.03
C GLU A 160 5.71 -13.69 25.98
N ALA A 161 6.33 -12.54 25.73
CA ALA A 161 7.40 -12.04 26.59
C ALA A 161 6.81 -11.74 27.97
N LEU A 162 5.68 -11.03 27.95
CA LEU A 162 4.94 -10.65 29.16
C LEU A 162 4.44 -11.88 29.92
N TYR A 163 3.98 -12.87 29.19
CA TYR A 163 3.48 -14.11 29.78
C TYR A 163 4.63 -14.92 30.37
N LEU A 164 5.69 -15.11 29.59
CA LEU A 164 6.85 -15.88 29.99
C LEU A 164 7.48 -15.26 31.23
N SER A 165 7.35 -13.94 31.31
CA SER A 165 7.87 -13.16 32.41
C SER A 165 7.56 -13.63 33.83
N ASN A 166 6.42 -14.30 34.02
CA ASN A 166 6.07 -14.79 35.36
C ASN A 166 6.41 -16.28 35.53
N ILE A 167 7.04 -16.86 34.52
CA ILE A 167 7.42 -18.26 34.54
C ILE A 167 8.93 -18.41 34.59
N ALA A 168 9.61 -17.76 33.65
CA ALA A 168 11.06 -17.81 33.56
C ALA A 168 11.74 -16.83 34.51
N SER A 169 13.01 -17.09 34.79
CA SER A 169 13.81 -16.23 35.66
C SER A 169 14.03 -14.92 34.92
N GLU A 170 14.34 -15.02 33.63
CA GLU A 170 14.50 -13.82 32.83
C GLU A 170 14.12 -14.06 31.38
N VAL A 171 13.51 -13.04 30.79
CA VAL A 171 13.02 -13.09 29.43
C VAL A 171 13.84 -12.11 28.58
N HIS A 172 14.31 -12.58 27.43
CA HIS A 172 15.09 -11.72 26.55
C HIS A 172 14.34 -11.49 25.26
N LEU A 173 13.79 -10.30 25.06
CA LEU A 173 13.03 -10.00 23.85
C LEU A 173 13.95 -9.49 22.74
N ILE A 174 13.97 -10.21 21.62
CA ILE A 174 14.82 -9.87 20.48
C ILE A 174 13.98 -9.28 19.35
N HIS A 175 14.46 -8.20 18.75
CA HIS A 175 13.69 -7.59 17.67
C HIS A 175 14.54 -6.82 16.66
N ARG A 176 14.14 -6.89 15.38
CA ARG A 176 14.83 -6.25 14.27
C ARG A 176 14.95 -4.74 14.34
N ARG A 177 14.25 -4.12 15.28
CA ARG A 177 14.29 -2.68 15.35
C ARG A 177 14.37 -2.14 16.74
N ASP A 178 14.16 -0.84 16.82
CA ASP A 178 14.19 -0.12 18.08
C ASP A 178 12.73 0.10 18.48
N GLY A 179 11.82 -0.15 17.53
CA GLY A 179 10.40 0.02 17.79
C GLY A 179 9.54 -1.25 17.71
N PHE A 180 8.49 -1.28 18.51
CA PHE A 180 7.57 -2.42 18.57
C PHE A 180 6.22 -2.10 17.94
N ARG A 181 5.60 -3.10 17.30
CA ARG A 181 4.30 -2.86 16.69
C ARG A 181 3.12 -3.34 17.53
N ALA A 182 3.39 -3.92 18.69
CA ALA A 182 2.30 -4.38 19.53
C ALA A 182 1.48 -3.19 20.04
N GLU A 183 0.28 -3.44 20.56
CA GLU A 183 -0.59 -2.38 21.10
C GLU A 183 0.19 -1.59 22.16
N LYS A 184 -0.06 -0.28 22.25
CA LYS A 184 0.64 0.55 23.23
C LYS A 184 0.45 0.04 24.65
N ILE A 185 -0.81 -0.13 25.04
CA ILE A 185 -1.15 -0.62 26.37
C ILE A 185 -0.21 -1.75 26.78
N LEU A 186 0.20 -2.54 25.80
CA LEU A 186 1.09 -3.68 26.02
C LEU A 186 2.56 -3.28 26.02
N ILE A 187 2.93 -2.44 25.06
CA ILE A 187 4.29 -1.96 24.96
C ILE A 187 4.62 -1.28 26.28
N LYS A 188 3.61 -0.66 26.89
CA LYS A 188 3.80 0.01 28.16
C LYS A 188 4.10 -1.06 29.20
N ARG A 189 3.30 -2.12 29.25
CA ARG A 189 3.52 -3.19 30.21
C ARG A 189 4.91 -3.75 30.05
N LEU A 190 5.37 -3.84 28.79
CA LEU A 190 6.69 -4.37 28.48
C LEU A 190 7.80 -3.53 29.13
N MET A 191 7.88 -2.25 28.76
CA MET A 191 8.89 -1.34 29.29
C MET A 191 8.81 -1.28 30.82
N ASP A 192 7.61 -1.13 31.35
CA ASP A 192 7.44 -1.07 32.78
C ASP A 192 8.10 -2.30 33.40
N LYS A 193 8.12 -3.41 32.68
CA LYS A 193 8.73 -4.63 33.20
C LYS A 193 10.17 -4.69 32.77
N VAL A 194 10.50 -3.99 31.69
CA VAL A 194 11.87 -3.94 31.21
C VAL A 194 12.64 -3.09 32.21
N GLU A 195 11.98 -2.07 32.73
CA GLU A 195 12.59 -1.14 33.67
C GLU A 195 12.76 -1.65 35.08
N ASN A 196 11.86 -2.49 35.57
CA ASN A 196 12.00 -3.02 36.93
C ASN A 196 11.50 -4.44 37.06
N GLY A 197 11.61 -5.21 35.98
CA GLY A 197 11.20 -6.59 35.98
C GLY A 197 12.32 -7.46 35.45
N ASN A 198 11.98 -8.60 34.85
CA ASN A 198 12.99 -9.50 34.33
C ASN A 198 13.03 -9.65 32.81
N ILE A 199 12.59 -8.62 32.09
CA ILE A 199 12.62 -8.67 30.64
C ILE A 199 13.79 -7.85 30.10
N ILE A 200 14.64 -8.46 29.30
CA ILE A 200 15.79 -7.77 28.74
C ILE A 200 15.56 -7.51 27.26
N LEU A 201 15.68 -6.26 26.84
CA LEU A 201 15.48 -5.92 25.45
C LEU A 201 16.76 -6.11 24.62
N HIS A 202 16.60 -6.73 23.46
CA HIS A 202 17.73 -6.96 22.57
C HIS A 202 17.30 -6.41 21.21
N THR A 203 17.18 -5.09 21.13
CA THR A 203 16.77 -4.44 19.89
C THR A 203 17.88 -4.44 18.87
N ASN A 204 17.50 -4.23 17.61
CA ASN A 204 18.44 -4.22 16.49
C ASN A 204 19.29 -5.48 16.45
N ARG A 205 18.65 -6.63 16.63
CA ARG A 205 19.33 -7.91 16.60
C ARG A 205 18.42 -8.89 15.86
N THR A 206 19.03 -9.86 15.17
CA THR A 206 18.25 -10.86 14.44
C THR A 206 18.84 -12.22 14.73
N LEU A 207 17.97 -13.23 14.81
CA LEU A 207 18.41 -14.59 15.09
C LEU A 207 19.31 -15.11 13.98
N GLU A 208 20.58 -15.30 14.32
CA GLU A 208 21.57 -15.78 13.37
C GLU A 208 21.74 -17.28 13.42
N GLU A 209 21.54 -17.84 14.62
CA GLU A 209 21.70 -19.26 14.81
C GLU A 209 21.27 -19.71 16.20
N VAL A 210 20.78 -20.95 16.29
CA VAL A 210 20.36 -21.51 17.56
C VAL A 210 21.40 -22.57 17.88
N THR A 211 21.96 -22.52 19.09
CA THR A 211 22.98 -23.49 19.49
C THR A 211 22.52 -24.42 20.60
N GLY A 212 23.13 -25.59 20.65
CA GLY A 212 22.77 -26.57 21.66
C GLY A 212 23.40 -27.92 21.44
N ASP A 213 22.89 -28.92 22.16
CA ASP A 213 23.39 -30.29 22.08
C ASP A 213 22.24 -31.29 22.02
N GLN A 214 22.54 -32.57 22.19
CA GLN A 214 21.50 -33.59 22.14
C GLN A 214 20.39 -33.30 23.13
N MET A 215 20.76 -32.72 24.26
CA MET A 215 19.80 -32.41 25.31
C MET A 215 18.94 -31.17 25.11
N GLY A 216 19.20 -30.42 24.04
CA GLY A 216 18.40 -29.23 23.78
C GLY A 216 19.17 -27.96 23.49
N VAL A 217 18.44 -26.84 23.48
CA VAL A 217 19.01 -25.52 23.18
C VAL A 217 19.74 -24.91 24.38
N THR A 218 20.96 -24.44 24.16
CA THR A 218 21.74 -23.83 25.22
C THR A 218 21.89 -22.33 25.06
N GLY A 219 21.73 -21.84 23.84
CA GLY A 219 21.87 -20.40 23.63
C GLY A 219 21.59 -19.99 22.19
N VAL A 220 21.64 -18.69 21.93
CA VAL A 220 21.38 -18.18 20.59
C VAL A 220 22.42 -17.15 20.21
N ARG A 221 22.45 -16.78 18.94
CA ARG A 221 23.39 -15.77 18.48
C ARG A 221 22.64 -14.71 17.69
N LEU A 222 22.57 -13.49 18.22
CA LEU A 222 21.87 -12.41 17.53
C LEU A 222 22.89 -11.80 16.57
N ARG A 223 22.47 -10.89 15.70
CA ARG A 223 23.41 -10.31 14.74
C ARG A 223 23.75 -8.82 14.76
N ASP A 224 22.79 -7.99 15.11
CA ASP A 224 22.97 -6.53 15.12
C ASP A 224 22.71 -6.04 13.71
N THR A 225 21.60 -5.31 13.56
CA THR A 225 21.16 -4.81 12.28
C THR A 225 21.92 -3.57 11.79
N GLN A 226 22.68 -2.94 12.68
CA GLN A 226 23.41 -1.74 12.31
C GLN A 226 24.92 -1.96 12.28
N ASN A 227 25.34 -3.20 12.14
CA ASN A 227 26.75 -3.54 12.12
C ASN A 227 26.89 -4.99 11.69
N SER A 228 26.63 -5.23 10.42
CA SER A 228 26.69 -6.55 9.80
C SER A 228 27.45 -7.64 10.55
N ASP A 229 28.60 -7.29 11.11
CA ASP A 229 29.41 -8.30 11.80
C ASP A 229 29.67 -8.02 13.29
N ASN A 230 28.62 -7.71 14.02
CA ASN A 230 28.75 -7.44 15.44
C ASN A 230 28.24 -8.63 16.25
N ILE A 231 27.79 -9.66 15.54
CA ILE A 231 27.27 -10.89 16.16
C ILE A 231 27.60 -11.12 17.63
N GLU A 232 26.58 -11.13 18.49
CA GLU A 232 26.76 -11.34 19.93
C GLU A 232 26.16 -12.67 20.38
N SER A 233 26.66 -13.20 21.47
CA SER A 233 26.17 -14.47 21.98
C SER A 233 25.32 -14.29 23.22
N LEU A 234 24.22 -15.04 23.28
CA LEU A 234 23.30 -14.96 24.40
C LEU A 234 22.98 -16.34 24.96
N ASP A 235 23.34 -16.54 26.23
CA ASP A 235 23.13 -17.80 26.94
C ASP A 235 21.67 -17.93 27.40
N VAL A 236 20.91 -18.81 26.76
CA VAL A 236 19.48 -18.94 27.08
C VAL A 236 18.98 -20.42 26.99
N ALA A 237 17.95 -20.77 27.76
CA ALA A 237 17.43 -22.16 27.79
C ALA A 237 16.51 -22.56 26.64
N GLY A 238 15.88 -21.58 26.02
CA GLY A 238 14.99 -21.83 24.91
C GLY A 238 14.51 -20.53 24.31
N LEU A 239 13.94 -20.60 23.11
CA LEU A 239 13.44 -19.41 22.46
C LEU A 239 12.10 -19.67 21.78
N PHE A 240 11.23 -18.66 21.80
CA PHE A 240 9.93 -18.75 21.17
C PHE A 240 9.92 -17.77 20.00
N VAL A 241 9.66 -18.26 18.79
CA VAL A 241 9.64 -17.33 17.66
C VAL A 241 8.24 -16.77 17.48
N ALA A 242 8.18 -15.46 17.31
CA ALA A 242 6.92 -14.76 17.14
C ALA A 242 7.08 -13.71 16.06
N ILE A 243 7.24 -14.17 14.81
CA ILE A 243 7.42 -13.25 13.70
C ILE A 243 6.25 -13.20 12.71
N GLY A 244 5.04 -13.24 13.24
CA GLY A 244 3.87 -13.16 12.40
C GLY A 244 3.46 -14.50 11.86
N HIS A 245 2.55 -14.46 10.89
CA HIS A 245 2.03 -15.67 10.25
C HIS A 245 1.90 -15.49 8.75
N SER A 246 1.49 -16.56 8.09
CA SER A 246 1.27 -16.55 6.65
C SER A 246 -0.03 -17.32 6.39
N PRO A 247 -0.93 -16.73 5.60
CA PRO A 247 -2.21 -17.36 5.29
C PRO A 247 -2.08 -18.80 4.81
N ASN A 248 -3.01 -19.66 5.25
CA ASN A 248 -2.98 -21.05 4.83
C ASN A 248 -3.73 -21.16 3.52
N THR A 249 -3.06 -20.81 2.43
CA THR A 249 -3.66 -20.82 1.10
C THR A 249 -2.95 -21.76 0.14
N ALA A 250 -2.06 -22.59 0.68
CA ALA A 250 -1.33 -23.52 -0.16
C ALA A 250 -2.23 -24.49 -0.90
N ILE A 251 -3.21 -25.08 -0.22
CA ILE A 251 -4.10 -26.04 -0.86
C ILE A 251 -4.94 -25.43 -1.98
N PHE A 252 -4.84 -24.12 -2.14
CA PHE A 252 -5.59 -23.41 -3.17
C PHE A 252 -4.70 -22.89 -4.28
N GLU A 253 -3.46 -23.36 -4.29
CA GLU A 253 -2.50 -22.91 -5.30
C GLU A 253 -3.10 -22.86 -6.70
N GLY A 254 -2.93 -21.69 -7.31
CA GLY A 254 -3.41 -21.47 -8.67
C GLY A 254 -4.84 -21.79 -9.03
N GLN A 255 -5.75 -21.66 -8.08
CA GLN A 255 -7.16 -21.92 -8.38
C GLN A 255 -7.95 -20.70 -7.95
N LEU A 256 -7.32 -19.87 -7.13
CA LEU A 256 -7.93 -18.67 -6.64
C LEU A 256 -6.90 -17.59 -6.77
N GLU A 257 -7.33 -16.39 -7.15
CA GLU A 257 -6.41 -15.29 -7.28
C GLU A 257 -5.92 -14.92 -5.90
N LEU A 258 -4.62 -15.08 -5.68
CA LEU A 258 -4.02 -14.74 -4.40
C LEU A 258 -3.19 -13.48 -4.53
N GLU A 259 -2.88 -12.86 -3.40
CA GLU A 259 -2.06 -11.64 -3.38
C GLU A 259 -1.17 -11.70 -2.15
N ASN A 260 0.08 -12.10 -2.34
CA ASN A 260 1.02 -12.21 -1.25
C ASN A 260 0.50 -13.23 -0.28
N GLY A 261 -0.02 -14.32 -0.83
CA GLY A 261 -0.52 -15.40 -0.01
C GLY A 261 -1.97 -15.30 0.40
N TYR A 262 -2.47 -14.08 0.57
CA TYR A 262 -3.85 -13.89 0.99
C TYR A 262 -4.89 -14.03 -0.13
N ILE A 263 -6.02 -14.70 0.17
CA ILE A 263 -7.08 -14.88 -0.84
C ILE A 263 -7.74 -13.53 -1.13
N LYS A 264 -7.89 -13.23 -2.41
CA LYS A 264 -8.45 -11.97 -2.84
C LYS A 264 -9.97 -12.04 -2.92
N VAL A 265 -10.62 -11.05 -2.31
CA VAL A 265 -12.08 -10.98 -2.31
C VAL A 265 -12.58 -9.70 -2.96
N GLN A 266 -13.83 -9.72 -3.39
CA GLN A 266 -14.42 -8.58 -4.05
C GLN A 266 -14.40 -7.33 -3.17
N SER A 267 -14.66 -7.51 -1.88
CA SER A 267 -14.71 -6.39 -0.96
C SER A 267 -15.77 -5.43 -1.50
N GLY A 268 -15.62 -4.15 -1.22
CA GLY A 268 -16.60 -3.19 -1.71
C GLY A 268 -17.84 -3.06 -0.85
N ILE A 269 -18.55 -1.95 -1.01
CA ILE A 269 -19.75 -1.68 -0.24
C ILE A 269 -21.05 -2.07 -0.96
N HIS A 270 -21.03 -3.17 -1.70
CA HIS A 270 -22.21 -3.62 -2.43
C HIS A 270 -22.55 -5.09 -2.29
N GLY A 271 -22.14 -5.71 -1.20
CA GLY A 271 -22.44 -7.12 -1.01
C GLY A 271 -21.53 -8.08 -1.73
N ASN A 272 -21.65 -9.37 -1.42
CA ASN A 272 -20.83 -10.39 -2.05
C ASN A 272 -19.38 -9.98 -1.83
N ALA A 273 -19.17 -9.26 -0.74
CA ALA A 273 -17.86 -8.75 -0.34
C ALA A 273 -16.79 -9.79 -0.06
N THR A 274 -17.20 -11.04 0.18
CA THR A 274 -16.27 -12.11 0.48
C THR A 274 -16.11 -13.04 -0.71
N GLN A 275 -16.66 -12.62 -1.83
CA GLN A 275 -16.58 -13.39 -3.07
C GLN A 275 -15.12 -13.51 -3.49
N THR A 276 -14.66 -14.73 -3.73
CA THR A 276 -13.30 -14.95 -4.17
C THR A 276 -13.25 -14.83 -5.69
N SER A 277 -12.25 -15.44 -6.31
CA SER A 277 -12.13 -15.38 -7.76
C SER A 277 -13.12 -16.32 -8.43
N ILE A 278 -13.60 -17.31 -7.68
CA ILE A 278 -14.54 -18.26 -8.23
C ILE A 278 -15.93 -18.13 -7.62
N PRO A 279 -16.94 -17.81 -8.44
CA PRO A 279 -18.31 -17.66 -7.95
C PRO A 279 -18.76 -18.88 -7.17
N GLY A 280 -19.29 -18.66 -5.97
CA GLY A 280 -19.74 -19.77 -5.15
C GLY A 280 -18.71 -20.13 -4.08
N VAL A 281 -17.54 -19.51 -4.18
CA VAL A 281 -16.45 -19.72 -3.24
C VAL A 281 -16.19 -18.40 -2.53
N PHE A 282 -16.21 -18.42 -1.21
CA PHE A 282 -15.99 -17.23 -0.41
C PHE A 282 -14.92 -17.45 0.66
N ALA A 283 -14.29 -16.36 1.08
CA ALA A 283 -13.26 -16.44 2.10
C ALA A 283 -13.51 -15.38 3.17
N ALA A 284 -13.37 -15.79 4.43
CA ALA A 284 -13.55 -14.88 5.55
C ALA A 284 -12.42 -15.16 6.52
N GLY A 285 -12.11 -14.18 7.35
CA GLY A 285 -11.03 -14.39 8.31
C GLY A 285 -9.71 -13.84 7.85
N ASP A 286 -8.67 -14.21 8.58
CA ASP A 286 -7.32 -13.76 8.31
C ASP A 286 -6.79 -14.25 6.97
N VAL A 287 -7.40 -15.30 6.44
CA VAL A 287 -6.96 -15.85 5.17
C VAL A 287 -7.17 -14.85 4.03
N MET A 288 -7.98 -13.81 4.28
CA MET A 288 -8.27 -12.77 3.30
C MET A 288 -8.13 -11.35 3.83
N ASP A 289 -7.33 -11.21 4.88
CA ASP A 289 -7.10 -9.90 5.49
C ASP A 289 -5.64 -9.76 5.85
N HIS A 290 -4.93 -8.90 5.12
CA HIS A 290 -3.51 -8.67 5.33
C HIS A 290 -3.30 -7.50 6.27
N ILE A 291 -4.39 -6.82 6.67
CA ILE A 291 -4.27 -5.65 7.54
C ILE A 291 -4.62 -5.77 9.02
N TYR A 292 -5.91 -5.75 9.34
CA TYR A 292 -6.38 -5.81 10.72
C TYR A 292 -6.09 -7.09 11.50
N ARG A 293 -6.53 -8.22 10.97
CA ARG A 293 -6.31 -9.51 11.59
C ARG A 293 -6.51 -9.55 13.09
N GLN A 294 -7.75 -9.40 13.54
CA GLN A 294 -8.10 -9.49 14.96
C GLN A 294 -9.17 -10.57 14.97
N ALA A 295 -9.56 -11.02 16.16
CA ALA A 295 -10.59 -12.05 16.25
C ALA A 295 -11.95 -11.43 15.91
N ILE A 296 -12.13 -10.18 16.33
CA ILE A 296 -13.39 -9.48 16.10
C ILE A 296 -13.64 -9.18 14.62
N THR A 297 -12.58 -8.95 13.85
CA THR A 297 -12.76 -8.64 12.43
C THR A 297 -13.01 -9.93 11.68
N SER A 298 -12.42 -11.02 12.17
CA SER A 298 -12.56 -12.31 11.53
C SER A 298 -13.97 -12.82 11.68
N ALA A 299 -14.53 -12.62 12.87
CA ALA A 299 -15.88 -13.07 13.13
C ALA A 299 -16.80 -12.25 12.23
N GLY A 300 -16.48 -10.96 12.09
CA GLY A 300 -17.27 -10.09 11.25
C GLY A 300 -17.37 -10.62 9.84
N THR A 301 -16.23 -10.87 9.21
CA THR A 301 -16.18 -11.39 7.84
C THR A 301 -16.77 -12.80 7.71
N GLY A 302 -16.52 -13.65 8.70
CA GLY A 302 -17.09 -14.99 8.65
C GLY A 302 -18.60 -14.89 8.48
N CYS A 303 -19.17 -13.82 9.04
CA CYS A 303 -20.60 -13.58 8.98
C CYS A 303 -21.01 -13.21 7.56
N MET A 304 -20.32 -12.24 6.98
CA MET A 304 -20.58 -11.79 5.62
C MET A 304 -20.45 -12.98 4.66
N ALA A 305 -19.49 -13.84 4.92
CA ALA A 305 -19.28 -15.01 4.08
C ALA A 305 -20.56 -15.84 4.08
N ALA A 306 -21.06 -16.19 5.26
CA ALA A 306 -22.27 -17.00 5.35
C ALA A 306 -23.43 -16.33 4.64
N LEU A 307 -23.55 -15.02 4.81
CA LEU A 307 -24.64 -14.33 4.16
C LEU A 307 -24.47 -14.27 2.65
N ASP A 308 -23.23 -14.06 2.20
CA ASP A 308 -22.97 -14.02 0.77
C ASP A 308 -23.23 -15.39 0.16
N ALA A 309 -22.81 -16.42 0.89
CA ALA A 309 -23.00 -17.80 0.44
C ALA A 309 -24.50 -18.07 0.22
N GLU A 310 -25.31 -17.66 1.19
CA GLU A 310 -26.75 -17.85 1.09
C GLU A 310 -27.33 -17.08 -0.09
N ARG A 311 -26.89 -15.83 -0.27
CA ARG A 311 -27.38 -15.01 -1.38
C ARG A 311 -27.11 -15.78 -2.67
N TYR A 312 -25.94 -16.42 -2.72
CA TYR A 312 -25.52 -17.21 -3.87
C TYR A 312 -26.33 -18.50 -4.01
N LEU A 313 -26.34 -19.33 -2.98
CA LEU A 313 -27.08 -20.57 -3.03
C LEU A 313 -28.53 -20.35 -3.40
N ASP A 314 -29.12 -19.27 -2.88
CA ASP A 314 -30.51 -18.96 -3.21
C ASP A 314 -30.59 -18.67 -4.70
N GLY A 315 -29.64 -17.90 -5.20
CA GLY A 315 -29.62 -17.58 -6.61
C GLY A 315 -29.69 -18.84 -7.45
N LEU A 316 -28.90 -19.85 -7.06
CA LEU A 316 -28.89 -21.12 -7.78
C LEU A 316 -30.28 -21.72 -7.77
N ALA A 317 -30.86 -21.81 -6.56
CA ALA A 317 -32.20 -22.36 -6.42
C ALA A 317 -33.17 -21.59 -7.31
N ASP A 318 -33.09 -20.26 -7.27
CA ASP A 318 -33.96 -19.43 -8.09
C ASP A 318 -33.80 -19.83 -9.55
N ALA A 319 -32.64 -19.51 -10.12
CA ALA A 319 -32.37 -19.85 -11.52
C ALA A 319 -32.30 -21.37 -11.69
N LYS A 320 -33.45 -22.01 -11.59
CA LYS A 320 -33.58 -23.46 -11.75
C LYS A 320 -34.90 -23.81 -12.43
N GLY B 1 -19.86 28.33 26.96
CA GLY B 1 -18.59 28.52 26.21
C GLY B 1 -17.56 27.49 26.58
N THR B 2 -18.02 26.26 26.78
CA THR B 2 -17.13 25.16 27.14
C THR B 2 -16.87 24.30 25.90
N THR B 3 -15.64 24.34 25.38
CA THR B 3 -15.30 23.53 24.21
C THR B 3 -14.38 22.39 24.63
N LYS B 4 -14.57 21.20 24.05
CA LYS B 4 -13.74 20.06 24.42
C LYS B 4 -12.96 19.44 23.26
N HIS B 5 -11.65 19.32 23.45
CA HIS B 5 -10.79 18.74 22.44
C HIS B 5 -10.27 17.39 22.86
N SER B 6 -10.04 16.54 21.87
CA SER B 6 -9.54 15.22 22.09
C SER B 6 -8.93 14.77 20.77
N LYS B 7 -7.86 13.99 20.84
CA LYS B 7 -7.24 13.53 19.60
C LYS B 7 -8.30 12.77 18.83
N LEU B 8 -8.92 11.82 19.54
CA LEU B 8 -9.94 10.98 18.96
C LEU B 8 -11.32 11.14 19.59
N LEU B 9 -12.31 11.35 18.75
CA LEU B 9 -13.70 11.48 19.21
C LEU B 9 -14.54 10.41 18.50
N ILE B 10 -15.22 9.59 19.30
CA ILE B 10 -16.08 8.52 18.77
C ILE B 10 -17.54 8.93 18.93
N LEU B 11 -18.27 8.86 17.82
CA LEU B 11 -19.70 9.21 17.80
C LEU B 11 -20.61 7.99 17.79
N GLY B 12 -21.12 7.58 18.96
CA GLY B 12 -22.03 6.44 19.00
C GLY B 12 -21.73 5.45 20.12
N SER B 13 -22.76 4.88 20.73
CA SER B 13 -22.54 3.90 21.79
C SER B 13 -23.17 2.56 21.47
N GLY B 14 -23.05 2.17 20.20
CA GLY B 14 -23.56 0.88 19.76
C GLY B 14 -22.38 -0.07 19.76
N PRO B 15 -22.55 -1.31 19.30
CA PRO B 15 -21.42 -2.24 19.29
C PRO B 15 -20.26 -1.72 18.45
N ALA B 16 -20.57 -0.98 17.39
CA ALA B 16 -19.53 -0.43 16.53
C ALA B 16 -18.69 0.62 17.29
N GLY B 17 -19.39 1.60 17.85
CA GLY B 17 -18.73 2.63 18.62
C GLY B 17 -17.94 2.09 19.78
N TYR B 18 -18.54 1.23 20.60
CA TYR B 18 -17.86 0.65 21.75
C TYR B 18 -16.65 -0.22 21.42
N THR B 19 -16.68 -0.88 20.27
CA THR B 19 -15.55 -1.73 19.92
C THR B 19 -14.44 -0.80 19.47
N ALA B 20 -14.79 0.25 18.73
CA ALA B 20 -13.79 1.20 18.28
C ALA B 20 -13.14 1.80 19.53
N ALA B 21 -13.95 1.89 20.59
CA ALA B 21 -13.47 2.44 21.83
C ALA B 21 -12.43 1.58 22.52
N VAL B 22 -12.71 0.30 22.74
CA VAL B 22 -11.72 -0.52 23.42
C VAL B 22 -10.43 -0.60 22.63
N TYR B 23 -10.52 -0.60 21.31
CA TYR B 23 -9.31 -0.68 20.51
C TYR B 23 -8.51 0.60 20.61
N ALA B 24 -9.16 1.74 20.45
CA ALA B 24 -8.48 3.03 20.57
C ALA B 24 -7.87 3.22 21.97
N ALA B 25 -8.60 2.78 22.99
CA ALA B 25 -8.11 2.91 24.35
C ALA B 25 -6.80 2.18 24.50
N ARG B 26 -6.75 0.94 24.03
CA ARG B 26 -5.53 0.13 24.13
C ARG B 26 -4.38 0.64 23.25
N ALA B 27 -4.65 1.71 22.50
CA ALA B 27 -3.64 2.31 21.64
C ALA B 27 -3.30 3.65 22.30
N ASN B 28 -3.68 3.73 23.57
CA ASN B 28 -3.47 4.92 24.38
C ASN B 28 -3.78 6.19 23.61
N LEU B 29 -4.91 6.16 22.90
CA LEU B 29 -5.37 7.29 22.12
C LEU B 29 -6.31 8.16 22.93
N GLN B 30 -6.55 7.80 24.18
CA GLN B 30 -7.45 8.58 25.03
C GLN B 30 -8.70 8.97 24.26
N PRO B 31 -9.56 7.99 23.97
CA PRO B 31 -10.77 8.30 23.21
C PRO B 31 -11.93 8.85 24.03
N VAL B 32 -12.70 9.74 23.40
CA VAL B 32 -13.87 10.32 24.03
C VAL B 32 -15.03 9.81 23.19
N LEU B 33 -16.02 9.21 23.84
CA LEU B 33 -17.15 8.70 23.10
C LEU B 33 -18.42 9.40 23.54
N ILE B 34 -19.25 9.75 22.56
CA ILE B 34 -20.50 10.40 22.85
C ILE B 34 -21.57 9.34 22.61
N THR B 35 -22.34 9.04 23.65
CA THR B 35 -23.37 8.01 23.60
C THR B 35 -24.51 8.22 22.60
N GLY B 36 -25.05 9.43 22.55
CA GLY B 36 -26.17 9.69 21.67
C GLY B 36 -27.41 9.45 22.51
N MET B 37 -28.58 9.82 22.02
CA MET B 37 -29.79 9.63 22.83
C MET B 37 -30.08 8.16 23.10
N GLU B 38 -29.76 7.30 22.15
CA GLU B 38 -30.01 5.88 22.36
C GLU B 38 -28.74 5.17 22.83
N LYS B 39 -28.42 5.33 24.11
CA LYS B 39 -27.25 4.72 24.70
C LYS B 39 -27.35 3.20 24.62
N GLY B 40 -26.32 2.56 24.06
CA GLY B 40 -26.34 1.12 23.94
C GLY B 40 -26.58 0.70 22.50
N GLY B 41 -27.26 1.55 21.74
CA GLY B 41 -27.55 1.23 20.36
C GLY B 41 -28.84 0.45 20.17
N GLN B 42 -29.08 -0.01 18.95
CA GLN B 42 -30.29 -0.76 18.62
C GLN B 42 -30.50 -2.01 19.46
N LEU B 43 -29.42 -2.75 19.70
CA LEU B 43 -29.49 -3.98 20.49
C LEU B 43 -30.23 -3.78 21.81
N THR B 44 -30.39 -2.53 22.23
CA THR B 44 -31.06 -2.27 23.49
C THR B 44 -32.58 -2.30 23.34
N THR B 45 -33.06 -2.32 22.10
CA THR B 45 -34.49 -2.35 21.89
C THR B 45 -34.99 -3.77 21.62
N THR B 46 -34.13 -4.76 21.83
CA THR B 46 -34.50 -6.16 21.62
C THR B 46 -34.38 -6.97 22.91
N THR B 47 -34.60 -8.28 22.81
CA THR B 47 -34.47 -9.14 23.97
C THR B 47 -33.35 -10.12 23.69
N GLU B 48 -33.68 -11.40 23.51
CA GLU B 48 -32.64 -12.39 23.24
C GLU B 48 -31.88 -12.23 21.92
N VAL B 49 -30.55 -12.34 22.00
CA VAL B 49 -29.68 -12.23 20.82
C VAL B 49 -29.13 -13.64 20.68
N GLU B 50 -29.23 -14.21 19.48
CA GLU B 50 -28.80 -15.57 19.27
C GLU B 50 -27.63 -15.77 18.34
N ASN B 51 -27.20 -14.69 17.70
CA ASN B 51 -26.11 -14.79 16.75
C ASN B 51 -24.87 -13.96 17.06
N TRP B 52 -24.57 -13.78 18.33
CA TRP B 52 -23.36 -13.07 18.71
C TRP B 52 -22.42 -14.21 19.08
N PRO B 53 -21.56 -14.61 18.12
CA PRO B 53 -20.58 -15.69 18.25
C PRO B 53 -19.87 -15.78 19.58
N GLY B 54 -20.14 -16.85 20.32
CA GLY B 54 -19.51 -17.02 21.62
C GLY B 54 -20.53 -16.93 22.73
N ASP B 55 -21.69 -16.34 22.46
CA ASP B 55 -22.75 -16.24 23.45
C ASP B 55 -23.93 -17.03 22.91
N PRO B 56 -23.89 -18.35 23.02
CA PRO B 56 -24.96 -19.22 22.54
C PRO B 56 -26.22 -19.23 23.37
N ASN B 57 -26.16 -18.78 24.62
CA ASN B 57 -27.35 -18.80 25.47
C ASN B 57 -27.57 -17.58 26.36
N ASP B 58 -28.83 -17.39 26.73
CA ASP B 58 -29.24 -16.31 27.62
C ASP B 58 -28.67 -14.93 27.36
N LEU B 59 -28.21 -14.64 26.16
CA LEU B 59 -27.67 -13.31 25.90
C LEU B 59 -28.81 -12.41 25.48
N THR B 60 -28.74 -11.14 25.86
CA THR B 60 -29.77 -10.19 25.48
C THR B 60 -29.09 -8.91 25.02
N GLY B 61 -29.70 -8.27 24.03
CA GLY B 61 -29.15 -7.05 23.50
C GLY B 61 -28.75 -6.14 24.64
N PRO B 62 -29.64 -5.92 25.62
CA PRO B 62 -29.31 -5.04 26.75
C PRO B 62 -28.06 -5.48 27.51
N LEU B 63 -27.98 -6.77 27.83
CA LEU B 63 -26.84 -7.31 28.56
C LEU B 63 -25.54 -7.20 27.79
N LEU B 64 -25.61 -7.48 26.50
CA LEU B 64 -24.41 -7.41 25.69
C LEU B 64 -23.89 -5.99 25.74
N MET B 65 -24.77 -5.01 25.55
CA MET B 65 -24.31 -3.64 25.57
C MET B 65 -23.91 -3.17 26.96
N GLU B 66 -24.47 -3.80 28.00
CA GLU B 66 -24.10 -3.46 29.37
C GLU B 66 -22.63 -3.87 29.47
N ARG B 67 -22.31 -5.05 28.92
CA ARG B 67 -20.95 -5.59 28.93
C ARG B 67 -20.00 -4.77 28.07
N MET B 68 -20.42 -4.39 26.87
CA MET B 68 -19.57 -3.60 26.01
C MET B 68 -19.21 -2.27 26.68
N HIS B 69 -20.21 -1.62 27.26
CA HIS B 69 -20.00 -0.37 27.96
C HIS B 69 -18.94 -0.56 29.05
N GLU B 70 -19.18 -1.53 29.95
CA GLU B 70 -18.25 -1.83 31.02
C GLU B 70 -16.84 -1.94 30.44
N HIS B 71 -16.77 -2.68 29.35
CA HIS B 71 -15.52 -2.94 28.64
C HIS B 71 -14.84 -1.69 28.06
N ALA B 72 -15.62 -0.72 27.59
CA ALA B 72 -15.05 0.51 27.02
C ALA B 72 -14.48 1.39 28.11
N THR B 73 -15.10 1.37 29.28
CA THR B 73 -14.62 2.19 30.39
C THR B 73 -13.48 1.53 31.14
N LYS B 74 -13.34 0.21 31.00
CA LYS B 74 -12.27 -0.47 31.70
C LYS B 74 -10.95 0.15 31.28
N PHE B 75 -10.80 0.45 30.00
CA PHE B 75 -9.57 1.05 29.49
C PHE B 75 -9.71 2.57 29.43
N GLU B 76 -10.41 3.09 30.43
CA GLU B 76 -10.67 4.50 30.64
C GLU B 76 -11.23 5.37 29.51
N THR B 77 -12.09 4.81 28.67
CA THR B 77 -12.70 5.61 27.62
C THR B 77 -13.56 6.63 28.36
N GLU B 78 -13.70 7.82 27.79
CA GLU B 78 -14.49 8.87 28.40
C GLU B 78 -15.85 8.91 27.75
N ILE B 79 -16.85 8.36 28.44
CA ILE B 79 -18.18 8.35 27.86
C ILE B 79 -19.01 9.55 28.30
N ILE B 80 -19.40 10.36 27.33
CA ILE B 80 -20.20 11.55 27.61
C ILE B 80 -21.60 11.37 27.05
N PHE B 81 -22.62 11.59 27.88
CA PHE B 81 -24.01 11.46 27.45
C PHE B 81 -24.40 12.74 26.69
N ASP B 82 -24.50 12.64 25.36
CA ASP B 82 -24.82 13.80 24.55
C ASP B 82 -25.21 13.35 23.14
N HIS B 83 -25.87 14.24 22.41
CA HIS B 83 -26.30 13.98 21.04
C HIS B 83 -25.67 15.08 20.22
N ILE B 84 -25.26 14.77 19.00
CA ILE B 84 -24.63 15.77 18.14
C ILE B 84 -25.62 16.20 17.08
N ASN B 85 -25.83 17.51 16.91
CA ASN B 85 -26.78 17.96 15.89
C ASN B 85 -26.24 18.90 14.80
N LYS B 86 -24.92 19.01 14.70
CA LYS B 86 -24.31 19.86 13.69
C LYS B 86 -22.80 19.66 13.73
N VAL B 87 -22.16 19.59 12.56
CA VAL B 87 -20.72 19.40 12.48
C VAL B 87 -20.05 20.07 11.28
N ASP B 88 -18.84 20.55 11.50
CA ASP B 88 -18.04 21.20 10.45
C ASP B 88 -16.82 20.32 10.24
N LEU B 89 -16.83 19.56 9.15
CA LEU B 89 -15.71 18.68 8.85
C LEU B 89 -14.77 19.33 7.85
N GLN B 90 -15.04 20.59 7.49
CA GLN B 90 -14.25 21.31 6.52
C GLN B 90 -12.98 21.94 7.08
N ASN B 91 -12.89 22.06 8.40
CA ASN B 91 -11.71 22.65 9.02
C ASN B 91 -11.19 21.80 10.18
N ARG B 92 -9.88 21.77 10.34
CA ARG B 92 -9.26 21.00 11.43
C ARG B 92 -8.78 21.95 12.52
N PRO B 93 -9.02 21.59 13.79
CA PRO B 93 -9.72 20.37 14.21
C PRO B 93 -11.19 20.39 13.79
N PHE B 94 -11.84 19.24 13.89
CA PHE B 94 -13.25 19.12 13.52
C PHE B 94 -14.18 19.73 14.58
N ARG B 95 -15.31 20.27 14.12
CA ARG B 95 -16.30 20.91 14.99
C ARG B 95 -17.61 20.13 15.08
N LEU B 96 -17.99 19.73 16.30
CA LEU B 96 -19.23 19.01 16.54
C LEU B 96 -19.94 19.67 17.70
N ASN B 97 -21.21 20.03 17.50
CA ASN B 97 -21.95 20.69 18.58
C ASN B 97 -23.05 19.81 19.14
N GLY B 98 -23.14 19.78 20.46
CA GLY B 98 -24.14 18.98 21.13
C GLY B 98 -24.95 19.78 22.13
N ASP B 99 -25.77 19.11 22.93
CA ASP B 99 -26.57 19.80 23.92
C ASP B 99 -25.76 20.09 25.18
N ASN B 100 -24.45 19.87 25.12
CA ASN B 100 -23.62 20.11 26.29
C ASN B 100 -22.28 20.76 25.99
N GLY B 101 -22.10 21.19 24.74
CA GLY B 101 -20.85 21.84 24.40
C GLY B 101 -20.37 21.63 22.98
N GLU B 102 -19.22 22.24 22.69
CA GLU B 102 -18.59 22.13 21.38
C GLU B 102 -17.52 21.05 21.55
N TYR B 103 -17.28 20.30 20.50
CA TYR B 103 -16.29 19.24 20.54
C TYR B 103 -15.34 19.38 19.37
N THR B 104 -14.06 19.16 19.63
CA THR B 104 -13.03 19.23 18.60
C THR B 104 -12.19 17.98 18.71
N CYS B 105 -11.80 17.43 17.58
CA CYS B 105 -11.00 16.22 17.55
C CYS B 105 -10.08 16.22 16.34
N ASP B 106 -8.94 15.54 16.44
CA ASP B 106 -8.00 15.50 15.33
C ASP B 106 -8.40 14.41 14.34
N ALA B 107 -9.18 13.45 14.84
CA ALA B 107 -9.69 12.34 14.05
C ALA B 107 -11.09 12.05 14.57
N LEU B 108 -11.98 11.62 13.68
CA LEU B 108 -13.37 11.33 14.06
C LEU B 108 -13.88 9.99 13.57
N ILE B 109 -14.40 9.19 14.49
CA ILE B 109 -14.97 7.90 14.10
C ILE B 109 -16.48 8.05 14.21
N ILE B 110 -17.17 7.97 13.07
CA ILE B 110 -18.61 8.07 13.05
C ILE B 110 -19.29 6.71 13.17
N ALA B 111 -20.04 6.50 14.25
CA ALA B 111 -20.71 5.24 14.47
C ALA B 111 -22.14 5.54 14.93
N THR B 112 -22.81 6.40 14.19
CA THR B 112 -24.16 6.79 14.53
C THR B 112 -25.29 5.78 14.23
N GLY B 113 -24.93 4.65 13.63
CA GLY B 113 -25.93 3.63 13.35
C GLY B 113 -27.12 4.13 12.57
N ALA B 114 -28.31 3.59 12.87
CA ALA B 114 -29.53 3.99 12.16
C ALA B 114 -30.75 4.06 13.07
N SER B 115 -31.79 4.75 12.60
CA SER B 115 -33.02 4.93 13.37
C SER B 115 -34.17 4.19 12.73
N ALA B 116 -35.15 3.83 13.56
CA ALA B 116 -36.32 3.11 13.07
C ALA B 116 -37.03 3.91 11.99
N ARG B 117 -37.42 3.22 10.92
CA ARG B 117 -38.12 3.87 9.81
C ARG B 117 -39.53 4.23 10.28
N TYR B 118 -40.32 4.78 9.38
CA TYR B 118 -41.67 5.28 9.69
C TYR B 118 -42.53 5.05 8.45
N LEU B 119 -43.85 5.11 8.60
CA LEU B 119 -44.72 4.90 7.45
C LEU B 119 -45.08 6.24 6.85
N GLY B 120 -45.07 7.28 7.67
CA GLY B 120 -45.38 8.61 7.20
C GLY B 120 -46.87 8.86 7.01
N LEU B 121 -47.68 8.24 7.86
CA LEU B 121 -49.13 8.40 7.81
C LEU B 121 -49.57 9.32 8.93
N PRO B 122 -50.52 10.21 8.65
CA PRO B 122 -50.95 11.08 9.74
C PRO B 122 -51.61 10.29 10.87
N SER B 123 -52.30 9.20 10.50
CA SER B 123 -52.97 8.35 11.48
C SER B 123 -51.93 7.65 12.36
N GLU B 124 -50.80 7.32 11.75
CA GLU B 124 -49.69 6.67 12.42
C GLU B 124 -49.07 7.61 13.44
N GLU B 125 -49.01 8.89 13.08
CA GLU B 125 -48.43 9.93 13.92
C GLU B 125 -49.46 10.42 14.94
N ALA B 126 -50.73 10.35 14.55
CA ALA B 126 -51.83 10.80 15.39
C ALA B 126 -52.09 9.85 16.56
N PHE B 127 -51.60 8.62 16.46
CA PHE B 127 -51.86 7.63 17.51
C PHE B 127 -50.68 7.17 18.37
N LYS B 128 -49.49 7.75 18.16
CA LYS B 128 -48.31 7.37 18.94
C LYS B 128 -48.58 7.42 20.44
N GLY B 129 -48.04 6.46 21.18
CA GLY B 129 -48.23 6.44 22.61
C GLY B 129 -49.62 6.07 23.03
N ARG B 130 -50.52 5.98 22.06
CA ARG B 130 -51.92 5.64 22.32
C ARG B 130 -52.39 4.45 21.47
N GLY B 131 -51.45 3.73 20.87
CA GLY B 131 -51.81 2.59 20.04
C GLY B 131 -50.75 2.22 19.02
N VAL B 132 -50.03 3.23 18.54
CA VAL B 132 -48.94 3.01 17.58
C VAL B 132 -47.64 3.06 18.34
N SER B 133 -46.91 1.93 18.37
CA SER B 133 -45.65 1.84 19.09
C SER B 133 -44.45 1.52 18.22
N ALA B 134 -43.27 1.75 18.76
CA ALA B 134 -42.02 1.50 18.06
C ALA B 134 -41.22 0.39 18.72
N SER B 135 -41.56 0.08 19.97
CA SER B 135 -40.87 -0.97 20.69
C SER B 135 -41.83 -1.88 21.44
N ALA B 136 -41.79 -3.16 21.10
CA ALA B 136 -42.65 -4.12 21.78
C ALA B 136 -42.05 -4.30 23.17
N THR B 137 -40.74 -4.11 23.24
CA THR B 137 -39.94 -4.23 24.45
C THR B 137 -40.44 -3.30 25.55
N CYS B 138 -40.92 -2.14 25.12
CA CYS B 138 -41.42 -1.13 26.03
C CYS B 138 -42.91 -1.20 26.27
N ASP B 139 -43.66 -1.16 25.19
CA ASP B 139 -45.11 -1.15 25.28
C ASP B 139 -45.79 -2.51 25.27
N GLY B 140 -45.09 -3.54 24.82
CA GLY B 140 -45.69 -4.86 24.79
C GLY B 140 -46.63 -5.23 25.93
N PHE B 141 -46.28 -4.90 27.17
CA PHE B 141 -47.12 -5.27 28.28
C PHE B 141 -48.48 -4.54 28.33
N PHE B 142 -48.61 -3.47 27.55
CA PHE B 142 -49.87 -2.73 27.51
C PHE B 142 -50.88 -3.46 26.62
N TYR B 143 -50.50 -4.62 26.09
CA TYR B 143 -51.39 -5.35 25.20
C TYR B 143 -51.64 -6.79 25.58
N ARG B 144 -51.21 -7.17 26.78
CA ARG B 144 -51.38 -8.53 27.24
C ARG B 144 -52.80 -9.00 27.01
N ASN B 145 -52.92 -10.20 26.45
CA ASN B 145 -54.23 -10.80 26.18
C ASN B 145 -55.12 -9.98 25.26
N GLN B 146 -54.53 -9.25 24.33
CA GLN B 146 -55.31 -8.44 23.40
C GLN B 146 -54.84 -8.67 21.97
N LYS B 147 -55.67 -8.25 21.02
CA LYS B 147 -55.29 -8.39 19.65
C LYS B 147 -54.28 -7.28 19.39
N VAL B 148 -53.21 -7.64 18.69
CA VAL B 148 -52.15 -6.71 18.37
C VAL B 148 -51.67 -6.94 16.94
N ALA B 149 -51.12 -5.91 16.31
CA ALA B 149 -50.66 -6.05 14.92
C ALA B 149 -49.23 -5.55 14.73
N VAL B 150 -48.50 -6.26 13.87
CA VAL B 150 -47.10 -5.94 13.51
C VAL B 150 -47.06 -5.77 12.01
N ILE B 151 -46.19 -4.88 11.53
CA ILE B 151 -46.11 -4.63 10.11
C ILE B 151 -44.65 -4.52 9.66
N GLY B 152 -44.22 -5.49 8.87
CA GLY B 152 -42.86 -5.53 8.37
C GLY B 152 -42.55 -6.93 7.90
N GLY B 153 -41.43 -7.13 7.24
CA GLY B 153 -41.11 -8.46 6.76
C GLY B 153 -39.68 -8.91 6.99
N GLY B 154 -38.93 -8.10 7.73
CA GLY B 154 -37.54 -8.43 8.04
C GLY B 154 -37.40 -9.04 9.43
N ASN B 155 -36.17 -9.35 9.83
CA ASN B 155 -35.95 -9.94 11.15
C ASN B 155 -36.67 -9.23 12.30
N THR B 156 -36.69 -7.91 12.30
CA THR B 156 -37.34 -7.18 13.38
C THR B 156 -38.81 -7.54 13.43
N ALA B 157 -39.50 -7.25 12.33
CA ALA B 157 -40.91 -7.56 12.20
C ALA B 157 -41.18 -8.94 12.77
N VAL B 158 -40.56 -9.96 12.19
CA VAL B 158 -40.77 -11.33 12.64
C VAL B 158 -40.42 -11.57 14.12
N GLU B 159 -39.25 -11.11 14.57
CA GLU B 159 -38.88 -11.32 15.97
C GLU B 159 -39.89 -10.63 16.87
N GLU B 160 -40.50 -9.57 16.36
CA GLU B 160 -41.49 -8.84 17.13
C GLU B 160 -42.80 -9.61 17.25
N ALA B 161 -43.21 -10.24 16.17
CA ALA B 161 -44.45 -11.02 16.19
C ALA B 161 -44.24 -12.21 17.10
N LEU B 162 -43.07 -12.84 16.99
CA LEU B 162 -42.76 -14.00 17.82
C LEU B 162 -42.80 -13.63 19.28
N TYR B 163 -42.12 -12.52 19.61
CA TYR B 163 -42.06 -12.02 20.97
C TYR B 163 -43.44 -11.67 21.51
N LEU B 164 -44.16 -10.83 20.78
CA LEU B 164 -45.50 -10.40 21.16
C LEU B 164 -46.49 -11.56 21.30
N SER B 165 -46.31 -12.62 20.51
CA SER B 165 -47.23 -13.76 20.55
C SER B 165 -47.38 -14.45 21.90
N ASN B 166 -46.48 -14.17 22.84
CA ASN B 166 -46.55 -14.77 24.17
C ASN B 166 -47.14 -13.77 25.17
N ILE B 167 -47.69 -12.69 24.63
CA ILE B 167 -48.27 -11.62 25.43
C ILE B 167 -49.69 -11.32 24.94
N ALA B 168 -49.79 -10.90 23.69
CA ALA B 168 -51.07 -10.58 23.09
C ALA B 168 -51.90 -11.84 22.90
N SER B 169 -53.22 -11.68 22.83
CA SER B 169 -54.09 -12.83 22.63
C SER B 169 -53.82 -13.36 21.22
N GLU B 170 -53.53 -12.44 20.30
CA GLU B 170 -53.21 -12.83 18.94
C GLU B 170 -52.45 -11.73 18.22
N VAL B 171 -51.53 -12.15 17.35
CA VAL B 171 -50.68 -11.24 16.60
C VAL B 171 -50.98 -11.25 15.11
N HIS B 172 -51.19 -10.06 14.54
CA HIS B 172 -51.45 -9.96 13.11
C HIS B 172 -50.24 -9.35 12.40
N LEU B 173 -49.54 -10.19 11.64
CA LEU B 173 -48.34 -9.79 10.88
C LEU B 173 -48.75 -9.28 9.49
N ILE B 174 -48.55 -8.00 9.24
CA ILE B 174 -48.90 -7.35 7.97
C ILE B 174 -47.63 -7.11 7.14
N HIS B 175 -47.65 -7.55 5.88
CA HIS B 175 -46.47 -7.37 5.04
C HIS B 175 -46.82 -7.29 3.55
N ARG B 176 -46.01 -6.55 2.80
CA ARG B 176 -46.19 -6.33 1.38
C ARG B 176 -46.02 -7.57 0.52
N ARG B 177 -44.84 -8.19 0.57
CA ARG B 177 -44.57 -9.38 -0.22
C ARG B 177 -45.44 -10.52 0.30
N ASP B 178 -45.26 -11.67 -0.34
CA ASP B 178 -45.96 -12.86 0.06
C ASP B 178 -44.87 -13.62 0.82
N GLY B 179 -43.68 -13.02 0.81
CA GLY B 179 -42.54 -13.62 1.47
C GLY B 179 -41.82 -12.66 2.39
N PHE B 180 -41.07 -13.25 3.34
CA PHE B 180 -40.34 -12.47 4.32
C PHE B 180 -38.85 -12.56 4.07
N ARG B 181 -38.10 -11.56 4.53
CA ARG B 181 -36.66 -11.57 4.35
C ARG B 181 -35.96 -11.89 5.66
N ALA B 182 -36.72 -12.18 6.69
CA ALA B 182 -36.13 -12.53 7.97
C ALA B 182 -35.37 -13.86 7.82
N GLU B 183 -34.39 -14.10 8.68
CA GLU B 183 -33.62 -15.34 8.63
C GLU B 183 -34.55 -16.52 8.49
N LYS B 184 -34.07 -17.60 7.89
CA LYS B 184 -34.88 -18.81 7.72
C LYS B 184 -35.35 -19.39 9.06
N ILE B 185 -34.40 -19.73 9.93
CA ILE B 185 -34.71 -20.32 11.23
C ILE B 185 -35.86 -19.60 11.93
N LEU B 186 -35.96 -18.29 11.69
CA LEU B 186 -37.00 -17.49 12.29
C LEU B 186 -38.35 -17.62 11.60
N ILE B 187 -38.33 -17.64 10.27
CA ILE B 187 -39.56 -17.78 9.50
C ILE B 187 -40.22 -19.11 9.85
N LYS B 188 -39.41 -20.09 10.23
CA LYS B 188 -39.94 -21.40 10.60
C LYS B 188 -40.71 -21.28 11.91
N ARG B 189 -40.08 -20.69 12.92
CA ARG B 189 -40.74 -20.50 14.21
C ARG B 189 -42.03 -19.74 13.95
N LEU B 190 -41.95 -18.80 13.00
CA LEU B 190 -43.11 -17.99 12.66
C LEU B 190 -44.22 -18.85 12.11
N MET B 191 -43.91 -19.61 11.06
CA MET B 191 -44.91 -20.46 10.43
C MET B 191 -45.48 -21.47 11.39
N ASP B 192 -44.64 -21.97 12.28
CA ASP B 192 -45.08 -22.95 13.27
C ASP B 192 -46.19 -22.33 14.12
N LYS B 193 -46.08 -21.04 14.40
CA LYS B 193 -47.09 -20.34 15.18
C LYS B 193 -48.30 -19.93 14.33
N VAL B 194 -48.06 -19.62 13.06
CA VAL B 194 -49.15 -19.25 12.17
C VAL B 194 -50.06 -20.46 12.07
N GLU B 195 -49.49 -21.63 12.37
CA GLU B 195 -50.22 -22.89 12.32
C GLU B 195 -50.84 -23.29 13.65
N ASN B 196 -50.00 -23.70 14.60
CA ASN B 196 -50.47 -24.15 15.90
C ASN B 196 -50.63 -23.05 16.92
N GLY B 197 -50.21 -21.83 16.60
CA GLY B 197 -50.29 -20.75 17.57
C GLY B 197 -51.23 -19.60 17.23
N ASN B 198 -50.97 -18.44 17.83
CA ASN B 198 -51.80 -17.25 17.64
C ASN B 198 -51.27 -16.18 16.71
N ILE B 199 -50.41 -16.53 15.76
CA ILE B 199 -49.94 -15.51 14.84
C ILE B 199 -50.75 -15.67 13.57
N ILE B 200 -51.21 -14.56 13.01
CA ILE B 200 -52.03 -14.59 11.80
C ILE B 200 -51.43 -13.73 10.70
N LEU B 201 -51.15 -14.36 9.56
CA LEU B 201 -50.56 -13.67 8.44
C LEU B 201 -51.49 -12.80 7.60
N HIS B 202 -50.95 -11.70 7.10
CA HIS B 202 -51.67 -10.77 6.26
C HIS B 202 -50.71 -10.33 5.16
N THR B 203 -50.24 -11.30 4.38
CA THR B 203 -49.30 -11.03 3.30
C THR B 203 -49.97 -10.20 2.22
N ASN B 204 -49.15 -9.58 1.36
CA ASN B 204 -49.63 -8.73 0.29
C ASN B 204 -50.63 -7.68 0.75
N ARG B 205 -50.22 -6.90 1.76
CA ARG B 205 -51.07 -5.84 2.28
C ARG B 205 -50.21 -4.67 2.67
N THR B 206 -50.82 -3.48 2.70
CA THR B 206 -50.12 -2.27 3.07
C THR B 206 -51.03 -1.49 4.00
N LEU B 207 -50.49 -0.99 5.10
CA LEU B 207 -51.29 -0.24 6.05
C LEU B 207 -51.79 1.03 5.42
N GLU B 208 -53.11 1.18 5.30
CA GLU B 208 -53.68 2.38 4.72
C GLU B 208 -53.96 3.39 5.78
N GLU B 209 -54.42 2.94 6.94
CA GLU B 209 -54.70 3.89 8.02
C GLU B 209 -54.93 3.21 9.36
N VAL B 210 -54.51 3.87 10.42
CA VAL B 210 -54.68 3.36 11.76
C VAL B 210 -55.92 4.07 12.26
N THR B 211 -56.97 3.30 12.54
CA THR B 211 -58.24 3.85 13.01
C THR B 211 -58.42 3.63 14.50
N GLY B 212 -59.24 4.45 15.12
CA GLY B 212 -59.48 4.32 16.55
C GLY B 212 -60.30 5.47 17.07
N ASP B 213 -60.43 5.58 18.39
CA ASP B 213 -61.21 6.66 18.95
C ASP B 213 -60.33 7.58 19.76
N GLN B 214 -60.94 8.43 20.59
CA GLN B 214 -60.21 9.39 21.39
C GLN B 214 -59.54 8.75 22.60
N MET B 215 -59.40 7.43 22.59
CA MET B 215 -58.78 6.73 23.69
C MET B 215 -57.65 5.81 23.23
N GLY B 216 -57.46 5.72 21.92
CA GLY B 216 -56.42 4.87 21.38
C GLY B 216 -56.89 4.08 20.19
N VAL B 217 -55.94 3.40 19.55
CA VAL B 217 -56.19 2.58 18.38
C VAL B 217 -57.21 1.47 18.69
N THR B 218 -58.06 1.14 17.73
CA THR B 218 -59.03 0.08 17.92
C THR B 218 -59.06 -0.82 16.70
N GLY B 219 -58.41 -0.36 15.64
CA GLY B 219 -58.35 -1.14 14.42
C GLY B 219 -57.32 -0.59 13.44
N VAL B 220 -57.19 -1.27 12.30
CA VAL B 220 -56.23 -0.88 11.27
C VAL B 220 -56.85 -1.22 9.91
N ARG B 221 -56.61 -0.40 8.89
CA ARG B 221 -57.18 -0.67 7.56
C ARG B 221 -56.12 -0.96 6.50
N LEU B 222 -56.14 -2.18 5.99
CA LEU B 222 -55.18 -2.64 4.99
C LEU B 222 -55.67 -2.55 3.54
N ARG B 223 -54.71 -2.50 2.62
CA ARG B 223 -54.97 -2.41 1.18
C ARG B 223 -54.26 -3.57 0.49
N ASP B 224 -54.86 -4.09 -0.56
CA ASP B 224 -54.25 -5.21 -1.28
C ASP B 224 -53.13 -4.75 -2.21
N THR B 225 -52.04 -5.50 -2.28
CA THR B 225 -50.92 -5.14 -3.14
C THR B 225 -51.08 -5.69 -4.54
N GLN B 226 -52.10 -6.53 -4.75
CA GLN B 226 -52.35 -7.11 -6.06
C GLN B 226 -53.59 -6.46 -6.70
N ASN B 227 -54.66 -6.38 -5.92
CA ASN B 227 -55.90 -5.77 -6.37
C ASN B 227 -56.02 -4.39 -5.71
N SER B 228 -55.46 -3.42 -6.40
CA SER B 228 -55.44 -2.03 -5.94
C SER B 228 -56.71 -1.52 -5.25
N ASP B 229 -57.89 -1.99 -5.65
CA ASP B 229 -59.12 -1.49 -5.06
C ASP B 229 -59.80 -2.38 -4.02
N ASN B 230 -59.10 -3.40 -3.56
CA ASN B 230 -59.65 -4.29 -2.54
C ASN B 230 -59.05 -3.86 -1.19
N ILE B 231 -59.88 -3.76 -0.16
CA ILE B 231 -59.41 -3.32 1.16
C ILE B 231 -60.01 -4.14 2.29
N GLU B 232 -59.40 -4.05 3.48
CA GLU B 232 -59.92 -4.80 4.62
C GLU B 232 -59.63 -4.16 5.97
N SER B 233 -60.60 -4.29 6.87
CA SER B 233 -60.48 -3.75 8.22
C SER B 233 -59.81 -4.82 9.06
N LEU B 234 -59.26 -4.43 10.20
CA LEU B 234 -58.61 -5.38 11.10
C LEU B 234 -58.78 -4.86 12.51
N ASP B 235 -59.52 -5.59 13.34
CA ASP B 235 -59.74 -5.18 14.72
C ASP B 235 -58.52 -5.48 15.53
N VAL B 236 -57.80 -4.42 15.88
CA VAL B 236 -56.56 -4.57 16.59
C VAL B 236 -56.46 -3.50 17.67
N ALA B 237 -55.80 -3.82 18.78
CA ALA B 237 -55.66 -2.87 19.88
C ALA B 237 -54.36 -2.08 19.79
N GLY B 238 -53.35 -2.64 19.13
CA GLY B 238 -52.10 -1.95 19.02
C GLY B 238 -51.41 -2.23 17.70
N LEU B 239 -50.52 -1.34 17.31
CA LEU B 239 -49.77 -1.49 16.07
C LEU B 239 -48.28 -1.27 16.31
N PHE B 240 -47.47 -2.17 15.82
CA PHE B 240 -46.03 -2.02 15.94
C PHE B 240 -45.42 -1.98 14.54
N VAL B 241 -44.90 -0.82 14.15
CA VAL B 241 -44.28 -0.70 12.84
C VAL B 241 -42.83 -1.16 12.91
N ALA B 242 -42.49 -2.10 12.03
CA ALA B 242 -41.16 -2.64 11.97
C ALA B 242 -40.77 -2.74 10.51
N ILE B 243 -40.74 -1.60 9.84
CA ILE B 243 -40.36 -1.58 8.43
C ILE B 243 -38.92 -1.12 8.17
N GLY B 244 -37.99 -1.56 9.01
CA GLY B 244 -36.58 -1.23 8.82
C GLY B 244 -36.00 0.00 9.48
N HIS B 245 -34.77 0.34 9.11
CA HIS B 245 -34.07 1.50 9.66
C HIS B 245 -33.36 2.34 8.62
N SER B 246 -33.28 3.64 8.88
CA SER B 246 -32.59 4.55 7.98
C SER B 246 -31.35 5.02 8.74
N PRO B 247 -30.18 5.05 8.08
CA PRO B 247 -28.89 5.46 8.66
C PRO B 247 -28.88 6.88 9.15
N ASN B 248 -28.30 7.09 10.33
CA ASN B 248 -28.22 8.41 10.95
C ASN B 248 -27.14 9.29 10.33
N THR B 249 -27.47 9.95 9.23
CA THR B 249 -26.50 10.80 8.54
C THR B 249 -26.97 12.22 8.19
N ALA B 250 -28.04 12.69 8.82
CA ALA B 250 -28.53 14.04 8.54
C ALA B 250 -27.50 15.09 8.96
N ILE B 251 -26.84 14.89 10.09
CA ILE B 251 -25.87 15.88 10.52
C ILE B 251 -24.69 15.93 9.56
N PHE B 252 -24.38 14.80 8.92
CA PHE B 252 -23.26 14.73 7.98
C PHE B 252 -23.72 15.06 6.56
N GLU B 253 -24.93 15.58 6.44
CA GLU B 253 -25.44 15.96 5.14
C GLU B 253 -24.52 17.03 4.59
N GLY B 254 -24.15 16.89 3.32
CA GLY B 254 -23.28 17.85 2.68
C GLY B 254 -21.96 18.07 3.39
N GLN B 255 -21.50 17.04 4.12
CA GLN B 255 -20.23 17.14 4.82
C GLN B 255 -19.28 16.07 4.34
N LEU B 256 -19.83 15.02 3.73
CA LEU B 256 -19.00 13.93 3.18
C LEU B 256 -19.83 13.02 2.28
N GLU B 257 -19.19 12.47 1.25
CA GLU B 257 -19.88 11.59 0.29
C GLU B 257 -20.85 10.63 0.95
N LEU B 258 -22.12 10.80 0.60
CA LEU B 258 -23.18 9.98 1.12
C LEU B 258 -23.83 9.31 -0.07
N GLU B 259 -24.02 8.00 0.01
CA GLU B 259 -24.63 7.26 -1.09
C GLU B 259 -25.93 6.63 -0.61
N ASN B 260 -27.03 7.33 -0.87
CA ASN B 260 -28.38 6.89 -0.47
C ASN B 260 -28.52 6.93 1.04
N GLY B 261 -27.87 7.89 1.68
CA GLY B 261 -27.94 8.02 3.12
C GLY B 261 -26.81 7.37 3.89
N TYR B 262 -26.23 6.31 3.33
CA TYR B 262 -25.13 5.61 3.98
C TYR B 262 -23.81 6.31 3.66
N ILE B 263 -22.98 6.50 4.68
CA ILE B 263 -21.70 7.16 4.48
C ILE B 263 -20.84 6.24 3.61
N LYS B 264 -20.32 6.77 2.52
CA LYS B 264 -19.49 5.99 1.62
C LYS B 264 -18.12 5.87 2.26
N VAL B 265 -17.50 4.70 2.16
CA VAL B 265 -16.17 4.50 2.73
C VAL B 265 -15.27 3.88 1.67
N GLN B 266 -13.96 4.04 1.83
CA GLN B 266 -13.00 3.51 0.87
C GLN B 266 -13.13 2.01 0.69
N SER B 267 -13.23 1.28 1.80
CA SER B 267 -13.35 -0.16 1.74
C SER B 267 -12.06 -0.69 1.14
N GLY B 268 -12.13 -1.85 0.50
CA GLY B 268 -10.94 -2.42 -0.12
C GLY B 268 -10.17 -3.35 0.79
N ILE B 269 -9.19 -4.04 0.22
CA ILE B 269 -8.40 -4.98 0.98
C ILE B 269 -6.99 -4.45 1.16
N HIS B 270 -6.88 -3.12 1.20
CA HIS B 270 -5.59 -2.47 1.37
C HIS B 270 -5.56 -1.56 2.59
N GLY B 271 -6.28 -1.95 3.64
CA GLY B 271 -6.30 -1.15 4.84
C GLY B 271 -7.01 0.17 4.64
N ASN B 272 -7.08 0.94 5.73
CA ASN B 272 -7.74 2.24 5.74
C ASN B 272 -9.10 2.12 5.07
N ALA B 273 -9.75 0.97 5.28
CA ALA B 273 -11.06 0.65 4.70
C ALA B 273 -12.24 1.41 5.27
N THR B 274 -12.08 1.96 6.46
CA THR B 274 -13.16 2.70 7.09
C THR B 274 -12.98 4.20 6.96
N GLN B 275 -12.28 4.65 5.91
CA GLN B 275 -12.11 6.08 5.76
C GLN B 275 -13.13 6.68 4.83
N THR B 276 -13.74 7.78 5.28
CA THR B 276 -14.73 8.50 4.51
C THR B 276 -14.01 9.38 3.50
N SER B 277 -14.80 10.15 2.75
CA SER B 277 -14.26 11.06 1.74
C SER B 277 -13.38 12.16 2.32
N ILE B 278 -13.35 12.27 3.64
CA ILE B 278 -12.55 13.29 4.30
C ILE B 278 -11.50 12.63 5.17
N PRO B 279 -10.22 12.88 4.90
CA PRO B 279 -9.11 12.31 5.66
C PRO B 279 -9.29 12.51 7.16
N GLY B 280 -8.96 11.50 7.95
CA GLY B 280 -9.11 11.63 9.39
C GLY B 280 -10.51 11.34 9.89
N VAL B 281 -11.46 11.22 8.96
CA VAL B 281 -12.85 10.91 9.32
C VAL B 281 -13.17 9.49 8.86
N PHE B 282 -13.53 8.64 9.83
CA PHE B 282 -13.84 7.24 9.58
C PHE B 282 -15.26 6.87 10.00
N ALA B 283 -15.82 5.87 9.34
CA ALA B 283 -17.17 5.42 9.64
C ALA B 283 -17.20 3.92 9.86
N ALA B 284 -18.01 3.47 10.81
CA ALA B 284 -18.14 2.06 11.13
C ALA B 284 -19.58 1.75 11.52
N GLY B 285 -19.92 0.48 11.56
CA GLY B 285 -21.28 0.11 11.92
C GLY B 285 -22.29 0.26 10.80
N ASP B 286 -23.56 0.24 11.17
CA ASP B 286 -24.62 0.33 10.19
C ASP B 286 -24.69 1.65 9.43
N VAL B 287 -24.04 2.70 9.93
CA VAL B 287 -24.10 3.97 9.22
C VAL B 287 -23.36 3.86 7.90
N MET B 288 -22.46 2.90 7.80
CA MET B 288 -21.69 2.73 6.57
C MET B 288 -21.87 1.36 5.90
N ASP B 289 -22.88 0.62 6.34
CA ASP B 289 -23.14 -0.71 5.79
C ASP B 289 -24.64 -0.91 5.53
N HIS B 290 -25.05 -0.98 4.27
CA HIS B 290 -26.45 -1.18 3.98
C HIS B 290 -26.79 -2.59 3.51
N ILE B 291 -25.80 -3.49 3.57
CA ILE B 291 -26.03 -4.87 3.15
C ILE B 291 -26.22 -5.84 4.32
N TYR B 292 -25.18 -5.95 5.14
CA TYR B 292 -25.15 -6.86 6.28
C TYR B 292 -25.93 -6.44 7.54
N ARG B 293 -25.53 -5.33 8.14
CA ARG B 293 -26.15 -4.79 9.33
C ARG B 293 -26.38 -5.80 10.46
N GLN B 294 -25.28 -6.24 11.06
CA GLN B 294 -25.35 -7.20 12.16
C GLN B 294 -24.53 -6.65 13.34
N ALA B 295 -24.79 -7.17 14.53
CA ALA B 295 -24.06 -6.74 15.71
C ALA B 295 -22.58 -7.07 15.53
N ILE B 296 -22.32 -8.28 15.04
CA ILE B 296 -20.96 -8.73 14.86
C ILE B 296 -20.22 -8.06 13.72
N THR B 297 -20.92 -7.68 12.65
CA THR B 297 -20.24 -7.03 11.54
C THR B 297 -19.95 -5.59 11.91
N SER B 298 -20.82 -5.03 12.75
CA SER B 298 -20.66 -3.66 13.22
C SER B 298 -19.53 -3.59 14.21
N ALA B 299 -19.36 -4.63 15.01
CA ALA B 299 -18.28 -4.68 15.98
C ALA B 299 -16.97 -4.69 15.21
N GLY B 300 -16.95 -5.45 14.12
CA GLY B 300 -15.76 -5.57 13.29
C GLY B 300 -15.30 -4.27 12.66
N THR B 301 -16.17 -3.62 11.88
CA THR B 301 -15.79 -2.36 11.26
C THR B 301 -15.45 -1.34 12.33
N GLY B 302 -16.08 -1.49 13.50
CA GLY B 302 -15.80 -0.57 14.58
C GLY B 302 -14.36 -0.74 14.99
N CYS B 303 -13.90 -1.99 15.03
CA CYS B 303 -12.52 -2.30 15.38
C CYS B 303 -11.59 -1.67 14.33
N MET B 304 -11.97 -1.84 13.06
CA MET B 304 -11.22 -1.31 11.94
C MET B 304 -11.11 0.22 12.01
N ALA B 305 -12.20 0.88 12.38
CA ALA B 305 -12.20 2.34 12.48
C ALA B 305 -11.11 2.79 13.44
N ALA B 306 -10.97 2.06 14.53
CA ALA B 306 -9.96 2.38 15.52
C ALA B 306 -8.56 2.23 14.92
N LEU B 307 -8.25 1.02 14.43
CA LEU B 307 -6.96 0.74 13.82
C LEU B 307 -6.63 1.71 12.70
N ASP B 308 -7.65 2.15 11.97
CA ASP B 308 -7.44 3.11 10.89
C ASP B 308 -7.13 4.49 11.43
N ALA B 309 -7.84 4.90 12.48
CA ALA B 309 -7.62 6.21 13.07
C ALA B 309 -6.27 6.28 13.77
N GLU B 310 -5.86 5.17 14.38
CA GLU B 310 -4.58 5.15 15.08
C GLU B 310 -3.47 5.35 14.04
N ARG B 311 -3.57 4.58 12.95
CA ARG B 311 -2.59 4.66 11.88
C ARG B 311 -2.55 6.08 11.34
N TYR B 312 -3.69 6.76 11.41
CA TYR B 312 -3.79 8.13 10.93
C TYR B 312 -3.18 9.09 11.94
N LEU B 313 -3.55 8.94 13.20
CA LEU B 313 -3.02 9.83 14.23
C LEU B 313 -1.53 9.66 14.42
N ASP B 314 -1.02 8.45 14.15
CA ASP B 314 0.41 8.19 14.28
C ASP B 314 1.12 9.15 13.34
N GLY B 315 0.61 9.23 12.12
CA GLY B 315 1.19 10.11 11.11
C GLY B 315 1.29 11.55 11.56
N LEU B 316 0.22 12.08 12.14
CA LEU B 316 0.24 13.46 12.61
C LEU B 316 1.28 13.71 13.69
N ALA B 317 1.54 12.69 14.52
CA ALA B 317 2.52 12.81 15.60
C ALA B 317 3.95 12.78 15.09
N ASP B 318 4.14 12.30 13.87
CA ASP B 318 5.45 12.23 13.26
C ASP B 318 5.84 13.51 12.57
N ALA B 319 4.84 14.28 12.13
CA ALA B 319 5.08 15.55 11.46
C ALA B 319 5.34 16.57 12.56
N LYS B 320 4.99 16.19 13.79
CA LYS B 320 5.17 17.05 14.95
C LYS B 320 6.60 16.95 15.46
N SER C 1 -8.74 -45.72 21.53
CA SER C 1 -9.73 -46.01 22.60
C SER C 1 -9.79 -47.51 22.89
N ASP C 2 -8.96 -48.29 22.20
CA ASP C 2 -8.93 -49.74 22.40
C ASP C 2 -7.52 -50.25 22.70
N LYS C 3 -6.56 -49.34 22.76
CA LYS C 3 -5.18 -49.68 23.05
C LYS C 3 -4.50 -48.57 23.84
N ILE C 4 -5.10 -47.38 23.82
CA ILE C 4 -4.57 -46.22 24.54
C ILE C 4 -4.25 -46.57 25.99
N ILE C 5 -3.19 -45.96 26.52
CA ILE C 5 -2.78 -46.21 27.90
C ILE C 5 -2.54 -44.89 28.63
N HIS C 6 -3.18 -44.72 29.78
CA HIS C 6 -2.98 -43.51 30.56
C HIS C 6 -1.68 -43.65 31.32
N LEU C 7 -0.62 -44.00 30.57
CA LEU C 7 0.72 -44.19 31.12
C LEU C 7 1.05 -43.23 32.25
N THR C 8 2.00 -43.63 33.09
CA THR C 8 2.45 -42.82 34.22
C THR C 8 3.97 -42.90 34.31
N ASP C 9 4.57 -42.07 35.16
CA ASP C 9 6.01 -42.06 35.32
C ASP C 9 6.53 -43.38 35.88
N ASP C 10 5.68 -44.08 36.64
CA ASP C 10 6.07 -45.36 37.23
C ASP C 10 5.99 -46.47 36.20
N SER C 11 4.80 -46.64 35.62
CA SER C 11 4.55 -47.67 34.62
C SER C 11 5.02 -47.25 33.23
N PHE C 12 6.29 -46.88 33.11
CA PHE C 12 6.85 -46.49 31.83
C PHE C 12 8.08 -47.34 31.54
N ASP C 13 9.00 -47.38 32.49
CA ASP C 13 10.22 -48.17 32.31
C ASP C 13 9.82 -49.60 31.95
N THR C 14 8.79 -50.09 32.64
CA THR C 14 8.30 -51.44 32.40
C THR C 14 7.46 -51.56 31.13
N ASP C 15 6.58 -50.60 30.88
CA ASP C 15 5.72 -50.62 29.69
C ASP C 15 6.46 -50.37 28.38
N VAL C 16 6.93 -49.14 28.19
CA VAL C 16 7.62 -48.77 26.96
C VAL C 16 9.09 -49.21 26.89
N LEU C 17 9.92 -48.68 27.78
CA LEU C 17 11.35 -48.98 27.81
C LEU C 17 11.69 -50.47 27.67
N LYS C 18 10.76 -51.34 28.04
CA LYS C 18 11.01 -52.76 27.92
C LYS C 18 9.78 -53.53 27.48
N ALA C 19 9.58 -53.59 26.17
CA ALA C 19 8.46 -54.28 25.57
C ALA C 19 8.71 -54.34 24.07
N ASP C 20 9.10 -55.51 23.58
CA ASP C 20 9.36 -55.68 22.17
C ASP C 20 8.13 -55.32 21.36
N GLY C 21 8.30 -54.35 20.47
CA GLY C 21 7.20 -53.89 19.65
C GLY C 21 7.19 -52.38 19.71
N ALA C 22 6.48 -51.75 18.77
CA ALA C 22 6.41 -50.31 18.71
C ALA C 22 5.23 -49.74 19.47
N ILE C 23 5.51 -48.92 20.47
CA ILE C 23 4.48 -48.27 21.28
C ILE C 23 4.68 -46.76 21.14
N LEU C 24 3.77 -46.11 20.44
CA LEU C 24 3.84 -44.67 20.23
C LEU C 24 3.50 -43.90 21.52
N VAL C 25 4.19 -42.80 21.79
CA VAL C 25 3.90 -42.02 22.99
C VAL C 25 3.60 -40.55 22.69
N ASP C 26 2.37 -40.16 23.04
CA ASP C 26 1.85 -38.82 22.85
C ASP C 26 1.95 -38.01 24.16
N PHE C 27 3.04 -37.26 24.31
CA PHE C 27 3.23 -36.45 25.49
C PHE C 27 2.30 -35.25 25.39
N TRP C 28 1.39 -35.10 26.35
CA TRP C 28 0.45 -33.99 26.34
C TRP C 28 0.31 -33.32 27.69
N ALA C 29 -0.58 -32.33 27.75
CA ALA C 29 -0.81 -31.58 28.99
C ALA C 29 -2.13 -30.83 28.88
N GLU C 30 -2.97 -30.99 29.90
CA GLU C 30 -4.27 -30.35 29.93
C GLU C 30 -4.29 -28.86 29.56
N TRP C 31 -3.14 -28.19 29.66
CA TRP C 31 -3.07 -26.77 29.34
C TRP C 31 -2.66 -26.48 27.90
N CYS C 32 -2.16 -27.48 27.20
CA CYS C 32 -1.74 -27.27 25.83
C CYS C 32 -2.76 -27.83 24.86
N GLY C 33 -3.49 -26.93 24.20
CA GLY C 33 -4.51 -27.33 23.24
C GLY C 33 -4.09 -28.41 22.25
N PRO C 34 -3.24 -28.08 21.29
CA PRO C 34 -2.79 -29.06 20.29
C PRO C 34 -2.33 -30.39 20.87
N SER C 35 -2.05 -30.43 22.17
CA SER C 35 -1.61 -31.65 22.81
C SER C 35 -2.74 -32.68 22.77
N LYS C 36 -3.85 -32.30 23.39
CA LYS C 36 -5.04 -33.14 23.47
C LYS C 36 -5.77 -33.24 22.13
N MET C 37 -5.29 -32.50 21.15
CA MET C 37 -5.93 -32.52 19.83
C MET C 37 -5.47 -33.76 19.08
N ILE C 38 -4.37 -34.36 19.52
CA ILE C 38 -3.82 -35.55 18.87
C ILE C 38 -4.44 -36.82 19.40
N ALA C 39 -5.00 -36.76 20.61
CA ALA C 39 -5.63 -37.93 21.22
C ALA C 39 -6.65 -38.56 20.30
N PRO C 40 -7.53 -37.75 19.69
CA PRO C 40 -8.53 -38.31 18.77
C PRO C 40 -7.88 -39.00 17.58
N ILE C 41 -6.83 -38.39 17.04
CA ILE C 41 -6.15 -38.98 15.90
C ILE C 41 -5.56 -40.32 16.29
N LEU C 42 -5.02 -40.41 17.50
CA LEU C 42 -4.44 -41.65 17.98
C LEU C 42 -5.48 -42.76 18.02
N ASP C 43 -6.73 -42.40 18.32
CA ASP C 43 -7.82 -43.37 18.39
C ASP C 43 -8.23 -43.82 16.99
N GLU C 44 -8.30 -42.89 16.05
CA GLU C 44 -8.65 -43.23 14.68
C GLU C 44 -7.51 -44.09 14.12
N ILE C 45 -6.36 -44.03 14.79
CA ILE C 45 -5.16 -44.77 14.42
C ILE C 45 -5.09 -46.12 15.12
N ALA C 46 -5.53 -46.15 16.37
CA ALA C 46 -5.51 -47.36 17.19
C ALA C 46 -5.85 -48.65 16.45
N ASP C 47 -6.98 -48.67 15.75
CA ASP C 47 -7.42 -49.84 15.00
C ASP C 47 -6.55 -50.19 13.80
N GLU C 48 -6.41 -49.24 12.87
CA GLU C 48 -5.62 -49.44 11.64
C GLU C 48 -4.18 -49.89 11.90
N TYR C 49 -3.66 -49.62 13.10
CA TYR C 49 -2.30 -49.99 13.43
C TYR C 49 -2.21 -51.01 14.55
N GLN C 50 -3.35 -51.61 14.89
CA GLN C 50 -3.42 -52.62 15.94
C GLN C 50 -2.78 -53.91 15.46
N GLY C 51 -1.53 -54.12 15.86
CA GLY C 51 -0.80 -55.30 15.45
C GLY C 51 0.62 -54.90 15.11
N LYS C 52 0.80 -53.60 14.83
CA LYS C 52 2.12 -53.06 14.51
C LYS C 52 2.45 -51.95 15.50
N LEU C 53 1.42 -51.42 16.16
CA LEU C 53 1.60 -50.33 17.11
C LEU C 53 0.60 -50.33 18.27
N THR C 54 0.99 -49.70 19.37
CA THR C 54 0.13 -49.56 20.56
C THR C 54 0.21 -48.12 21.06
N VAL C 55 -0.80 -47.32 20.71
CA VAL C 55 -0.84 -45.90 21.10
C VAL C 55 -0.91 -45.73 22.62
N ALA C 56 0.04 -44.99 23.18
CA ALA C 56 0.09 -44.75 24.63
C ALA C 56 0.32 -43.28 25.01
N LYS C 57 -0.72 -42.65 25.58
CA LYS C 57 -0.67 -41.25 26.02
C LYS C 57 0.06 -41.09 27.36
N LEU C 58 0.58 -39.90 27.62
CA LEU C 58 1.31 -39.62 28.87
C LEU C 58 1.08 -38.18 29.30
N ASN C 59 0.46 -38.01 30.47
CA ASN C 59 0.17 -36.67 30.97
C ASN C 59 1.27 -36.13 31.90
N ILE C 60 2.15 -35.29 31.37
CA ILE C 60 3.24 -34.72 32.15
C ILE C 60 2.69 -33.71 33.16
N ASP C 61 1.40 -33.37 33.02
CA ASP C 61 0.76 -32.42 33.91
C ASP C 61 0.81 -33.03 35.30
N GLN C 62 0.88 -34.35 35.35
CA GLN C 62 0.93 -35.08 36.61
C GLN C 62 1.94 -36.23 36.54
N ASN C 63 2.85 -36.12 35.58
CA ASN C 63 3.90 -37.12 35.35
C ASN C 63 5.12 -36.39 34.78
N PRO C 64 5.92 -35.77 35.66
CA PRO C 64 7.13 -35.03 35.30
C PRO C 64 8.33 -35.86 34.86
N GLY C 65 8.74 -36.80 35.73
CA GLY C 65 9.90 -37.62 35.43
C GLY C 65 10.21 -37.92 33.98
N THR C 66 9.28 -38.60 33.31
CA THR C 66 9.43 -39.00 31.92
C THR C 66 9.99 -37.99 30.92
N ALA C 67 9.19 -36.97 30.63
CA ALA C 67 9.57 -35.93 29.67
C ALA C 67 11.04 -35.49 29.66
N PRO C 68 11.52 -34.93 30.78
CA PRO C 68 12.90 -34.46 30.90
C PRO C 68 13.91 -35.47 30.38
N LYS C 69 13.73 -36.72 30.83
CA LYS C 69 14.59 -37.84 30.49
C LYS C 69 14.95 -37.91 29.01
N TYR C 70 14.05 -37.47 28.16
CA TYR C 70 14.29 -37.50 26.72
C TYR C 70 14.49 -36.11 26.13
N GLY C 71 14.65 -35.11 27.00
CA GLY C 71 14.86 -33.76 26.52
C GLY C 71 13.69 -33.19 25.75
N ILE C 72 12.48 -33.46 26.23
CA ILE C 72 11.28 -32.97 25.58
C ILE C 72 10.81 -31.66 26.20
N ARG C 73 11.19 -30.54 25.58
CA ARG C 73 10.79 -29.23 26.07
C ARG C 73 9.82 -28.61 25.08
N GLY C 74 8.80 -29.39 24.74
CA GLY C 74 7.79 -28.95 23.80
C GLY C 74 6.66 -29.97 23.76
N ILE C 75 5.43 -29.51 23.56
CA ILE C 75 4.29 -30.39 23.49
C ILE C 75 3.24 -29.86 22.53
N PRO C 76 2.57 -30.77 21.81
CA PRO C 76 2.78 -32.21 21.89
C PRO C 76 3.99 -32.76 21.13
N THR C 77 4.61 -33.80 21.69
CA THR C 77 5.73 -34.48 21.08
C THR C 77 5.43 -35.98 21.10
N LEU C 78 5.56 -36.61 19.94
CA LEU C 78 5.29 -38.04 19.82
C LEU C 78 6.58 -38.84 19.72
N LEU C 79 6.67 -39.90 20.53
CA LEU C 79 7.85 -40.76 20.52
C LEU C 79 7.45 -42.16 20.08
N LEU C 80 8.02 -42.62 18.98
CA LEU C 80 7.72 -43.96 18.49
C LEU C 80 8.84 -44.84 18.99
N PHE C 81 8.51 -45.68 19.95
CA PHE C 81 9.48 -46.58 20.54
C PHE C 81 9.51 -47.95 19.85
N LYS C 82 10.66 -48.61 19.93
CA LYS C 82 10.90 -49.93 19.36
C LYS C 82 11.81 -50.70 20.30
N ASN C 83 11.21 -51.53 21.16
CA ASN C 83 11.97 -52.31 22.14
C ASN C 83 12.57 -51.36 23.17
N GLY C 84 11.74 -50.49 23.74
CA GLY C 84 12.22 -49.51 24.70
C GLY C 84 13.39 -48.73 24.12
N GLU C 85 13.12 -48.02 23.03
CA GLU C 85 14.15 -47.26 22.34
C GLU C 85 13.49 -46.23 21.43
N VAL C 86 13.78 -44.95 21.63
CA VAL C 86 13.20 -43.92 20.77
C VAL C 86 13.75 -44.11 19.36
N ALA C 87 12.85 -44.43 18.43
CA ALA C 87 13.24 -44.66 17.05
C ALA C 87 12.86 -43.48 16.17
N ALA C 88 11.87 -42.72 16.59
CA ALA C 88 11.42 -41.57 15.83
C ALA C 88 10.50 -40.70 16.67
N THR C 89 10.52 -39.39 16.42
CA THR C 89 9.67 -38.46 17.15
C THR C 89 9.12 -37.36 16.24
N LYS C 90 7.88 -36.96 16.48
CA LYS C 90 7.23 -35.92 15.70
C LYS C 90 6.76 -34.83 16.66
N VAL C 91 7.04 -33.57 16.34
CA VAL C 91 6.66 -32.47 17.20
C VAL C 91 5.54 -31.57 16.66
N GLY C 92 4.73 -31.08 17.59
CA GLY C 92 3.64 -30.20 17.23
C GLY C 92 2.42 -30.96 16.77
N ALA C 93 1.36 -30.22 16.46
CA ALA C 93 0.13 -30.83 15.97
C ALA C 93 0.32 -31.29 14.54
N LEU C 94 -0.65 -32.06 14.03
CA LEU C 94 -0.60 -32.58 12.66
C LEU C 94 -1.91 -33.26 12.30
N SER C 95 -2.07 -33.59 11.02
CA SER C 95 -3.29 -34.25 10.55
C SER C 95 -3.17 -35.77 10.56
N LYS C 96 -4.31 -36.45 10.55
CA LYS C 96 -4.32 -37.91 10.55
C LYS C 96 -3.40 -38.44 9.45
N GLY C 97 -3.39 -37.72 8.33
CA GLY C 97 -2.57 -38.12 7.21
C GLY C 97 -1.08 -37.90 7.44
N GLN C 98 -0.72 -36.84 8.16
CA GLN C 98 0.68 -36.56 8.42
C GLN C 98 1.22 -37.53 9.46
N LEU C 99 0.33 -38.02 10.30
CA LEU C 99 0.68 -38.97 11.33
C LEU C 99 0.82 -40.36 10.71
N LYS C 100 -0.06 -40.70 9.77
CA LYS C 100 0.00 -41.99 9.10
C LYS C 100 1.22 -42.02 8.19
N GLU C 101 1.63 -40.83 7.76
CA GLU C 101 2.79 -40.67 6.90
C GLU C 101 4.01 -40.93 7.77
N PHE C 102 3.91 -40.52 9.01
CA PHE C 102 4.98 -40.66 9.99
C PHE C 102 5.16 -42.13 10.43
N LEU C 103 4.05 -42.77 10.74
CA LEU C 103 4.07 -44.16 11.18
C LEU C 103 4.48 -45.08 10.03
N ASP C 104 3.95 -44.84 8.85
CA ASP C 104 4.26 -45.64 7.67
C ASP C 104 5.71 -45.46 7.27
N ALA C 105 6.27 -44.31 7.62
CA ALA C 105 7.66 -44.02 7.29
C ALA C 105 8.63 -44.85 8.14
N ASN C 106 8.33 -44.98 9.43
CA ASN C 106 9.18 -45.72 10.35
C ASN C 106 8.65 -47.12 10.65
N LEU C 107 7.58 -47.16 11.43
CA LEU C 107 6.92 -48.40 11.86
C LEU C 107 6.85 -49.57 10.87
N ALA C 108 7.02 -49.32 9.58
CA ALA C 108 6.95 -50.39 8.57
C ALA C 108 8.27 -51.12 8.35
N SER D 1 -32.10 14.20 41.11
CA SER D 1 -32.13 13.08 42.09
C SER D 1 -32.68 13.53 43.45
N ASP D 2 -32.97 14.83 43.58
CA ASP D 2 -33.50 15.37 44.83
C ASP D 2 -34.70 16.29 44.62
N LYS D 3 -34.99 16.60 43.35
CA LYS D 3 -36.13 17.45 43.00
C LYS D 3 -37.17 16.60 42.31
N ILE D 4 -36.72 15.74 41.40
CA ILE D 4 -37.60 14.86 40.64
C ILE D 4 -38.44 14.03 41.62
N ILE D 5 -39.72 14.35 41.71
CA ILE D 5 -40.64 13.66 42.61
C ILE D 5 -40.94 12.21 42.20
N HIS D 6 -40.33 11.25 42.88
CA HIS D 6 -40.59 9.86 42.56
C HIS D 6 -41.95 9.46 43.10
N LEU D 7 -42.98 9.85 42.34
CA LEU D 7 -44.38 9.58 42.66
C LEU D 7 -44.71 8.12 42.92
N THR D 8 -45.97 7.88 43.25
CA THR D 8 -46.52 6.54 43.50
C THR D 8 -48.00 6.57 43.10
N ASP D 9 -48.46 5.54 42.41
CA ASP D 9 -49.84 5.44 41.94
C ASP D 9 -50.85 6.12 42.88
N ASP D 10 -50.87 5.68 44.14
CA ASP D 10 -51.79 6.25 45.13
C ASP D 10 -51.59 7.76 45.22
N SER D 11 -50.44 8.15 45.77
CA SER D 11 -50.11 9.56 45.93
C SER D 11 -49.83 10.22 44.60
N PHE D 12 -50.85 10.36 43.77
CA PHE D 12 -50.69 10.99 42.47
C PHE D 12 -51.52 12.26 42.41
N ASP D 13 -52.83 12.09 42.33
CA ASP D 13 -53.72 13.25 42.26
C ASP D 13 -53.39 14.16 43.45
N THR D 14 -53.03 13.55 44.57
CA THR D 14 -52.67 14.30 45.76
C THR D 14 -51.34 15.03 45.59
N ASP D 15 -50.70 14.83 44.45
CA ASP D 15 -49.43 15.49 44.16
C ASP D 15 -49.50 16.33 42.91
N VAL D 16 -49.64 15.66 41.77
CA VAL D 16 -49.70 16.32 40.47
C VAL D 16 -50.99 17.04 40.10
N LEU D 17 -52.13 16.41 40.37
CA LEU D 17 -53.41 17.00 40.02
C LEU D 17 -53.88 18.09 40.97
N LYS D 18 -53.53 18.00 42.25
CA LYS D 18 -53.94 19.03 43.20
C LYS D 18 -52.92 20.16 43.37
N ALA D 19 -51.69 19.80 43.73
CA ALA D 19 -50.65 20.82 43.91
C ALA D 19 -50.59 21.77 42.73
N ASP D 20 -50.81 23.05 43.00
CA ASP D 20 -50.79 24.08 41.96
C ASP D 20 -49.44 24.16 41.26
N GLY D 21 -49.45 24.70 40.04
CA GLY D 21 -48.23 24.83 39.28
C GLY D 21 -48.11 23.81 38.16
N ALA D 22 -47.31 24.15 37.16
CA ALA D 22 -47.09 23.26 36.01
C ALA D 22 -46.11 22.16 36.38
N ILE D 23 -46.62 20.94 36.57
CA ILE D 23 -45.79 19.80 36.93
C ILE D 23 -45.76 18.76 35.81
N LEU D 24 -44.54 18.44 35.36
CA LEU D 24 -44.30 17.47 34.29
C LEU D 24 -44.26 16.06 34.86
N VAL D 25 -45.02 15.14 34.24
CA VAL D 25 -45.06 13.76 34.71
C VAL D 25 -44.41 12.79 33.73
N ASP D 26 -43.44 12.04 34.22
CA ASP D 26 -42.70 11.08 33.41
C ASP D 26 -43.03 9.63 33.70
N PHE D 27 -43.85 9.03 32.83
CA PHE D 27 -44.22 7.63 33.00
C PHE D 27 -43.11 6.76 32.40
N TRP D 28 -42.48 5.95 33.24
CA TRP D 28 -41.40 5.12 32.75
C TRP D 28 -41.38 3.71 33.36
N ALA D 29 -40.40 2.92 32.94
CA ALA D 29 -40.28 1.55 33.42
C ALA D 29 -38.88 1.01 33.19
N GLU D 30 -38.37 0.28 34.17
CA GLU D 30 -37.02 -0.31 34.11
C GLU D 30 -36.81 -1.29 32.96
N TRP D 31 -37.86 -1.58 32.20
CA TRP D 31 -37.74 -2.51 31.09
C TRP D 31 -37.68 -1.75 29.77
N CYS D 32 -38.09 -0.49 29.82
CA CYS D 32 -38.09 0.36 28.65
C CYS D 32 -36.88 1.29 28.68
N GLY D 33 -35.86 0.93 27.90
CA GLY D 33 -34.65 1.73 27.85
C GLY D 33 -34.97 3.21 27.68
N PRO D 34 -35.54 3.60 26.54
CA PRO D 34 -35.88 4.99 26.28
C PRO D 34 -36.50 5.69 27.47
N SER D 35 -37.19 4.93 28.33
CA SER D 35 -37.82 5.49 29.52
C SER D 35 -36.78 5.97 30.52
N LYS D 36 -35.82 5.10 30.82
CA LYS D 36 -34.77 5.39 31.77
C LYS D 36 -33.65 6.24 31.17
N MET D 37 -33.72 6.48 29.88
CA MET D 37 -32.70 7.27 29.20
C MET D 37 -33.07 8.75 29.29
N ILE D 38 -34.25 9.02 29.82
CA ILE D 38 -34.73 10.38 29.98
C ILE D 38 -34.31 10.90 31.35
N ALA D 39 -34.28 10.00 32.34
CA ALA D 39 -33.92 10.36 33.71
C ALA D 39 -32.86 11.45 33.81
N PRO D 40 -31.74 11.29 33.08
CA PRO D 40 -30.66 12.30 33.12
C PRO D 40 -31.16 13.69 32.74
N ILE D 41 -31.71 13.80 31.53
CA ILE D 41 -32.22 15.07 31.02
C ILE D 41 -33.25 15.73 31.95
N LEU D 42 -34.04 14.92 32.65
CA LEU D 42 -35.04 15.48 33.55
C LEU D 42 -34.37 16.20 34.71
N ASP D 43 -33.19 15.74 35.11
CA ASP D 43 -32.46 16.37 36.20
C ASP D 43 -32.03 17.75 35.75
N GLU D 44 -31.33 17.80 34.62
CA GLU D 44 -30.85 19.05 34.05
C GLU D 44 -32.01 19.89 33.53
N ILE D 45 -33.22 19.57 34.01
CA ILE D 45 -34.42 20.30 33.62
C ILE D 45 -35.09 20.81 34.89
N ALA D 46 -35.00 19.99 35.94
CA ALA D 46 -35.57 20.36 37.23
C ALA D 46 -34.79 21.58 37.72
N ASP D 47 -33.52 21.62 37.36
CA ASP D 47 -32.64 22.72 37.74
C ASP D 47 -32.72 23.83 36.70
N GLU D 48 -32.57 23.49 35.42
CA GLU D 48 -32.62 24.47 34.35
C GLU D 48 -34.01 25.05 34.08
N TYR D 49 -35.01 24.56 34.79
CA TYR D 49 -36.38 25.04 34.62
C TYR D 49 -37.10 25.15 35.95
N GLN D 50 -36.34 25.11 37.04
CA GLN D 50 -36.89 25.20 38.38
C GLN D 50 -37.80 26.41 38.56
N GLY D 51 -38.61 26.38 39.61
CA GLY D 51 -39.50 27.50 39.89
C GLY D 51 -40.56 27.72 38.84
N LYS D 52 -40.28 27.35 37.60
CA LYS D 52 -41.23 27.53 36.52
C LYS D 52 -41.73 26.17 36.01
N LEU D 53 -41.42 25.11 36.75
CA LEU D 53 -41.82 23.74 36.38
C LEU D 53 -41.39 22.71 37.42
N THR D 54 -42.21 21.68 37.61
CA THR D 54 -41.91 20.61 38.56
C THR D 54 -41.83 19.28 37.81
N VAL D 55 -40.86 18.45 38.17
CA VAL D 55 -40.69 17.17 37.51
C VAL D 55 -41.05 16.00 38.44
N ALA D 56 -41.89 15.10 37.93
CA ALA D 56 -42.34 13.93 38.69
C ALA D 56 -42.26 12.63 37.87
N LYS D 57 -41.50 11.67 38.36
CA LYS D 57 -41.32 10.37 37.70
C LYS D 57 -42.26 9.30 38.26
N LEU D 58 -43.30 8.95 37.49
CA LEU D 58 -44.25 7.93 37.91
C LEU D 58 -43.93 6.56 37.32
N ASN D 59 -42.96 5.87 37.91
CA ASN D 59 -42.59 4.54 37.44
C ASN D 59 -43.85 3.68 37.43
N ILE D 60 -43.91 2.71 36.51
CA ILE D 60 -45.08 1.85 36.43
C ILE D 60 -44.77 0.38 36.62
N ASP D 61 -43.49 0.04 36.83
CA ASP D 61 -43.12 -1.36 37.06
C ASP D 61 -44.08 -1.88 38.11
N GLN D 62 -44.27 -1.07 39.14
CA GLN D 62 -45.14 -1.40 40.25
C GLN D 62 -46.10 -0.25 40.57
N ASN D 63 -46.65 0.34 39.51
CA ASN D 63 -47.60 1.44 39.62
C ASN D 63 -48.33 1.54 38.28
N PRO D 64 -49.22 0.58 38.00
CA PRO D 64 -50.00 0.54 36.77
C PRO D 64 -51.33 1.29 36.81
N GLY D 65 -51.87 1.49 38.00
CA GLY D 65 -53.15 2.15 38.12
C GLY D 65 -53.32 3.51 37.48
N THR D 66 -52.23 4.22 37.25
CA THR D 66 -52.34 5.57 36.69
C THR D 66 -52.28 5.69 35.17
N ALA D 67 -51.34 4.99 34.54
CA ALA D 67 -51.18 5.06 33.09
C ALA D 67 -52.49 4.98 32.31
N PRO D 68 -53.31 3.94 32.57
CA PRO D 68 -54.58 3.75 31.88
C PRO D 68 -55.40 5.04 31.82
N LYS D 69 -55.62 5.58 33.01
CA LYS D 69 -56.38 6.80 33.23
C LYS D 69 -56.33 7.84 32.12
N TYR D 70 -55.16 7.99 31.49
CA TYR D 70 -55.00 8.99 30.44
C TYR D 70 -54.83 8.44 29.03
N GLY D 71 -54.89 7.12 28.90
CA GLY D 71 -54.76 6.52 27.59
C GLY D 71 -53.31 6.43 27.15
N ILE D 72 -52.44 6.03 28.09
CA ILE D 72 -51.04 5.89 27.78
C ILE D 72 -50.74 4.42 27.48
N ARG D 73 -50.69 4.09 26.18
CA ARG D 73 -50.39 2.74 25.73
C ARG D 73 -49.00 2.77 25.12
N GLY D 74 -48.06 3.37 25.84
CA GLY D 74 -46.70 3.46 25.34
C GLY D 74 -45.83 4.38 26.18
N ILE D 75 -44.61 3.93 26.45
CA ILE D 75 -43.68 4.72 27.24
C ILE D 75 -42.36 4.82 26.50
N PRO D 76 -41.56 5.85 26.81
CA PRO D 76 -41.94 6.84 27.82
C PRO D 76 -42.91 7.85 27.24
N THR D 77 -43.77 8.37 28.10
CA THR D 77 -44.75 9.38 27.70
C THR D 77 -44.76 10.45 28.78
N LEU D 78 -44.54 11.70 28.36
CA LEU D 78 -44.51 12.82 29.30
C LEU D 78 -45.79 13.64 29.24
N LEU D 79 -46.44 13.80 30.39
CA LEU D 79 -47.67 14.57 30.50
C LEU D 79 -47.40 15.87 31.27
N LEU D 80 -47.66 17.00 30.62
CA LEU D 80 -47.46 18.30 31.23
C LEU D 80 -48.74 18.77 31.91
N PHE D 81 -48.87 18.41 33.18
CA PHE D 81 -50.05 18.77 33.97
C PHE D 81 -50.12 20.24 34.37
N LYS D 82 -51.27 20.62 34.93
CA LYS D 82 -51.57 21.97 35.41
C LYS D 82 -52.81 21.84 36.29
N ASN D 83 -52.67 21.04 37.35
CA ASN D 83 -53.75 20.77 38.30
C ASN D 83 -54.81 19.86 37.69
N GLY D 84 -54.50 18.57 37.60
CA GLY D 84 -55.42 17.61 37.02
C GLY D 84 -55.89 18.03 35.65
N GLU D 85 -54.95 18.54 34.85
CA GLU D 85 -55.24 19.02 33.50
C GLU D 85 -54.03 18.82 32.57
N VAL D 86 -54.17 17.96 31.57
CA VAL D 86 -53.08 17.73 30.65
C VAL D 86 -52.99 18.91 29.70
N ALA D 87 -51.88 19.63 29.77
CA ALA D 87 -51.66 20.79 28.91
C ALA D 87 -50.98 20.34 27.61
N ALA D 88 -50.14 19.32 27.73
CA ALA D 88 -49.42 18.75 26.60
C ALA D 88 -48.95 17.35 26.97
N THR D 89 -48.33 16.67 26.00
CA THR D 89 -47.83 15.31 26.20
C THR D 89 -46.75 15.02 25.17
N LYS D 90 -45.68 14.33 25.59
CA LYS D 90 -44.59 14.00 24.69
C LYS D 90 -44.23 12.51 24.72
N VAL D 91 -44.65 11.80 23.69
CA VAL D 91 -44.40 10.38 23.59
C VAL D 91 -43.12 10.08 22.84
N GLY D 92 -42.25 9.31 23.46
CA GLY D 92 -41.01 8.93 22.81
C GLY D 92 -39.78 9.50 23.46
N ALA D 93 -38.63 8.95 23.08
CA ALA D 93 -37.36 9.40 23.61
C ALA D 93 -37.03 10.72 22.94
N LEU D 94 -35.92 11.33 23.33
CA LEU D 94 -35.50 12.61 22.77
C LEU D 94 -34.24 13.10 23.48
N SER D 95 -33.52 14.01 22.83
CA SER D 95 -32.30 14.56 23.41
C SER D 95 -32.66 15.73 24.34
N LYS D 96 -31.67 16.33 24.97
CA LYS D 96 -31.92 17.44 25.89
C LYS D 96 -32.57 18.60 25.15
N GLY D 97 -32.00 18.97 24.00
CA GLY D 97 -32.55 20.06 23.22
C GLY D 97 -33.98 19.75 22.84
N GLN D 98 -34.23 18.50 22.49
CA GLN D 98 -35.55 18.03 22.13
C GLN D 98 -36.55 18.39 23.21
N LEU D 99 -36.29 17.88 24.41
CA LEU D 99 -37.16 18.10 25.57
C LEU D 99 -37.37 19.57 25.85
N LYS D 100 -36.30 20.34 25.77
CA LYS D 100 -36.37 21.77 26.02
C LYS D 100 -37.21 22.46 24.95
N GLU D 101 -37.03 22.06 23.70
CA GLU D 101 -37.80 22.66 22.60
C GLU D 101 -39.30 22.45 22.79
N PHE D 102 -39.65 21.46 23.60
CA PHE D 102 -41.05 21.15 23.88
C PHE D 102 -41.48 21.96 25.10
N LEU D 103 -40.61 22.00 26.10
CA LEU D 103 -40.90 22.73 27.31
C LEU D 103 -41.04 24.22 27.02
N ASP D 104 -40.21 24.73 26.12
CA ASP D 104 -40.29 26.15 25.77
C ASP D 104 -41.51 26.44 24.93
N ALA D 105 -41.64 25.72 23.81
CA ALA D 105 -42.78 25.90 22.91
C ALA D 105 -44.10 25.92 23.70
N ASN D 106 -44.09 25.26 24.86
CA ASN D 106 -45.26 25.18 25.73
C ASN D 106 -45.25 26.21 26.84
N LEU D 107 -44.53 25.91 27.92
CA LEU D 107 -44.44 26.80 29.07
C LEU D 107 -44.43 28.28 28.71
N ALA D 108 -44.88 29.10 29.66
CA ALA D 108 -44.93 30.54 29.47
C ALA D 108 -44.59 31.22 30.81
N GLY E 1 14.46 -23.08 -38.10
CA GLY E 1 15.80 -23.69 -38.32
C GLY E 1 16.89 -22.71 -37.94
N THR E 2 16.62 -21.43 -38.16
CA THR E 2 17.58 -20.40 -37.82
C THR E 2 17.08 -19.59 -36.63
N THR E 3 17.16 -20.21 -35.46
CA THR E 3 16.74 -19.57 -34.21
C THR E 3 17.88 -18.64 -33.80
N LYS E 4 17.57 -17.35 -33.67
CA LYS E 4 18.60 -16.38 -33.31
C LYS E 4 18.90 -16.43 -31.82
N HIS E 5 20.14 -16.77 -31.50
CA HIS E 5 20.57 -16.84 -30.12
C HIS E 5 21.46 -15.68 -29.75
N SER E 6 21.42 -15.31 -28.46
CA SER E 6 22.22 -14.21 -27.96
C SER E 6 22.38 -14.33 -26.45
N LYS E 7 23.50 -13.84 -25.93
CA LYS E 7 23.72 -13.89 -24.50
C LYS E 7 22.56 -13.21 -23.78
N LEU E 8 22.26 -11.99 -24.22
CA LEU E 8 21.18 -11.22 -23.63
C LEU E 8 20.19 -10.74 -24.70
N LEU E 9 18.93 -10.65 -24.31
CA LEU E 9 17.88 -10.18 -25.21
C LEU E 9 17.02 -9.22 -24.42
N ILE E 10 16.71 -8.07 -25.01
CA ILE E 10 15.89 -7.07 -24.35
C ILE E 10 14.56 -6.95 -25.09
N LEU E 11 13.47 -6.91 -24.31
CA LEU E 11 12.13 -6.80 -24.85
C LEU E 11 11.56 -5.40 -24.62
N GLY E 12 11.36 -4.67 -25.71
CA GLY E 12 10.81 -3.33 -25.60
C GLY E 12 11.69 -2.26 -26.21
N SER E 13 11.07 -1.28 -26.87
CA SER E 13 11.82 -0.19 -27.50
C SER E 13 11.40 1.15 -26.90
N GLY E 14 11.29 1.15 -25.57
CA GLY E 14 10.93 2.35 -24.84
C GLY E 14 12.13 2.88 -24.10
N PRO E 15 11.96 3.93 -23.29
CA PRO E 15 13.11 4.47 -22.56
C PRO E 15 13.83 3.42 -21.71
N ALA E 16 13.06 2.56 -21.06
CA ALA E 16 13.67 1.54 -20.22
C ALA E 16 14.57 0.62 -21.04
N GLY E 17 14.01 0.07 -22.11
CA GLY E 17 14.74 -0.88 -22.93
C GLY E 17 15.95 -0.33 -23.62
N TYR E 18 15.79 0.83 -24.24
CA TYR E 18 16.90 1.44 -24.94
C TYR E 18 18.05 1.75 -24.01
N THR E 19 17.77 2.14 -22.77
CA THR E 19 18.84 2.45 -21.83
C THR E 19 19.54 1.13 -21.49
N ALA E 20 18.77 0.09 -21.25
CA ALA E 20 19.35 -1.22 -20.97
C ALA E 20 20.15 -1.62 -22.21
N ALA E 21 19.63 -1.30 -23.39
CA ALA E 21 20.33 -1.62 -24.61
C ALA E 21 21.72 -1.03 -24.59
N VAL E 22 21.83 0.30 -24.44
CA VAL E 22 23.16 0.93 -24.46
C VAL E 22 24.11 0.53 -23.33
N TYR E 23 23.62 0.39 -22.11
CA TYR E 23 24.50 0.00 -21.04
C TYR E 23 24.99 -1.43 -21.26
N ALA E 24 24.11 -2.30 -21.71
CA ALA E 24 24.48 -3.69 -21.97
C ALA E 24 25.39 -3.77 -23.17
N ALA E 25 25.16 -2.91 -24.16
CA ALA E 25 26.00 -2.92 -25.35
C ALA E 25 27.44 -2.52 -25.02
N ARG E 26 27.61 -1.68 -24.00
CA ARG E 26 28.96 -1.25 -23.61
C ARG E 26 29.65 -2.31 -22.78
N ALA E 27 28.87 -3.20 -22.17
CA ALA E 27 29.44 -4.27 -21.36
C ALA E 27 29.82 -5.37 -22.35
N ASN E 28 29.69 -5.04 -23.62
CA ASN E 28 29.97 -5.97 -24.72
C ASN E 28 29.24 -7.29 -24.52
N LEU E 29 27.91 -7.17 -24.42
CA LEU E 29 27.02 -8.31 -24.28
C LEU E 29 26.32 -8.57 -25.60
N GLN E 30 26.70 -7.80 -26.62
CA GLN E 30 26.14 -7.92 -27.97
C GLN E 30 24.62 -8.07 -27.85
N PRO E 31 23.96 -7.11 -27.20
CA PRO E 31 22.51 -7.14 -27.01
C PRO E 31 21.62 -7.21 -28.25
N VAL E 32 20.52 -7.94 -28.12
CA VAL E 32 19.53 -8.05 -29.18
C VAL E 32 18.25 -7.46 -28.59
N LEU E 33 17.70 -6.46 -29.28
CA LEU E 33 16.48 -5.80 -28.80
C LEU E 33 15.33 -5.86 -29.80
N ILE E 34 14.18 -6.23 -29.28
CA ILE E 34 12.97 -6.33 -30.07
C ILE E 34 12.11 -5.12 -29.73
N THR E 35 11.78 -4.36 -30.77
CA THR E 35 11.01 -3.13 -30.61
C THR E 35 9.59 -3.31 -30.12
N GLY E 36 8.81 -4.13 -30.81
CA GLY E 36 7.43 -4.33 -30.44
C GLY E 36 6.62 -3.50 -31.42
N MET E 37 5.30 -3.52 -31.32
CA MET E 37 4.51 -2.75 -32.26
C MET E 37 4.63 -1.25 -32.00
N GLU E 38 4.70 -0.87 -30.72
CA GLU E 38 4.84 0.54 -30.36
C GLU E 38 6.34 0.92 -30.24
N LYS E 39 7.04 0.94 -31.37
CA LYS E 39 8.46 1.27 -31.39
C LYS E 39 8.71 2.68 -30.88
N GLY E 40 9.46 2.80 -29.77
CA GLY E 40 9.72 4.10 -29.19
C GLY E 40 9.00 4.24 -27.86
N GLY E 41 7.99 3.41 -27.65
CA GLY E 41 7.24 3.44 -26.41
C GLY E 41 6.13 4.45 -26.32
N GLN E 42 5.57 4.60 -25.13
CA GLN E 42 4.47 5.54 -24.90
C GLN E 42 4.83 6.96 -25.27
N LEU E 43 6.07 7.34 -24.97
CA LEU E 43 6.55 8.69 -25.24
C LEU E 43 6.26 9.11 -26.67
N THR E 44 6.24 8.14 -27.58
CA THR E 44 5.98 8.45 -28.99
C THR E 44 4.54 8.92 -29.24
N THR E 45 3.68 8.77 -28.25
CA THR E 45 2.29 9.17 -28.40
C THR E 45 2.04 10.53 -27.78
N THR E 46 3.12 11.23 -27.43
CA THR E 46 2.99 12.53 -26.82
C THR E 46 3.73 13.58 -27.63
N THR E 47 3.64 14.83 -27.19
CA THR E 47 4.34 15.93 -27.85
C THR E 47 5.45 16.43 -26.91
N GLU E 48 5.30 17.65 -26.40
CA GLU E 48 6.29 18.22 -25.49
C GLU E 48 6.57 17.36 -24.27
N VAL E 49 7.84 17.28 -23.88
CA VAL E 49 8.21 16.53 -22.68
C VAL E 49 9.00 17.54 -21.85
N GLU E 50 8.41 17.98 -20.75
CA GLU E 50 9.02 19.00 -19.92
C GLU E 50 9.82 18.58 -18.68
N ASN E 51 9.97 17.28 -18.45
CA ASN E 51 10.69 16.87 -17.26
C ASN E 51 11.78 15.86 -17.45
N TRP E 52 12.29 15.80 -18.69
CA TRP E 52 13.40 14.94 -19.02
C TRP E 52 14.55 15.83 -18.58
N PRO E 53 15.16 15.54 -17.41
CA PRO E 53 16.26 16.36 -16.92
C PRO E 53 17.34 16.71 -17.95
N GLY E 54 17.62 18.00 -18.08
CA GLY E 54 18.64 18.45 -19.00
C GLY E 54 18.13 18.85 -20.37
N ASP E 55 16.81 18.91 -20.50
CA ASP E 55 16.16 19.31 -21.74
C ASP E 55 15.07 20.31 -21.42
N PRO E 56 15.50 21.48 -20.97
CA PRO E 56 14.61 22.58 -20.58
C PRO E 56 13.57 23.03 -21.58
N ASN E 57 13.84 22.89 -22.88
CA ASN E 57 12.86 23.37 -23.84
C ASN E 57 12.72 22.59 -25.12
N ASP E 58 11.52 22.72 -25.70
CA ASP E 58 11.14 22.12 -26.98
C ASP E 58 11.35 20.64 -27.23
N LEU E 59 11.59 19.85 -26.19
CA LEU E 59 11.80 18.43 -26.37
C LEU E 59 10.44 17.77 -26.53
N THR E 60 10.38 16.75 -27.38
CA THR E 60 9.14 16.01 -27.61
C THR E 60 9.45 14.54 -27.50
N GLY E 61 8.46 13.77 -27.06
CA GLY E 61 8.63 12.33 -26.92
C GLY E 61 9.28 11.72 -28.16
N PRO E 62 8.68 11.94 -29.34
CA PRO E 62 9.23 11.40 -30.58
C PRO E 62 10.73 11.67 -30.68
N LEU E 63 11.11 12.92 -30.46
CA LEU E 63 12.50 13.33 -30.55
C LEU E 63 13.38 12.60 -29.54
N LEU E 64 12.98 12.58 -28.28
CA LEU E 64 13.78 11.93 -27.26
C LEU E 64 13.99 10.47 -27.66
N MET E 65 12.92 9.82 -28.10
CA MET E 65 13.02 8.42 -28.49
C MET E 65 13.75 8.15 -29.81
N GLU E 66 13.70 9.06 -30.77
CA GLU E 66 14.44 8.80 -32.00
C GLU E 66 15.94 8.88 -31.66
N ARG E 67 16.23 9.73 -30.67
CA ARG E 67 17.57 9.97 -30.19
C ARG E 67 18.09 8.73 -29.45
N MET E 68 17.21 8.07 -28.70
CA MET E 68 17.58 6.86 -27.96
C MET E 68 17.79 5.68 -28.91
N HIS E 69 17.03 5.66 -29.99
CA HIS E 69 17.17 4.59 -30.97
C HIS E 69 18.57 4.75 -31.50
N GLU E 70 18.91 5.97 -31.93
CA GLU E 70 20.23 6.26 -32.48
C GLU E 70 21.33 5.88 -31.52
N HIS E 71 21.12 6.22 -30.26
CA HIS E 71 22.08 5.94 -29.22
C HIS E 71 22.34 4.45 -29.10
N ALA E 72 21.27 3.67 -28.97
CA ALA E 72 21.38 2.21 -28.84
C ALA E 72 22.00 1.52 -30.04
N THR E 73 21.76 2.05 -31.24
CA THR E 73 22.32 1.44 -32.44
C THR E 73 23.77 1.87 -32.59
N LYS E 74 24.10 3.05 -32.07
CA LYS E 74 25.48 3.52 -32.16
C LYS E 74 26.43 2.51 -31.54
N PHE E 75 26.02 1.87 -30.45
CA PHE E 75 26.89 0.89 -29.80
C PHE E 75 26.54 -0.52 -30.22
N GLU E 76 26.14 -0.62 -31.48
CA GLU E 76 25.81 -1.87 -32.13
C GLU E 76 24.87 -2.82 -31.39
N THR E 77 23.63 -2.36 -31.22
CA THR E 77 22.59 -3.16 -30.58
C THR E 77 21.84 -3.70 -31.78
N GLU E 78 21.53 -4.99 -31.76
CA GLU E 78 20.80 -5.57 -32.87
C GLU E 78 19.34 -5.29 -32.59
N ILE E 79 18.81 -4.26 -33.24
CA ILE E 79 17.43 -3.90 -33.03
C ILE E 79 16.55 -4.60 -34.06
N ILE E 80 15.61 -5.40 -33.58
CA ILE E 80 14.73 -6.14 -34.46
C ILE E 80 13.29 -5.73 -34.30
N PHE E 81 12.67 -5.31 -35.41
CA PHE E 81 11.27 -4.92 -35.38
C PHE E 81 10.41 -6.17 -35.31
N ASP E 82 9.90 -6.47 -34.12
CA ASP E 82 9.08 -7.65 -33.95
C ASP E 82 8.24 -7.55 -32.70
N HIS E 83 7.38 -8.54 -32.50
CA HIS E 83 6.51 -8.58 -31.34
C HIS E 83 6.44 -10.00 -30.83
N ILE E 84 6.74 -10.18 -29.54
CA ILE E 84 6.73 -11.51 -28.92
C ILE E 84 5.35 -11.96 -28.52
N ASN E 85 4.96 -13.15 -28.97
CA ASN E 85 3.62 -13.69 -28.67
C ASN E 85 3.62 -14.74 -27.57
N LYS E 86 4.75 -15.40 -27.40
CA LYS E 86 4.82 -16.48 -26.43
C LYS E 86 6.23 -16.55 -25.85
N VAL E 87 6.34 -16.97 -24.60
CA VAL E 87 7.64 -17.10 -23.96
C VAL E 87 7.71 -18.31 -23.05
N ASP E 88 8.86 -18.99 -23.09
CA ASP E 88 9.09 -20.15 -22.26
C ASP E 88 10.29 -19.85 -21.36
N LEU E 89 10.02 -19.65 -20.07
CA LEU E 89 11.08 -19.33 -19.13
C LEU E 89 11.42 -20.47 -18.19
N GLN E 90 11.11 -21.69 -18.61
CA GLN E 90 11.38 -22.85 -17.78
C GLN E 90 12.57 -23.61 -18.31
N ASN E 91 12.93 -23.33 -19.56
CA ASN E 91 14.07 -24.00 -20.19
C ASN E 91 15.13 -22.99 -20.57
N ARG E 92 16.37 -23.25 -20.15
CA ARG E 92 17.47 -22.36 -20.50
C ARG E 92 18.20 -23.03 -21.66
N PRO E 93 18.48 -22.28 -22.74
CA PRO E 93 18.17 -20.86 -22.94
C PRO E 93 16.68 -20.57 -23.02
N PHE E 94 16.29 -19.38 -22.57
CA PHE E 94 14.91 -18.97 -22.61
C PHE E 94 14.44 -18.92 -24.06
N ARG E 95 13.21 -19.36 -24.30
CA ARG E 95 12.60 -19.39 -25.64
C ARG E 95 11.56 -18.29 -25.77
N LEU E 96 11.72 -17.44 -26.77
CA LEU E 96 10.75 -16.38 -27.01
C LEU E 96 10.28 -16.46 -28.45
N ASN E 97 8.95 -16.44 -28.62
CA ASN E 97 8.37 -16.53 -29.96
C ASN E 97 7.73 -15.27 -30.51
N GLY E 98 8.24 -14.84 -31.65
CA GLY E 98 7.74 -13.65 -32.33
C GLY E 98 7.37 -13.88 -33.78
N ASP E 99 6.54 -12.97 -34.30
CA ASP E 99 6.06 -13.04 -35.67
C ASP E 99 7.12 -13.19 -36.76
N ASN E 100 8.34 -12.72 -36.51
CA ASN E 100 9.36 -12.84 -37.55
C ASN E 100 10.39 -13.94 -37.30
N GLY E 101 10.23 -14.67 -36.21
CA GLY E 101 11.16 -15.74 -35.91
C GLY E 101 11.18 -16.15 -34.45
N GLU E 102 12.04 -17.12 -34.12
CA GLU E 102 12.16 -17.60 -32.75
C GLU E 102 13.49 -17.16 -32.14
N TYR E 103 13.48 -16.79 -30.87
CA TYR E 103 14.69 -16.31 -30.17
C TYR E 103 14.97 -17.06 -28.87
N THR E 104 16.26 -17.20 -28.55
CA THR E 104 16.69 -17.83 -27.31
C THR E 104 17.78 -16.92 -26.75
N CYS E 105 17.89 -16.88 -25.43
CA CYS E 105 18.88 -16.02 -24.78
C CYS E 105 19.25 -16.55 -23.39
N ASP E 106 20.48 -16.31 -22.95
CA ASP E 106 20.91 -16.78 -21.64
C ASP E 106 20.44 -15.87 -20.50
N ALA E 107 20.02 -14.66 -20.86
CA ALA E 107 19.51 -13.70 -19.89
C ALA E 107 18.48 -12.82 -20.60
N LEU E 108 17.43 -12.45 -19.89
CA LEU E 108 16.36 -11.65 -20.46
C LEU E 108 15.98 -10.39 -19.68
N ILE E 109 15.83 -9.29 -20.39
CA ILE E 109 15.45 -8.04 -19.77
C ILE E 109 14.09 -7.67 -20.36
N ILE E 110 13.08 -7.74 -19.51
CA ILE E 110 11.70 -7.46 -19.91
C ILE E 110 11.35 -6.01 -19.69
N ALA E 111 11.24 -5.26 -20.78
CA ALA E 111 10.92 -3.83 -20.72
C ALA E 111 9.70 -3.57 -21.58
N THR E 112 8.67 -4.37 -21.35
CA THR E 112 7.45 -4.30 -22.13
C THR E 112 6.50 -3.14 -21.84
N GLY E 113 6.80 -2.36 -20.81
CA GLY E 113 5.96 -1.21 -20.50
C GLY E 113 4.51 -1.54 -20.24
N ALA E 114 3.61 -0.72 -20.79
CA ALA E 114 2.17 -0.88 -20.60
C ALA E 114 1.35 -0.34 -21.78
N SER E 115 0.10 -0.79 -21.87
CA SER E 115 -0.79 -0.37 -22.94
C SER E 115 -1.90 0.53 -22.41
N ALA E 116 -2.43 1.38 -23.29
CA ALA E 116 -3.52 2.28 -22.91
C ALA E 116 -4.68 1.45 -22.35
N ARG E 117 -5.28 1.93 -21.28
CA ARG E 117 -6.38 1.24 -20.64
C ARG E 117 -7.73 1.76 -21.12
N TYR E 118 -8.71 0.85 -21.19
CA TYR E 118 -10.07 1.20 -21.61
C TYR E 118 -11.10 0.83 -20.56
N LEU E 119 -12.27 1.46 -20.67
CA LEU E 119 -13.39 1.24 -19.73
C LEU E 119 -14.06 -0.11 -19.88
N GLY E 120 -14.29 -0.51 -21.14
CA GLY E 120 -14.92 -1.79 -21.39
C GLY E 120 -16.33 -1.67 -21.95
N LEU E 121 -16.70 -0.45 -22.34
CA LEU E 121 -18.02 -0.22 -22.91
C LEU E 121 -18.03 -0.67 -24.36
N PRO E 122 -19.08 -1.39 -24.76
CA PRO E 122 -19.11 -1.84 -26.14
C PRO E 122 -19.24 -0.63 -27.07
N SER E 123 -19.96 0.41 -26.64
CA SER E 123 -20.13 1.60 -27.45
C SER E 123 -18.77 2.24 -27.70
N GLU E 124 -17.88 2.03 -26.73
CA GLU E 124 -16.51 2.52 -26.78
C GLU E 124 -15.79 1.79 -27.90
N GLU E 125 -16.01 0.47 -27.94
CA GLU E 125 -15.42 -0.41 -28.94
C GLU E 125 -16.04 -0.18 -30.32
N ALA E 126 -17.37 -0.11 -30.36
CA ALA E 126 -18.12 0.10 -31.60
C ALA E 126 -17.68 1.33 -32.37
N PHE E 127 -17.22 2.34 -31.64
CA PHE E 127 -16.78 3.57 -32.28
C PHE E 127 -15.28 3.82 -32.32
N LYS E 128 -14.48 2.89 -31.78
CA LYS E 128 -13.05 3.06 -31.82
C LYS E 128 -12.64 3.24 -33.27
N GLY E 129 -12.05 4.38 -33.58
CA GLY E 129 -11.64 4.66 -34.95
C GLY E 129 -12.56 5.65 -35.62
N ARG E 130 -13.75 5.86 -35.06
CA ARG E 130 -14.74 6.80 -35.62
C ARG E 130 -15.22 7.83 -34.59
N GLY E 131 -14.44 8.06 -33.54
CA GLY E 131 -14.86 9.02 -32.54
C GLY E 131 -14.23 8.72 -31.21
N VAL E 132 -13.98 7.44 -30.97
CA VAL E 132 -13.32 6.99 -29.75
C VAL E 132 -11.88 6.78 -30.18
N SER E 133 -10.97 7.52 -29.55
CA SER E 133 -9.55 7.44 -29.87
C SER E 133 -8.69 7.39 -28.60
N ALA E 134 -7.47 6.88 -28.71
CA ALA E 134 -6.60 6.80 -27.55
C ALA E 134 -5.48 7.83 -27.59
N SER E 135 -5.07 8.23 -28.80
CA SER E 135 -4.00 9.21 -28.97
C SER E 135 -4.45 10.49 -29.69
N ALA E 136 -4.44 11.59 -28.95
CA ALA E 136 -4.82 12.88 -29.48
C ALA E 136 -3.81 13.38 -30.49
N THR E 137 -2.54 13.25 -30.16
CA THR E 137 -1.46 13.68 -31.05
C THR E 137 -1.64 13.04 -32.43
N CYS E 138 -2.38 11.93 -32.48
CA CYS E 138 -2.61 11.24 -33.75
C CYS E 138 -3.90 11.67 -34.41
N ASP E 139 -4.98 11.72 -33.62
CA ASP E 139 -6.31 12.06 -34.13
C ASP E 139 -6.87 13.44 -33.84
N GLY E 140 -6.20 14.24 -33.01
CA GLY E 140 -6.70 15.57 -32.71
C GLY E 140 -6.94 16.37 -33.98
N PHE E 141 -6.35 15.88 -35.06
CA PHE E 141 -6.46 16.48 -36.39
C PHE E 141 -7.92 16.53 -36.86
N PHE E 142 -8.63 15.43 -36.67
CA PHE E 142 -10.02 15.28 -37.09
C PHE E 142 -11.03 16.12 -36.32
N TYR E 143 -10.58 16.97 -35.41
CA TYR E 143 -11.52 17.75 -34.62
C TYR E 143 -11.33 19.26 -34.71
N ARG E 144 -10.79 19.73 -35.83
CA ARG E 144 -10.58 21.15 -36.00
C ARG E 144 -11.89 21.90 -35.84
N ASN E 145 -11.88 22.86 -34.91
CA ASN E 145 -13.05 23.69 -34.63
C ASN E 145 -14.33 22.93 -34.33
N GLN E 146 -14.20 21.82 -33.60
CA GLN E 146 -15.35 21.00 -33.23
C GLN E 146 -15.28 20.67 -31.76
N LYS E 147 -16.41 20.28 -31.19
CA LYS E 147 -16.45 19.94 -29.78
C LYS E 147 -15.90 18.54 -29.61
N VAL E 148 -15.05 18.35 -28.59
CA VAL E 148 -14.46 17.03 -28.31
C VAL E 148 -14.31 16.80 -26.81
N ALA E 149 -14.39 15.54 -26.39
CA ALA E 149 -14.28 15.18 -24.98
C ALA E 149 -13.04 14.38 -24.63
N VAL E 150 -12.63 14.49 -23.36
CA VAL E 150 -11.48 13.76 -22.81
C VAL E 150 -11.98 13.20 -21.48
N ILE E 151 -11.57 11.99 -21.16
CA ILE E 151 -12.01 11.33 -19.94
C ILE E 151 -10.85 10.74 -19.13
N GLY E 152 -10.70 11.24 -17.91
CA GLY E 152 -9.62 10.80 -17.03
C GLY E 152 -9.13 12.00 -16.23
N GLY E 153 -8.52 11.75 -15.07
CA GLY E 153 -8.04 12.85 -14.26
C GLY E 153 -6.54 12.92 -14.05
N GLY E 154 -5.80 12.09 -14.80
CA GLY E 154 -4.35 12.07 -14.68
C GLY E 154 -3.63 13.03 -15.62
N ASN E 155 -2.31 12.89 -15.68
CA ASN E 155 -1.49 13.73 -16.53
C ASN E 155 -1.86 13.62 -18.00
N THR E 156 -2.09 12.39 -18.47
CA THR E 156 -2.43 12.15 -19.87
C THR E 156 -3.72 12.87 -20.29
N ALA E 157 -4.74 12.82 -19.42
CA ALA E 157 -6.00 13.47 -19.72
C ALA E 157 -5.79 14.99 -19.79
N VAL E 158 -5.27 15.55 -18.72
CA VAL E 158 -5.03 16.99 -18.65
C VAL E 158 -4.22 17.47 -19.85
N GLU E 159 -3.08 16.84 -20.11
CA GLU E 159 -2.25 17.25 -21.25
C GLU E 159 -3.00 17.14 -22.57
N GLU E 160 -3.74 16.04 -22.75
CA GLU E 160 -4.51 15.84 -23.96
C GLU E 160 -5.56 16.93 -24.03
N ALA E 161 -6.15 17.27 -22.89
CA ALA E 161 -7.15 18.34 -22.82
C ALA E 161 -6.50 19.66 -23.20
N LEU E 162 -5.33 19.92 -22.63
CA LEU E 162 -4.56 21.14 -22.89
C LEU E 162 -4.14 21.19 -24.34
N TYR E 163 -3.72 20.04 -24.88
CA TYR E 163 -3.27 19.94 -26.26
C TYR E 163 -4.42 20.16 -27.23
N LEU E 164 -5.51 19.42 -27.00
CA LEU E 164 -6.71 19.49 -27.83
C LEU E 164 -7.25 20.91 -27.85
N SER E 165 -7.06 21.59 -26.73
CA SER E 165 -7.50 22.97 -26.56
C SER E 165 -7.14 23.98 -27.65
N ASN E 166 -6.07 23.75 -28.39
CA ASN E 166 -5.70 24.69 -29.45
C ASN E 166 -6.10 24.17 -30.81
N ILE E 167 -6.77 23.02 -30.82
CA ILE E 167 -7.23 22.39 -32.05
C ILE E 167 -8.74 22.47 -32.17
N ALA E 168 -9.43 21.96 -31.15
CA ALA E 168 -10.87 21.93 -31.11
C ALA E 168 -11.48 23.27 -30.68
N SER E 169 -12.77 23.46 -30.98
CA SER E 169 -13.50 24.67 -30.61
C SER E 169 -13.69 24.65 -29.09
N GLU E 170 -14.02 23.48 -28.55
CA GLU E 170 -14.15 23.36 -27.11
C GLU E 170 -13.80 21.95 -26.65
N VAL E 171 -13.18 21.89 -25.48
CA VAL E 171 -12.72 20.65 -24.88
C VAL E 171 -13.51 20.40 -23.60
N HIS E 172 -14.06 19.20 -23.45
CA HIS E 172 -14.83 18.85 -22.26
C HIS E 172 -14.10 17.77 -21.49
N LEU E 173 -13.50 18.14 -20.36
CA LEU E 173 -12.74 17.17 -19.55
C LEU E 173 -13.67 16.48 -18.55
N ILE E 174 -13.77 15.16 -18.64
CA ILE E 174 -14.64 14.38 -17.78
C ILE E 174 -13.81 13.60 -16.75
N HIS E 175 -14.23 13.62 -15.49
CA HIS E 175 -13.48 12.92 -14.48
C HIS E 175 -14.33 12.42 -13.29
N ARG E 176 -13.97 11.25 -12.77
CA ARG E 176 -14.67 10.62 -11.65
C ARG E 176 -14.70 11.40 -10.35
N ARG E 177 -13.95 12.49 -10.28
CA ARG E 177 -13.91 13.23 -9.03
C ARG E 177 -13.92 14.72 -9.22
N ASP E 178 -13.66 15.39 -8.11
CA ASP E 178 -13.61 16.83 -8.09
C ASP E 178 -12.13 17.22 -8.14
N GLY E 179 -11.25 16.22 -7.97
CA GLY E 179 -9.82 16.46 -7.99
C GLY E 179 -9.03 15.74 -9.06
N PHE E 180 -7.96 16.38 -9.52
CA PHE E 180 -7.08 15.82 -10.55
C PHE E 180 -5.75 15.36 -10.01
N ARG E 181 -5.20 14.29 -10.60
CA ARG E 181 -3.91 13.80 -10.12
C ARG E 181 -2.74 14.25 -10.97
N ALA E 182 -3.00 15.03 -12.02
CA ALA E 182 -1.90 15.49 -12.86
C ALA E 182 -1.00 16.47 -12.07
N GLU E 183 0.22 16.71 -12.57
CA GLU E 183 1.15 17.64 -11.93
C GLU E 183 0.44 18.98 -11.73
N LYS E 184 0.75 19.67 -10.62
CA LYS E 184 0.13 20.96 -10.35
C LYS E 184 0.35 21.96 -11.48
N ILE E 185 1.61 22.17 -11.84
CA ILE E 185 1.97 23.10 -12.90
C ILE E 185 0.98 22.98 -14.08
N LEU E 186 0.51 21.75 -14.30
CA LEU E 186 -0.44 21.46 -15.37
C LEU E 186 -1.89 21.75 -14.96
N ILE E 187 -2.26 21.28 -13.77
CA ILE E 187 -3.59 21.51 -13.23
C ILE E 187 -3.84 23.01 -13.25
N LYS E 188 -2.78 23.78 -13.04
CA LYS E 188 -2.89 25.23 -13.05
C LYS E 188 -3.20 25.66 -14.48
N ARG E 189 -2.47 25.14 -15.45
CA ARG E 189 -2.72 25.52 -16.85
C ARG E 189 -4.14 25.17 -17.22
N LEU E 190 -4.63 24.06 -16.68
CA LEU E 190 -6.00 23.61 -16.96
C LEU E 190 -7.04 24.62 -16.50
N MET E 191 -7.04 24.92 -15.20
CA MET E 191 -7.99 25.86 -14.63
C MET E 191 -7.86 27.22 -15.29
N ASP E 192 -6.63 27.68 -15.45
CA ASP E 192 -6.42 28.96 -16.08
C ASP E 192 -7.12 28.96 -17.43
N LYS E 193 -7.21 27.80 -18.07
CA LYS E 193 -7.88 27.71 -19.37
C LYS E 193 -9.35 27.37 -19.17
N VAL E 194 -9.66 26.78 -18.03
CA VAL E 194 -11.04 26.45 -17.72
C VAL E 194 -11.74 27.77 -17.42
N GLU E 195 -11.01 28.68 -16.80
CA GLU E 195 -11.53 29.98 -16.41
C GLU E 195 -11.62 31.01 -17.53
N ASN E 196 -10.69 30.96 -18.48
CA ASN E 196 -10.68 31.95 -19.57
C ASN E 196 -10.58 31.35 -20.97
N GLY E 197 -10.58 30.02 -21.05
CA GLY E 197 -10.42 29.38 -22.35
C GLY E 197 -11.60 28.54 -22.80
N ASN E 198 -11.32 27.47 -23.55
CA ASN E 198 -12.38 26.62 -24.07
C ASN E 198 -12.44 25.21 -23.49
N ILE E 199 -11.98 25.06 -22.26
CA ILE E 199 -12.05 23.75 -21.63
C ILE E 199 -13.22 23.75 -20.62
N ILE E 200 -14.11 22.77 -20.75
CA ILE E 200 -15.24 22.66 -19.85
C ILE E 200 -15.04 21.47 -18.92
N LEU E 201 -15.12 21.71 -17.62
CA LEU E 201 -14.95 20.64 -16.64
C LEU E 201 -16.25 19.91 -16.37
N HIS E 202 -16.18 18.59 -16.36
CA HIS E 202 -17.34 17.74 -16.11
C HIS E 202 -16.91 16.78 -15.01
N THR E 203 -16.74 17.33 -13.81
CA THR E 203 -16.33 16.52 -12.65
C THR E 203 -17.47 15.67 -12.14
N ASN E 204 -17.11 14.64 -11.38
CA ASN E 204 -18.07 13.70 -10.81
C ASN E 204 -19.00 13.11 -11.87
N ARG E 205 -18.41 12.72 -13.00
CA ARG E 205 -19.16 12.12 -14.08
C ARG E 205 -18.33 10.96 -14.63
N THR E 206 -19.00 9.93 -15.13
CA THR E 206 -18.29 8.79 -15.69
C THR E 206 -18.94 8.42 -17.00
N LEU E 207 -18.13 7.97 -17.96
CA LEU E 207 -18.63 7.59 -19.28
C LEU E 207 -19.59 6.41 -19.18
N GLU E 208 -20.86 6.68 -19.45
CA GLU E 208 -21.92 5.66 -19.41
C GLU E 208 -22.14 5.03 -20.75
N GLU E 209 -21.95 5.81 -21.81
CA GLU E 209 -22.18 5.31 -23.16
C GLU E 209 -21.72 6.30 -24.22
N VAL E 210 -21.28 5.77 -25.36
CA VAL E 210 -20.85 6.60 -26.47
C VAL E 210 -21.94 6.45 -27.53
N THR E 211 -22.46 7.57 -28.03
CA THR E 211 -23.51 7.50 -29.03
C THR E 211 -23.06 8.02 -30.40
N GLY E 212 -23.72 7.53 -31.44
CA GLY E 212 -23.38 7.94 -32.78
C GLY E 212 -24.10 7.17 -33.87
N ASP E 213 -23.62 7.29 -35.09
CA ASP E 213 -24.20 6.61 -36.25
C ASP E 213 -23.10 6.02 -37.13
N GLN E 214 -23.47 5.59 -38.33
CA GLN E 214 -22.48 5.00 -39.25
C GLN E 214 -21.32 5.93 -39.48
N MET E 215 -21.62 7.23 -39.51
CA MET E 215 -20.61 8.23 -39.77
C MET E 215 -19.68 8.59 -38.60
N GLY E 216 -19.94 8.02 -37.43
CA GLY E 216 -19.09 8.31 -36.27
C GLY E 216 -19.81 8.70 -34.99
N VAL E 217 -19.03 9.18 -34.02
CA VAL E 217 -19.56 9.59 -32.70
C VAL E 217 -20.22 10.97 -32.70
N THR E 218 -21.43 11.05 -32.17
CA THR E 218 -22.13 12.32 -32.12
C THR E 218 -22.21 12.91 -30.72
N GLY E 219 -22.06 12.06 -29.71
CA GLY E 219 -22.12 12.55 -28.35
C GLY E 219 -21.86 11.46 -27.33
N VAL E 220 -21.93 11.83 -26.07
CA VAL E 220 -21.69 10.88 -25.00
C VAL E 220 -22.60 11.18 -23.83
N ARG E 221 -22.85 10.18 -22.99
CA ARG E 221 -23.69 10.38 -21.82
C ARG E 221 -22.86 10.08 -20.57
N LEU E 222 -22.74 11.07 -19.67
CA LEU E 222 -21.98 10.89 -18.43
C LEU E 222 -22.96 10.41 -17.38
N ARG E 223 -22.49 10.07 -16.18
CA ARG E 223 -23.42 9.56 -15.19
C ARG E 223 -23.67 10.30 -13.88
N ASP E 224 -22.65 10.96 -13.34
CA ASP E 224 -22.77 11.67 -12.06
C ASP E 224 -22.53 10.65 -10.97
N THR E 225 -21.39 10.80 -10.29
CA THR E 225 -20.97 9.89 -9.24
C THR E 225 -21.67 10.08 -7.90
N GLN E 226 -22.39 11.18 -7.75
CA GLN E 226 -23.06 11.45 -6.48
C GLN E 226 -24.58 11.41 -6.63
N ASN E 227 -25.06 10.73 -7.65
CA ASN E 227 -26.48 10.63 -7.90
C ASN E 227 -26.72 9.58 -8.97
N SER E 228 -26.51 8.33 -8.58
CA SER E 228 -26.65 7.15 -9.44
C SER E 228 -27.45 7.34 -10.73
N ASP E 229 -28.56 8.06 -10.65
CA ASP E 229 -29.40 8.24 -11.84
C ASP E 229 -29.60 9.69 -12.28
N ASN E 230 -28.51 10.44 -12.40
CA ASN E 230 -28.59 11.83 -12.84
C ASN E 230 -28.11 11.95 -14.28
N ILE E 231 -27.73 10.82 -14.87
CA ILE E 231 -27.24 10.75 -16.26
C ILE E 231 -27.55 11.95 -17.16
N GLU E 232 -26.50 12.64 -17.60
CA GLU E 232 -26.65 13.80 -18.46
C GLU E 232 -26.10 13.54 -19.87
N SER E 233 -26.59 14.30 -20.84
CA SER E 233 -26.15 14.10 -22.20
C SER E 233 -25.26 15.23 -22.66
N LEU E 234 -24.19 14.88 -23.36
CA LEU E 234 -23.24 15.85 -23.85
C LEU E 234 -23.00 15.69 -25.35
N ASP E 235 -23.32 16.74 -26.09
CA ASP E 235 -23.16 16.76 -27.54
C ASP E 235 -21.70 17.00 -27.91
N VAL E 236 -21.03 15.98 -28.45
CA VAL E 236 -19.60 16.08 -28.80
C VAL E 236 -19.15 15.30 -30.07
N ALA E 237 -18.12 15.78 -30.75
CA ALA E 237 -17.65 15.14 -31.99
C ALA E 237 -16.80 13.88 -31.82
N GLY E 238 -16.16 13.75 -30.66
CA GLY E 238 -15.33 12.59 -30.40
C GLY E 238 -14.79 12.65 -28.98
N LEU E 239 -14.23 11.55 -28.50
CA LEU E 239 -13.69 11.53 -27.16
C LEU E 239 -12.38 10.74 -27.11
N PHE E 240 -11.46 11.20 -26.25
CA PHE E 240 -10.18 10.55 -26.05
C PHE E 240 -10.16 9.99 -24.64
N VAL E 241 -9.98 8.68 -24.51
CA VAL E 241 -9.94 8.10 -23.17
C VAL E 241 -8.52 8.13 -22.63
N ALA E 242 -8.39 8.61 -21.41
CA ALA E 242 -7.10 8.72 -20.75
C ALA E 242 -7.27 8.27 -19.30
N ILE E 243 -7.48 6.97 -19.11
CA ILE E 243 -7.66 6.44 -17.76
C ILE E 243 -6.52 5.52 -17.30
N GLY E 244 -5.29 5.92 -17.60
CA GLY E 244 -4.14 5.16 -17.17
C GLY E 244 -3.81 4.00 -18.09
N HIS E 245 -2.94 3.12 -17.62
CA HIS E 245 -2.51 1.96 -18.40
C HIS E 245 -2.42 0.71 -17.54
N SER E 246 -2.07 -0.40 -18.19
CA SER E 246 -1.91 -1.67 -17.51
C SER E 246 -0.67 -2.33 -18.09
N PRO E 247 0.24 -2.78 -17.24
CA PRO E 247 1.48 -3.42 -17.70
C PRO E 247 1.26 -4.50 -18.74
N ASN E 248 2.14 -4.58 -19.72
CA ASN E 248 2.03 -5.61 -20.74
C ASN E 248 2.73 -6.86 -20.23
N THR E 249 2.05 -7.60 -19.36
CA THR E 249 2.61 -8.82 -18.77
C THR E 249 1.83 -10.08 -19.12
N ALA E 250 0.92 -9.96 -20.08
CA ALA E 250 0.10 -11.08 -20.50
C ALA E 250 0.94 -12.24 -21.04
N ILE E 251 1.89 -11.95 -21.93
CA ILE E 251 2.71 -13.02 -22.49
C ILE E 251 3.54 -13.76 -21.44
N PHE E 252 3.51 -13.27 -20.20
CA PHE E 252 4.27 -13.89 -19.10
C PHE E 252 3.36 -14.59 -18.08
N GLU E 253 2.10 -14.75 -18.45
CA GLU E 253 1.13 -15.38 -17.56
C GLU E 253 1.71 -16.60 -16.87
N GLY E 254 1.58 -16.59 -15.54
CA GLY E 254 2.03 -17.69 -14.71
C GLY E 254 3.42 -18.24 -14.88
N GLN E 255 4.38 -17.40 -15.25
CA GLN E 255 5.76 -17.87 -15.38
C GLN E 255 6.62 -16.95 -14.53
N LEU E 256 6.05 -15.80 -14.18
CA LEU E 256 6.74 -14.83 -13.38
C LEU E 256 5.77 -14.38 -12.32
N GLU E 257 6.26 -14.18 -11.10
CA GLU E 257 5.40 -13.73 -10.04
C GLU E 257 4.96 -12.31 -10.34
N LEU E 258 3.66 -12.13 -10.55
CA LEU E 258 3.11 -10.82 -10.84
C LEU E 258 2.33 -10.30 -9.64
N GLU E 259 2.07 -9.00 -9.62
CA GLU E 259 1.32 -8.36 -8.55
C GLU E 259 0.48 -7.25 -9.14
N ASN E 260 -0.78 -7.55 -9.38
CA ASN E 260 -1.70 -6.58 -9.97
C ASN E 260 -1.22 -6.24 -11.34
N GLY E 261 -0.73 -7.27 -12.03
CA GLY E 261 -0.26 -7.09 -13.39
C GLY E 261 1.20 -6.76 -13.54
N TYR E 262 1.77 -6.05 -12.58
CA TYR E 262 3.17 -5.65 -12.65
C TYR E 262 4.16 -6.74 -12.27
N ILE E 263 5.25 -6.85 -13.04
CA ILE E 263 6.28 -7.86 -12.75
C ILE E 263 6.97 -7.53 -11.44
N LYS E 264 7.10 -8.54 -10.58
CA LYS E 264 7.72 -8.35 -9.29
C LYS E 264 9.24 -8.54 -9.35
N VAL E 265 9.96 -7.58 -8.80
CA VAL E 265 11.42 -7.61 -8.77
C VAL E 265 11.95 -7.60 -7.33
N GLN E 266 13.17 -8.08 -7.18
CA GLN E 266 13.82 -8.14 -5.87
C GLN E 266 13.89 -6.79 -5.20
N SER E 267 14.20 -5.75 -5.97
CA SER E 267 14.32 -4.41 -5.43
C SER E 267 15.42 -4.48 -4.38
N GLY E 268 15.36 -3.62 -3.37
CA GLY E 268 16.36 -3.65 -2.33
C GLY E 268 17.63 -2.91 -2.67
N ILE E 269 18.38 -2.54 -1.64
CA ILE E 269 19.63 -1.80 -1.80
C ILE E 269 20.88 -2.68 -1.83
N HIS E 270 20.79 -3.84 -2.47
CA HIS E 270 21.93 -4.76 -2.54
C HIS E 270 22.18 -5.36 -3.91
N GLY E 271 21.78 -4.67 -4.97
CA GLY E 271 22.00 -5.18 -6.31
C GLY E 271 21.02 -6.23 -6.76
N ASN E 272 21.08 -6.56 -8.05
CA ASN E 272 20.20 -7.57 -8.62
C ASN E 272 18.77 -7.10 -8.33
N ALA E 273 18.63 -5.79 -8.20
CA ALA E 273 17.36 -5.15 -7.89
C ALA E 273 16.25 -5.32 -8.92
N THR E 274 16.61 -5.71 -10.14
CA THR E 274 15.63 -5.90 -11.21
C THR E 274 15.38 -7.38 -11.46
N GLN E 275 15.91 -8.21 -10.57
CA GLN E 275 15.76 -9.65 -10.65
C GLN E 275 14.29 -10.01 -10.51
N THR E 276 13.76 -10.77 -11.46
CA THR E 276 12.37 -11.19 -11.40
C THR E 276 12.29 -12.47 -10.57
N SER E 277 11.24 -13.26 -10.78
CA SER E 277 11.08 -14.50 -10.02
C SER E 277 12.01 -15.58 -10.58
N ILE E 278 12.45 -15.42 -11.81
CA ILE E 278 13.32 -16.40 -12.42
C ILE E 278 14.73 -15.87 -12.65
N PRO E 279 15.73 -16.49 -12.02
CA PRO E 279 17.12 -16.05 -12.16
C PRO E 279 17.53 -15.98 -13.62
N GLY E 280 18.10 -14.84 -14.02
CA GLY E 280 18.52 -14.66 -15.40
C GLY E 280 17.51 -13.85 -16.19
N VAL E 281 16.37 -13.56 -15.57
CA VAL E 281 15.29 -12.79 -16.18
C VAL E 281 15.12 -11.54 -15.34
N PHE E 282 15.20 -10.37 -15.99
CA PHE E 282 15.06 -9.09 -15.30
C PHE E 282 14.01 -8.21 -15.96
N ALA E 283 13.45 -7.29 -15.19
CA ALA E 283 12.46 -6.37 -15.73
C ALA E 283 12.77 -4.96 -15.30
N ALA E 284 12.68 -4.03 -16.26
CA ALA E 284 12.94 -2.62 -15.99
C ALA E 284 11.84 -1.82 -16.64
N GLY E 285 11.59 -0.62 -16.15
CA GLY E 285 10.55 0.20 -16.74
C GLY E 285 9.24 0.09 -16.01
N ASP E 286 8.20 0.63 -16.65
CA ASP E 286 6.86 0.66 -16.10
C ASP E 286 6.25 -0.72 -15.88
N VAL E 287 6.77 -1.72 -16.58
CA VAL E 287 6.28 -3.07 -16.44
C VAL E 287 6.50 -3.61 -15.01
N MET E 288 7.38 -2.93 -14.26
CA MET E 288 7.70 -3.32 -12.88
C MET E 288 7.66 -2.16 -11.88
N ASP E 289 6.89 -1.13 -12.22
CA ASP E 289 6.75 0.02 -11.36
C ASP E 289 5.31 0.50 -11.37
N HIS E 290 4.62 0.29 -10.25
CA HIS E 290 3.22 0.67 -10.10
C HIS E 290 3.11 2.06 -9.51
N ILE E 291 4.23 2.65 -9.12
CA ILE E 291 4.20 3.98 -8.50
C ILE E 291 4.59 5.22 -9.31
N TYR E 292 5.90 5.41 -9.50
CA TYR E 292 6.40 6.58 -10.21
C TYR E 292 6.09 6.68 -11.71
N ARG E 293 6.44 5.64 -12.46
CA ARG E 293 6.19 5.60 -13.89
C ARG E 293 6.42 6.90 -14.65
N GLN E 294 7.68 7.29 -14.76
CA GLN E 294 8.07 8.49 -15.52
C GLN E 294 9.09 7.94 -16.52
N ALA E 295 9.52 8.77 -17.47
CA ALA E 295 10.49 8.31 -18.46
C ALA E 295 11.86 8.23 -17.80
N ILE E 296 12.11 9.16 -16.88
CA ILE E 296 13.40 9.22 -16.19
C ILE E 296 13.62 8.05 -15.23
N THR E 297 12.55 7.56 -14.61
CA THR E 297 12.69 6.43 -13.68
C THR E 297 12.87 5.14 -14.47
N SER E 298 12.23 5.09 -15.64
CA SER E 298 12.29 3.90 -16.50
C SER E 298 13.69 3.74 -17.07
N ALA E 299 14.28 4.86 -17.47
CA ALA E 299 15.62 4.81 -18.02
C ALA E 299 16.54 4.34 -16.90
N GLY E 300 16.28 4.84 -15.70
CA GLY E 300 17.08 4.47 -14.55
C GLY E 300 17.12 2.96 -14.38
N THR E 301 15.95 2.35 -14.23
CA THR E 301 15.84 0.91 -14.05
C THR E 301 16.35 0.11 -15.24
N GLY E 302 16.11 0.59 -16.45
CA GLY E 302 16.58 -0.10 -17.62
C GLY E 302 18.07 -0.31 -17.50
N CYS E 303 18.72 0.66 -16.87
CA CYS E 303 20.16 0.63 -16.67
C CYS E 303 20.54 -0.47 -15.68
N MET E 304 19.85 -0.49 -14.56
CA MET E 304 20.09 -1.47 -13.51
C MET E 304 19.88 -2.85 -14.08
N ALA E 305 18.89 -2.99 -14.95
CA ALA E 305 18.61 -4.27 -15.56
C ALA E 305 19.82 -4.74 -16.34
N ALA E 306 20.35 -3.87 -17.20
CA ALA E 306 21.51 -4.23 -18.00
C ALA E 306 22.68 -4.61 -17.12
N LEU E 307 22.89 -3.87 -16.04
CA LEU E 307 23.99 -4.17 -15.13
C LEU E 307 23.77 -5.46 -14.36
N ASP E 308 22.53 -5.70 -13.93
CA ASP E 308 22.24 -6.93 -13.21
C ASP E 308 22.40 -8.11 -14.16
N ALA E 309 21.96 -7.93 -15.39
CA ALA E 309 22.06 -8.98 -16.40
C ALA E 309 23.52 -9.38 -16.57
N GLU E 310 24.40 -8.39 -16.70
CA GLU E 310 25.83 -8.62 -16.87
C GLU E 310 26.43 -9.35 -15.68
N ARG E 311 26.09 -8.91 -14.47
CA ARG E 311 26.60 -9.55 -13.27
C ARG E 311 26.25 -11.03 -13.36
N TYR E 312 24.99 -11.29 -13.75
CA TYR E 312 24.47 -12.65 -13.91
C TYR E 312 25.19 -13.43 -15.00
N LEU E 313 25.20 -12.89 -16.22
CA LEU E 313 25.88 -13.56 -17.32
C LEU E 313 27.33 -13.86 -16.98
N ASP E 314 28.00 -12.93 -16.31
CA ASP E 314 29.38 -13.14 -15.93
C ASP E 314 29.43 -14.32 -14.98
N GLY E 315 28.50 -14.34 -14.03
CA GLY E 315 28.45 -15.44 -13.07
C GLY E 315 28.41 -16.77 -13.79
N LEU E 316 27.59 -16.87 -14.83
CA LEU E 316 27.49 -18.10 -15.60
C LEU E 316 28.85 -18.45 -16.19
N ALA E 317 29.46 -17.47 -16.84
CA ALA E 317 30.78 -17.66 -17.44
C ALA E 317 31.76 -18.12 -16.37
N ASP E 318 31.75 -17.47 -15.22
CA ASP E 318 32.63 -17.84 -14.13
C ASP E 318 32.41 -19.30 -13.78
N ALA E 319 31.25 -19.61 -13.20
CA ALA E 319 30.92 -20.97 -12.83
C ALA E 319 30.76 -21.83 -14.07
N LYS E 320 31.89 -22.12 -14.73
CA LYS E 320 31.93 -22.94 -15.93
C LYS E 320 33.21 -23.78 -15.96
N GLY F 1 22.29 36.29 11.77
CA GLY F 1 21.01 35.76 12.33
C GLY F 1 19.93 35.65 11.28
N THR F 2 20.31 35.20 10.09
CA THR F 2 19.37 35.05 8.98
C THR F 2 19.02 33.57 8.82
N THR F 3 17.77 33.21 9.13
CA THR F 3 17.34 31.82 8.98
C THR F 3 16.37 31.71 7.81
N LYS F 4 16.47 30.63 7.04
CA LYS F 4 15.60 30.46 5.88
C LYS F 4 14.77 29.19 5.93
N HIS F 5 13.45 29.36 5.77
CA HIS F 5 12.55 28.24 5.78
C HIS F 5 11.95 28.00 4.41
N SER F 6 11.66 26.73 4.13
CA SER F 6 11.09 26.34 2.87
C SER F 6 10.42 25.00 3.11
N LYS F 7 9.28 24.76 2.46
CA LYS F 7 8.62 23.48 2.67
C LYS F 7 9.60 22.39 2.31
N LEU F 8 10.20 22.53 1.12
CA LEU F 8 11.14 21.56 0.61
C LEU F 8 12.55 22.12 0.41
N LEU F 9 13.53 21.42 0.96
CA LEU F 9 14.93 21.83 0.80
C LEU F 9 15.69 20.66 0.18
N ILE F 10 16.34 20.94 -0.95
CA ILE F 10 17.13 19.94 -1.68
C ILE F 10 18.62 20.18 -1.46
N LEU F 11 19.32 19.15 -1.02
CA LEU F 11 20.76 19.20 -0.75
C LEU F 11 21.59 18.57 -1.86
N GLY F 12 22.13 19.39 -2.75
CA GLY F 12 22.96 18.86 -3.82
C GLY F 12 22.64 19.40 -5.20
N SER F 13 23.65 19.58 -6.04
CA SER F 13 23.42 20.07 -7.40
C SER F 13 24.00 19.11 -8.44
N GLY F 14 23.81 17.82 -8.19
CA GLY F 14 24.23 16.80 -9.12
C GLY F 14 22.99 16.40 -9.91
N PRO F 15 23.08 15.38 -10.78
CA PRO F 15 21.90 15.00 -11.56
C PRO F 15 20.74 14.59 -10.66
N ALA F 16 21.04 13.97 -9.51
CA ALA F 16 20.00 13.53 -8.58
C ALA F 16 19.28 14.74 -8.01
N GLY F 17 20.04 15.67 -7.46
CA GLY F 17 19.45 16.86 -6.89
C GLY F 17 18.65 17.66 -7.88
N TYR F 18 19.24 17.95 -9.04
CA TYR F 18 18.56 18.73 -10.07
C TYR F 18 17.28 18.13 -10.64
N THR F 19 17.21 16.80 -10.71
CA THR F 19 16.02 16.13 -11.23
C THR F 19 14.94 16.26 -10.17
N ALA F 20 15.32 16.03 -8.92
CA ALA F 20 14.38 16.16 -7.80
C ALA F 20 13.83 17.59 -7.85
N ALA F 21 14.68 18.51 -8.30
CA ALA F 21 14.28 19.90 -8.38
C ALA F 21 13.22 20.14 -9.43
N VAL F 22 13.44 19.71 -10.67
CA VAL F 22 12.43 19.98 -11.70
C VAL F 22 11.11 19.31 -11.36
N TYR F 23 11.16 18.14 -10.74
CA TYR F 23 9.93 17.46 -10.39
C TYR F 23 9.19 18.19 -9.29
N ALA F 24 9.89 18.56 -8.23
CA ALA F 24 9.28 19.32 -7.13
C ALA F 24 8.75 20.69 -7.59
N ALA F 25 9.47 21.32 -8.51
CA ALA F 25 9.06 22.63 -9.01
C ALA F 25 7.71 22.49 -9.69
N ARG F 26 7.57 21.47 -10.52
CA ARG F 26 6.31 21.25 -11.24
C ARG F 26 5.17 20.79 -10.34
N ALA F 27 5.47 20.57 -9.06
CA ALA F 27 4.46 20.17 -8.08
C ALA F 27 4.22 21.39 -7.21
N ASN F 28 4.64 22.54 -7.75
CA ASN F 28 4.53 23.84 -7.09
C ASN F 28 4.89 23.73 -5.62
N LEU F 29 5.99 23.04 -5.35
CA LEU F 29 6.49 22.85 -4.00
C LEU F 29 7.51 23.93 -3.65
N GLN F 30 7.76 24.86 -4.56
CA GLN F 30 8.72 25.94 -4.32
C GLN F 30 9.97 25.38 -3.66
N PRO F 31 10.75 24.59 -4.41
CA PRO F 31 11.96 24.02 -3.80
C PRO F 31 13.16 24.94 -3.73
N VAL F 32 13.96 24.75 -2.70
CA VAL F 32 15.20 25.51 -2.49
C VAL F 32 16.30 24.48 -2.58
N LEU F 33 17.27 24.70 -3.46
CA LEU F 33 18.35 23.75 -3.60
C LEU F 33 19.67 24.41 -3.24
N ILE F 34 20.48 23.68 -2.49
CA ILE F 34 21.78 24.16 -2.08
C ILE F 34 22.77 23.39 -2.93
N THR F 35 23.56 24.11 -3.72
CA THR F 35 24.52 23.52 -4.64
C THR F 35 25.63 22.69 -4.02
N GLY F 36 26.26 23.20 -2.97
CA GLY F 36 27.36 22.48 -2.36
C GLY F 36 28.61 23.05 -3.01
N MET F 37 29.79 22.73 -2.49
CA MET F 37 31.01 23.28 -3.07
C MET F 37 31.22 22.80 -4.50
N GLU F 38 30.80 21.58 -4.80
CA GLU F 38 30.97 21.05 -6.16
C GLU F 38 29.68 21.22 -6.98
N LYS F 39 29.42 22.45 -7.40
CA LYS F 39 28.23 22.74 -8.20
C LYS F 39 28.25 21.95 -9.51
N GLY F 40 27.18 21.20 -9.77
CA GLY F 40 27.12 20.42 -10.99
C GLY F 40 27.34 18.96 -10.69
N GLY F 41 28.02 18.67 -9.58
CA GLY F 41 28.27 17.28 -9.19
C GLY F 41 29.49 16.67 -9.84
N GLN F 42 29.66 15.36 -9.68
CA GLN F 42 30.80 14.65 -10.24
C GLN F 42 30.97 14.78 -11.75
N LEU F 43 29.86 14.70 -12.48
CA LEU F 43 29.89 14.81 -13.93
C LEU F 43 30.70 16.02 -14.41
N THR F 44 30.90 17.00 -13.52
CA THR F 44 31.65 18.20 -13.90
C THR F 44 33.15 17.97 -13.91
N THR F 45 33.60 16.84 -13.36
CA THR F 45 35.02 16.56 -13.34
C THR F 45 35.43 15.64 -14.48
N THR F 46 34.52 15.41 -15.42
CA THR F 46 34.82 14.53 -16.56
C THR F 46 34.69 15.29 -17.87
N THR F 47 34.81 14.57 -18.98
CA THR F 47 34.67 15.19 -20.29
C THR F 47 33.49 14.54 -21.00
N GLU F 48 33.75 13.76 -22.04
CA GLU F 48 32.65 13.12 -22.77
C GLU F 48 31.88 12.07 -21.97
N VAL F 49 30.54 12.16 -22.04
CA VAL F 49 29.64 11.21 -21.37
C VAL F 49 29.01 10.45 -22.52
N GLU F 50 29.04 9.13 -22.47
CA GLU F 50 28.52 8.31 -23.57
C GLU F 50 27.32 7.46 -23.26
N ASN F 51 26.93 7.43 -21.99
CA ASN F 51 25.80 6.60 -21.60
C ASN F 51 24.61 7.31 -21.00
N TRP F 52 24.38 8.55 -21.41
CA TRP F 52 23.22 9.28 -20.92
C TRP F 52 22.21 9.12 -22.07
N PRO F 53 21.31 8.14 -21.93
CA PRO F 53 20.27 7.81 -22.91
C PRO F 53 19.63 8.98 -23.59
N GLY F 54 19.85 9.10 -24.88
CA GLY F 54 19.28 10.20 -25.62
C GLY F 54 20.32 11.17 -26.11
N ASP F 55 21.50 11.15 -25.49
CA ASP F 55 22.59 12.02 -25.91
C ASP F 55 23.72 11.11 -26.38
N PRO F 56 23.58 10.57 -27.60
CA PRO F 56 24.59 9.68 -28.18
C PRO F 56 25.88 10.32 -28.62
N ASN F 57 25.88 11.64 -28.79
CA ASN F 57 27.09 12.33 -29.27
C ASN F 57 27.42 13.69 -28.65
N ASP F 58 28.71 14.01 -28.66
CA ASP F 58 29.19 15.29 -28.16
C ASP F 58 28.67 15.77 -26.79
N LEU F 59 28.20 14.85 -25.95
CA LEU F 59 27.73 15.27 -24.64
C LEU F 59 28.92 15.26 -23.71
N THR F 60 28.94 16.20 -22.77
CA THR F 60 30.02 16.27 -21.79
C THR F 60 29.39 16.49 -20.42
N GLY F 61 29.99 15.88 -19.40
CA GLY F 61 29.48 16.03 -18.05
C GLY F 61 29.16 17.48 -17.76
N PRO F 62 30.08 18.40 -18.08
CA PRO F 62 29.85 19.82 -17.84
C PRO F 62 28.60 20.36 -18.54
N LEU F 63 28.46 20.03 -19.81
CA LEU F 63 27.32 20.51 -20.58
C LEU F 63 26.00 19.95 -20.08
N LEU F 64 26.00 18.68 -19.71
CA LEU F 64 24.79 18.06 -19.23
C LEU F 64 24.35 18.79 -17.99
N MET F 65 25.28 19.02 -17.06
CA MET F 65 24.90 19.73 -15.84
C MET F 65 24.58 21.20 -16.10
N GLU F 66 25.13 21.77 -17.16
CA GLU F 66 24.82 23.15 -17.51
C GLU F 66 23.33 23.14 -17.86
N ARG F 67 22.94 22.11 -18.62
CA ARG F 67 21.56 21.93 -19.06
C ARG F 67 20.62 21.62 -17.90
N MET F 68 21.02 20.71 -17.03
CA MET F 68 20.18 20.39 -15.88
C MET F 68 19.93 21.62 -15.02
N HIS F 69 20.97 22.40 -14.79
CA HIS F 69 20.86 23.62 -14.01
C HIS F 69 19.82 24.55 -14.64
N GLU F 70 20.02 24.86 -15.92
CA GLU F 70 19.10 25.72 -16.65
C GLU F 70 17.67 25.23 -16.43
N HIS F 71 17.53 23.92 -16.55
CA HIS F 71 16.26 23.22 -16.41
C HIS F 71 15.64 23.35 -15.01
N ALA F 72 16.46 23.32 -13.96
CA ALA F 72 15.93 23.44 -12.60
C ALA F 72 15.42 24.85 -12.33
N THR F 73 16.11 25.86 -12.89
CA THR F 73 15.71 27.24 -12.68
C THR F 73 14.55 27.66 -13.59
N LYS F 74 14.34 26.91 -14.68
CA LYS F 74 13.25 27.26 -15.57
C LYS F 74 11.95 27.26 -14.79
N PHE F 75 11.78 26.27 -13.92
CA PHE F 75 10.57 26.17 -13.10
C PHE F 75 10.80 26.81 -11.73
N GLU F 76 11.53 27.92 -11.77
CA GLU F 76 11.88 28.75 -10.64
C GLU F 76 12.45 28.14 -9.35
N THR F 77 13.26 27.10 -9.49
CA THR F 77 13.89 26.51 -8.32
C THR F 77 14.82 27.60 -7.81
N GLU F 78 15.01 27.66 -6.48
CA GLU F 78 15.86 28.66 -5.88
C GLU F 78 17.21 28.02 -5.58
N ILE F 79 18.20 28.30 -6.43
CA ILE F 79 19.52 27.73 -6.22
C ILE F 79 20.42 28.62 -5.38
N ILE F 80 20.83 28.12 -4.22
CA ILE F 80 21.70 28.87 -3.32
C ILE F 80 23.08 28.22 -3.26
N PHE F 81 24.12 29.00 -3.52
CA PHE F 81 25.48 28.48 -3.47
C PHE F 81 25.89 28.41 -2.02
N ASP F 82 25.93 27.20 -1.46
CA ASP F 82 26.29 27.03 -0.06
C ASP F 82 26.61 25.58 0.20
N HIS F 83 27.28 25.34 1.32
CA HIS F 83 27.65 24.01 1.74
C HIS F 83 26.92 23.80 3.06
N ILE F 84 26.69 22.56 3.45
CA ILE F 84 26.03 22.32 4.73
C ILE F 84 27.01 21.52 5.58
N ASN F 85 27.29 21.97 6.80
CA ASN F 85 28.23 21.24 7.65
C ASN F 85 27.72 20.76 9.00
N LYS F 86 26.40 20.82 9.20
CA LYS F 86 25.79 20.35 10.45
C LYS F 86 24.28 20.40 10.30
N VAL F 87 23.60 19.38 10.81
CA VAL F 87 22.15 19.30 10.74
C VAL F 87 21.49 18.58 11.92
N ASP F 88 20.30 19.05 12.28
CA ASP F 88 19.52 18.45 13.36
C ASP F 88 18.24 17.92 12.74
N LEU F 89 18.17 16.61 12.58
CA LEU F 89 17.00 16.00 11.98
C LEU F 89 16.04 15.47 13.04
N GLN F 90 16.38 15.71 14.30
CA GLN F 90 15.59 15.24 15.43
C GLN F 90 14.37 16.11 15.78
N ASN F 91 14.33 17.33 15.25
CA ASN F 91 13.22 18.21 15.52
C ASN F 91 12.72 18.86 14.25
N ARG F 92 11.41 19.07 14.18
CA ARG F 92 10.80 19.70 13.02
C ARG F 92 10.43 21.14 13.36
N PRO F 93 10.69 22.08 12.43
CA PRO F 93 11.30 21.84 11.13
C PRO F 93 12.74 21.41 11.29
N PHE F 94 13.34 20.91 10.21
CA PHE F 94 14.72 20.46 10.24
C PHE F 94 15.71 21.64 10.25
N ARG F 95 16.86 21.43 10.89
CA ARG F 95 17.91 22.43 11.01
C ARG F 95 19.18 22.07 10.24
N LEU F 96 19.56 22.93 9.31
CA LEU F 96 20.78 22.71 8.53
C LEU F 96 21.56 24.01 8.55
N ASN F 97 22.84 23.94 8.88
CA ASN F 97 23.67 25.15 8.93
C ASN F 97 24.74 25.16 7.86
N GLY F 98 24.88 26.32 7.21
CA GLY F 98 25.87 26.48 6.16
C GLY F 98 26.73 27.70 6.37
N ASP F 99 27.52 28.06 5.37
CA ASP F 99 28.39 29.21 5.46
C ASP F 99 27.63 30.49 5.14
N ASN F 100 26.31 30.42 5.05
CA ASN F 100 25.53 31.61 4.74
C ASN F 100 24.23 31.71 5.49
N GLY F 101 24.04 30.83 6.47
CA GLY F 101 22.82 30.90 7.24
C GLY F 101 22.28 29.58 7.75
N GLU F 102 21.14 29.67 8.44
CA GLU F 102 20.47 28.51 9.00
C GLU F 102 19.35 28.20 8.02
N TYR F 103 19.04 26.91 7.86
CA TYR F 103 17.99 26.52 6.95
C TYR F 103 17.01 25.60 7.67
N THR F 104 15.73 25.79 7.38
CA THR F 104 14.68 24.96 7.96
C THR F 104 13.78 24.52 6.82
N CYS F 105 13.33 23.28 6.88
CA CYS F 105 12.46 22.74 5.86
C CYS F 105 11.50 21.72 6.46
N ASP F 106 10.32 21.58 5.87
CA ASP F 106 9.34 20.62 6.38
C ASP F 106 9.64 19.22 5.85
N ALA F 107 10.41 19.17 4.77
CA ALA F 107 10.83 17.92 4.15
C ALA F 107 12.23 18.17 3.61
N LEU F 108 13.05 17.12 3.59
CA LEU F 108 14.43 17.27 3.11
C LEU F 108 14.85 16.16 2.14
N ILE F 109 15.38 16.56 0.98
CA ILE F 109 15.85 15.58 0.01
C ILE F 109 17.38 15.65 0.02
N ILE F 110 18.02 14.59 0.50
CA ILE F 110 19.46 14.54 0.56
C ILE F 110 20.04 13.98 -0.73
N ALA F 111 20.80 14.80 -1.44
CA ALA F 111 21.42 14.36 -2.69
C ALA F 111 22.88 14.81 -2.69
N THR F 112 23.59 14.52 -1.61
CA THR F 112 24.97 14.93 -1.47
C THR F 112 26.02 14.12 -2.23
N GLY F 113 25.59 13.08 -2.94
CA GLY F 113 26.51 12.29 -3.73
C GLY F 113 27.72 11.79 -2.97
N ALA F 114 28.87 11.73 -3.62
CA ALA F 114 30.08 11.25 -2.98
C ALA F 114 31.34 12.01 -3.37
N SER F 115 32.40 11.85 -2.59
CA SER F 115 33.67 12.53 -2.82
C SER F 115 34.75 11.56 -3.22
N ALA F 116 35.75 12.08 -3.93
CA ALA F 116 36.85 11.25 -4.37
C ALA F 116 37.57 10.63 -3.19
N ARG F 117 37.90 9.35 -3.31
CA ARG F 117 38.58 8.64 -2.25
C ARG F 117 40.03 9.15 -2.20
N TYR F 118 40.83 8.57 -1.32
CA TYR F 118 42.20 9.00 -1.07
C TYR F 118 43.00 7.77 -0.70
N LEU F 119 44.32 7.85 -0.78
CA LEU F 119 45.15 6.70 -0.44
C LEU F 119 45.56 6.79 1.03
N GLY F 120 45.62 8.00 1.55
CA GLY F 120 45.99 8.18 2.93
C GLY F 120 47.48 8.04 3.16
N LEU F 121 48.28 8.49 2.19
CA LEU F 121 49.74 8.43 2.30
C LEU F 121 50.27 9.82 2.55
N PRO F 122 51.25 9.96 3.44
CA PRO F 122 51.79 11.30 3.68
C PRO F 122 52.44 11.88 2.42
N SER F 123 53.06 11.01 1.61
CA SER F 123 53.72 11.44 0.36
C SER F 123 52.69 11.93 -0.64
N GLU F 124 51.51 11.31 -0.57
CA GLU F 124 50.38 11.64 -1.43
C GLU F 124 49.83 13.01 -1.05
N GLU F 125 49.83 13.29 0.24
CA GLU F 125 49.34 14.56 0.78
C GLU F 125 50.45 15.62 0.68
N ALA F 126 51.70 15.18 0.78
CA ALA F 126 52.84 16.07 0.73
C ALA F 126 53.10 16.64 -0.67
N PHE F 127 52.53 16.00 -1.68
CA PHE F 127 52.75 16.45 -3.06
C PHE F 127 51.57 17.06 -3.83
N LYS F 128 50.42 17.19 -3.17
CA LYS F 128 49.25 17.77 -3.84
C LYS F 128 49.58 19.10 -4.50
N GLY F 129 49.01 19.33 -5.68
CA GLY F 129 49.24 20.57 -6.39
C GLY F 129 50.63 20.68 -6.97
N ARG F 130 51.49 19.75 -6.61
CA ARG F 130 52.87 19.75 -7.10
C ARG F 130 53.25 18.41 -7.75
N GLY F 131 52.25 17.60 -8.08
CA GLY F 131 52.51 16.30 -8.70
C GLY F 131 51.41 15.30 -8.49
N VAL F 132 50.71 15.40 -7.35
CA VAL F 132 49.60 14.50 -7.06
C VAL F 132 48.31 15.27 -7.33
N SER F 133 47.52 14.78 -8.30
CA SER F 133 46.28 15.44 -8.69
C SER F 133 45.04 14.58 -8.51
N ALA F 134 43.88 15.24 -8.54
CA ALA F 134 42.61 14.57 -8.37
C ALA F 134 41.78 14.67 -9.64
N SER F 135 42.14 15.61 -10.52
CA SER F 135 41.40 15.77 -11.76
C SER F 135 42.32 15.94 -12.95
N ALA F 136 42.22 15.03 -13.91
CA ALA F 136 43.04 15.12 -15.10
C ALA F 136 42.48 16.29 -15.90
N THR F 137 41.18 16.48 -15.74
CA THR F 137 40.44 17.54 -16.42
C THR F 137 41.01 18.92 -16.14
N CYS F 138 41.55 19.09 -14.94
CA CYS F 138 42.12 20.35 -14.49
C CYS F 138 43.62 20.46 -14.72
N ASP F 139 44.33 19.49 -14.18
CA ASP F 139 45.77 19.49 -14.24
C ASP F 139 46.39 18.81 -15.46
N GLY F 140 45.61 17.97 -16.13
CA GLY F 140 46.13 17.29 -17.30
C GLY F 140 47.08 18.07 -18.20
N PHE F 141 46.79 19.33 -18.48
CA PHE F 141 47.65 20.08 -19.36
C PHE F 141 49.04 20.41 -18.78
N PHE F 142 49.22 20.21 -17.48
CA PHE F 142 50.51 20.45 -16.84
C PHE F 142 51.44 19.27 -17.10
N TYR F 143 50.98 18.29 -17.85
CA TYR F 143 51.81 17.11 -18.10
C TYR F 143 52.00 16.76 -19.56
N ARG F 144 51.57 17.66 -20.45
CA ARG F 144 51.68 17.42 -21.88
C ARG F 144 53.07 16.90 -22.23
N ASN F 145 53.10 15.84 -23.03
CA ASN F 145 54.37 15.24 -23.45
C ASN F 145 55.28 14.79 -22.33
N GLN F 146 54.70 14.33 -21.23
CA GLN F 146 55.48 13.86 -20.10
C GLN F 146 54.95 12.54 -19.59
N LYS F 147 55.78 11.83 -18.83
CA LYS F 147 55.36 10.57 -18.27
C LYS F 147 54.41 10.92 -17.15
N VAL F 148 53.29 10.21 -17.09
CA VAL F 148 52.28 10.43 -16.08
C VAL F 148 51.76 9.08 -15.60
N ALA F 149 51.23 9.04 -14.37
CA ALA F 149 50.73 7.80 -13.82
C ALA F 149 49.32 7.91 -13.25
N VAL F 150 48.52 6.86 -13.46
CA VAL F 150 47.15 6.80 -12.96
C VAL F 150 47.06 5.55 -12.09
N ILE F 151 46.24 5.60 -11.05
CA ILE F 151 46.10 4.47 -10.15
C ILE F 151 44.64 4.21 -9.80
N GLY F 152 44.13 3.07 -10.25
CA GLY F 152 42.75 2.71 -10.01
C GLY F 152 42.37 1.63 -11.00
N GLY F 153 41.20 1.03 -10.84
CA GLY F 153 40.81 -0.02 -11.75
C GLY F 153 39.37 0.07 -12.21
N GLY F 154 38.67 1.14 -11.83
CA GLY F 154 37.28 1.30 -12.23
C GLY F 154 37.16 2.23 -13.42
N ASN F 155 35.93 2.51 -13.84
CA ASN F 155 35.72 3.41 -14.97
C ASN F 155 36.53 4.69 -14.92
N THR F 156 36.58 5.35 -13.75
CA THR F 156 37.33 6.61 -13.64
C THR F 156 38.79 6.43 -14.01
N ALA F 157 39.45 5.52 -13.29
CA ALA F 157 40.85 5.23 -13.54
C ALA F 157 41.06 5.06 -15.04
N VAL F 158 40.36 4.10 -15.64
CA VAL F 158 40.50 3.83 -17.07
C VAL F 158 40.17 5.04 -17.97
N GLU F 159 39.05 5.73 -17.73
CA GLU F 159 38.71 6.87 -18.56
C GLU F 159 39.79 7.92 -18.43
N GLU F 160 40.45 7.95 -17.28
CA GLU F 160 41.51 8.93 -17.02
C GLU F 160 42.77 8.61 -17.81
N ALA F 161 43.13 7.33 -17.84
CA ALA F 161 44.31 6.92 -18.58
C ALA F 161 44.05 7.17 -20.06
N LEU F 162 42.85 6.81 -20.53
CA LEU F 162 42.49 7.02 -21.94
C LEU F 162 42.59 8.49 -22.29
N TYR F 163 41.97 9.32 -21.47
CA TYR F 163 41.99 10.76 -21.66
C TYR F 163 43.43 11.30 -21.68
N LEU F 164 44.17 11.02 -20.61
CA LEU F 164 45.54 11.50 -20.46
C LEU F 164 46.47 11.03 -21.58
N SER F 165 46.21 9.84 -22.12
CA SER F 165 47.06 9.28 -23.17
C SER F 165 47.22 10.13 -24.42
N ASN F 166 46.36 11.14 -24.58
CA ASN F 166 46.43 12.02 -25.75
C ASN F 166 47.12 13.32 -25.37
N ILE F 167 47.70 13.34 -24.18
CA ILE F 167 48.38 14.50 -23.63
C ILE F 167 49.79 14.15 -23.19
N ALA F 168 49.87 13.23 -22.24
CA ALA F 168 51.15 12.80 -21.73
C ALA F 168 51.90 11.98 -22.78
N SER F 169 53.22 11.94 -22.65
CA SER F 169 54.03 11.18 -23.58
C SER F 169 53.69 9.71 -23.36
N GLU F 170 53.42 9.35 -22.10
CA GLU F 170 53.02 7.99 -21.77
C GLU F 170 52.31 7.93 -20.45
N VAL F 171 51.36 6.99 -20.37
CA VAL F 171 50.54 6.81 -19.18
C VAL F 171 50.77 5.47 -18.51
N HIS F 172 51.02 5.51 -17.20
CA HIS F 172 51.25 4.30 -16.43
C HIS F 172 50.05 4.04 -15.51
N LEU F 173 49.27 3.00 -15.87
CA LEU F 173 48.09 2.59 -15.12
C LEU F 173 48.47 1.58 -14.05
N ILE F 174 48.34 1.97 -12.78
CA ILE F 174 48.69 1.13 -11.64
C ILE F 174 47.41 0.59 -11.00
N HIS F 175 47.35 -0.73 -10.79
CA HIS F 175 46.16 -1.32 -10.19
C HIS F 175 46.46 -2.59 -9.42
N ARG F 176 45.65 -2.85 -8.39
CA ARG F 176 45.80 -4.02 -7.52
C ARG F 176 45.54 -5.37 -8.20
N ARG F 177 44.33 -5.55 -8.73
CA ARG F 177 43.97 -6.79 -9.40
C ARG F 177 44.79 -6.93 -10.67
N ASP F 178 44.54 -8.02 -11.37
CA ASP F 178 45.19 -8.27 -12.62
C ASP F 178 44.09 -7.90 -13.61
N GLY F 179 42.93 -7.55 -13.05
CA GLY F 179 41.77 -7.19 -13.85
C GLY F 179 41.14 -5.88 -13.44
N PHE F 180 40.38 -5.28 -14.37
CA PHE F 180 39.72 -4.02 -14.12
C PHE F 180 38.23 -4.18 -14.01
N ARG F 181 37.56 -3.26 -13.34
CA ARG F 181 36.12 -3.36 -13.23
C ARG F 181 35.43 -2.32 -14.09
N ALA F 182 36.21 -1.58 -14.87
CA ALA F 182 35.64 -0.58 -15.75
C ALA F 182 34.83 -1.30 -16.83
N GLU F 183 33.86 -0.61 -17.41
CA GLU F 183 33.03 -1.21 -18.46
C GLU F 183 33.89 -1.93 -19.47
N LYS F 184 33.34 -2.95 -20.12
CA LYS F 184 34.06 -3.71 -21.12
C LYS F 184 34.53 -2.84 -22.30
N ILE F 185 33.58 -2.18 -22.96
CA ILE F 185 33.89 -1.34 -24.11
C ILE F 185 35.11 -0.46 -23.85
N LEU F 186 35.28 -0.06 -22.59
CA LEU F 186 36.38 0.82 -22.19
C LEU F 186 37.69 0.07 -22.04
N ILE F 187 37.65 -1.10 -21.41
CA ILE F 187 38.85 -1.91 -21.21
C ILE F 187 39.45 -2.25 -22.57
N LYS F 188 38.61 -2.35 -23.59
CA LYS F 188 39.05 -2.67 -24.93
C LYS F 188 39.87 -1.51 -25.47
N ARG F 189 39.31 -0.30 -25.40
CA ARG F 189 40.01 0.89 -25.85
C ARG F 189 41.34 0.96 -25.12
N LEU F 190 41.30 0.58 -23.84
CA LEU F 190 42.49 0.59 -23.00
C LEU F 190 43.52 -0.37 -23.54
N MET F 191 43.14 -1.63 -23.70
CA MET F 191 44.07 -2.65 -24.18
C MET F 191 44.59 -2.32 -25.56
N ASP F 192 43.76 -1.71 -26.39
CA ASP F 192 44.17 -1.35 -27.73
C ASP F 192 45.36 -0.38 -27.63
N LYS F 193 45.32 0.50 -26.62
CA LYS F 193 46.40 1.46 -26.40
C LYS F 193 47.58 0.83 -25.68
N VAL F 194 47.31 -0.12 -24.79
CA VAL F 194 48.38 -0.80 -24.08
C VAL F 194 49.23 -1.51 -25.14
N GLU F 195 48.62 -1.75 -26.29
CA GLU F 195 49.27 -2.43 -27.40
C GLU F 195 49.92 -1.48 -28.39
N ASN F 196 49.09 -0.79 -29.17
CA ASN F 196 49.57 0.12 -30.20
C ASN F 196 49.82 1.55 -29.73
N GLY F 197 49.45 1.86 -28.49
CA GLY F 197 49.64 3.22 -28.01
C GLY F 197 50.61 3.41 -26.87
N ASN F 198 50.44 4.52 -26.15
CA ASN F 198 51.32 4.86 -25.02
C ASN F 198 50.83 4.56 -23.62
N ILE F 199 49.91 3.61 -23.44
CA ILE F 199 49.47 3.29 -22.10
C ILE F 199 50.22 2.04 -21.65
N ILE F 200 50.76 2.07 -20.44
CA ILE F 200 51.54 0.94 -19.92
C ILE F 200 50.96 0.39 -18.63
N LEU F 201 50.63 -0.89 -18.63
CA LEU F 201 50.04 -1.51 -17.47
C LEU F 201 50.99 -1.90 -16.34
N HIS F 202 50.48 -1.78 -15.12
CA HIS F 202 51.21 -2.12 -13.90
C HIS F 202 50.22 -2.82 -12.98
N THR F 203 49.69 -3.95 -13.44
CA THR F 203 48.72 -4.72 -12.65
C THR F 203 49.40 -5.30 -11.43
N ASN F 204 48.59 -5.72 -10.46
CA ASN F 204 49.07 -6.30 -9.21
C ASN F 204 50.13 -5.45 -8.55
N ARG F 205 49.80 -4.18 -8.30
CA ARG F 205 50.74 -3.26 -7.66
C ARG F 205 49.97 -2.31 -6.76
N THR F 206 50.67 -1.77 -5.77
CA THR F 206 50.06 -0.83 -4.83
C THR F 206 51.03 0.31 -4.63
N LEU F 207 50.52 1.53 -4.71
CA LEU F 207 51.38 2.69 -4.54
C LEU F 207 51.95 2.70 -3.12
N GLU F 208 53.26 2.58 -3.00
CA GLU F 208 53.88 2.62 -1.68
C GLU F 208 54.26 4.03 -1.29
N GLU F 209 54.73 4.80 -2.25
CA GLU F 209 55.10 6.18 -1.95
C GLU F 209 55.33 7.02 -3.20
N VAL F 210 54.96 8.29 -3.11
CA VAL F 210 55.15 9.22 -4.20
C VAL F 210 56.44 9.93 -3.87
N THR F 211 57.46 9.75 -4.70
CA THR F 211 58.76 10.37 -4.47
C THR F 211 58.98 11.57 -5.37
N GLY F 212 59.84 12.48 -4.95
CA GLY F 212 60.12 13.65 -5.75
C GLY F 212 61.05 14.59 -5.03
N ASP F 213 61.21 15.80 -5.55
CA ASP F 213 62.08 16.75 -4.89
C ASP F 213 61.28 17.96 -4.42
N GLN F 214 61.97 19.04 -4.10
CA GLN F 214 61.31 20.24 -3.61
C GLN F 214 60.64 21.02 -4.72
N MET F 215 60.44 20.39 -5.87
CA MET F 215 59.81 21.07 -7.00
C MET F 215 58.61 20.30 -7.56
N GLY F 216 58.38 19.11 -7.00
CA GLY F 216 57.27 18.29 -7.45
C GLY F 216 57.67 16.85 -7.62
N VAL F 217 56.65 16.03 -7.88
CA VAL F 217 56.82 14.60 -8.09
C VAL F 217 57.78 14.29 -9.24
N THR F 218 58.59 13.24 -9.09
CA THR F 218 59.51 12.85 -10.14
C THR F 218 59.45 11.35 -10.33
N GLY F 219 58.80 10.69 -9.39
CA GLY F 219 58.68 9.24 -9.48
C GLY F 219 57.62 8.70 -8.55
N VAL F 220 57.47 7.39 -8.55
CA VAL F 220 56.47 6.74 -7.71
C VAL F 220 57.02 5.34 -7.40
N ARG F 221 56.79 4.84 -6.18
CA ARG F 221 57.30 3.51 -5.82
C ARG F 221 56.20 2.47 -5.53
N LEU F 222 56.11 1.46 -6.38
CA LEU F 222 55.09 0.42 -6.28
C LEU F 222 55.52 -0.82 -5.51
N ARG F 223 54.55 -1.49 -4.91
CA ARG F 223 54.77 -2.72 -4.15
C ARG F 223 53.96 -3.82 -4.79
N ASP F 224 54.51 -5.03 -4.82
CA ASP F 224 53.82 -6.15 -5.43
C ASP F 224 52.67 -6.70 -4.57
N THR F 225 51.59 -7.15 -5.20
CA THR F 225 50.45 -7.69 -4.46
C THR F 225 50.54 -9.20 -4.30
N GLN F 226 51.52 -9.83 -4.96
CA GLN F 226 51.69 -11.27 -4.87
C GLN F 226 52.93 -11.59 -4.05
N ASN F 227 54.03 -10.93 -4.38
CA ASN F 227 55.29 -11.10 -3.67
C ASN F 227 55.48 -9.88 -2.78
N SER F 228 54.97 -9.99 -1.57
CA SER F 228 55.05 -8.94 -0.58
C SER F 228 56.36 -8.16 -0.50
N ASP F 229 57.49 -8.80 -0.76
CA ASP F 229 58.78 -8.11 -0.64
C ASP F 229 59.44 -7.64 -1.94
N ASN F 230 58.69 -7.68 -3.04
CA ASN F 230 59.22 -7.23 -4.30
C ASN F 230 58.69 -5.80 -4.52
N ILE F 231 59.56 -4.91 -4.99
CA ILE F 231 59.16 -3.52 -5.20
C ILE F 231 59.75 -2.93 -6.48
N GLU F 232 59.17 -1.82 -6.95
CA GLU F 232 59.68 -1.20 -8.17
C GLU F 232 59.48 0.32 -8.26
N SER F 233 60.48 1.00 -8.82
CA SER F 233 60.43 2.45 -8.98
C SER F 233 59.73 2.70 -10.29
N LEU F 234 59.26 3.92 -10.48
CA LEU F 234 58.58 4.30 -11.71
C LEU F 234 58.82 5.78 -11.91
N ASP F 235 59.55 6.13 -12.97
CA ASP F 235 59.83 7.53 -13.26
C ASP F 235 58.60 8.17 -13.86
N VAL F 236 57.96 9.00 -13.06
CA VAL F 236 56.73 9.62 -13.50
C VAL F 236 56.70 11.09 -13.06
N ALA F 237 56.09 11.96 -13.86
CA ALA F 237 56.04 13.38 -13.53
C ALA F 237 54.79 13.76 -12.77
N GLY F 238 53.75 12.95 -12.89
CA GLY F 238 52.50 13.24 -12.20
C GLY F 238 51.77 11.99 -11.81
N LEU F 239 50.90 12.11 -10.80
CA LEU F 239 50.11 10.99 -10.34
C LEU F 239 48.66 11.39 -10.20
N PHE F 240 47.77 10.56 -10.72
CA PHE F 240 46.35 10.83 -10.61
C PHE F 240 45.70 9.65 -9.88
N VAL F 241 45.19 9.90 -8.68
CA VAL F 241 44.56 8.83 -7.92
C VAL F 241 43.08 8.73 -8.28
N ALA F 242 42.68 7.56 -8.72
CA ALA F 242 41.31 7.34 -9.10
C ALA F 242 40.89 6.01 -8.49
N ILE F 243 40.87 5.96 -7.15
CA ILE F 243 40.49 4.75 -6.47
C ILE F 243 39.06 4.80 -5.89
N GLY F 244 38.12 5.40 -6.63
CA GLY F 244 36.74 5.45 -6.19
C GLY F 244 36.25 6.65 -5.43
N HIS F 245 35.03 6.54 -4.91
CA HIS F 245 34.43 7.63 -4.13
C HIS F 245 33.70 7.14 -2.88
N SER F 246 33.70 7.98 -1.86
CA SER F 246 33.03 7.66 -0.61
C SER F 246 31.84 8.61 -0.51
N PRO F 247 30.65 8.09 -0.14
CA PRO F 247 29.40 8.87 0.00
C PRO F 247 29.48 9.98 1.03
N ASN F 248 28.96 11.15 0.65
CA ASN F 248 28.98 12.33 1.51
C ASN F 248 27.95 12.26 2.63
N THR F 249 28.28 11.56 3.71
CA THR F 249 27.36 11.41 4.83
C THR F 249 27.88 11.73 6.23
N ALA F 250 28.99 12.45 6.32
CA ALA F 250 29.53 12.80 7.62
C ALA F 250 28.57 13.74 8.36
N ILE F 251 27.95 14.68 7.66
CA ILE F 251 27.04 15.58 8.36
C ILE F 251 25.83 14.83 8.89
N PHE F 252 25.46 13.73 8.22
CA PHE F 252 24.30 12.95 8.65
C PHE F 252 24.72 11.84 9.61
N GLU F 253 25.96 11.91 10.08
CA GLU F 253 26.45 10.91 11.02
C GLU F 253 25.57 10.98 12.27
N GLY F 254 25.14 9.82 12.76
CA GLY F 254 24.31 9.77 13.94
C GLY F 254 23.04 10.59 13.82
N GLN F 255 22.53 10.75 12.59
CA GLN F 255 21.30 11.48 12.37
C GLN F 255 20.27 10.60 11.69
N LEU F 256 20.73 9.53 11.04
CA LEU F 256 19.85 8.58 10.37
C LEU F 256 20.60 7.33 9.98
N GLU F 257 19.89 6.19 9.99
CA GLU F 257 20.50 4.91 9.65
C GLU F 257 21.44 4.98 8.47
N LEU F 258 22.70 4.67 8.74
CA LEU F 258 23.74 4.68 7.73
C LEU F 258 24.31 3.27 7.70
N GLU F 259 24.44 2.71 6.50
CA GLU F 259 24.96 1.36 6.36
C GLU F 259 26.25 1.43 5.54
N ASN F 260 27.39 1.46 6.24
CA ASN F 260 28.70 1.55 5.62
C ASN F 260 28.88 2.88 4.92
N GLY F 261 28.30 3.93 5.48
CA GLY F 261 28.44 5.26 4.88
C GLY F 261 27.30 5.69 4.00
N TYR F 262 26.65 4.73 3.34
CA TYR F 262 25.54 5.03 2.46
C TYR F 262 24.25 5.16 3.27
N ILE F 263 23.47 6.21 3.00
CA ILE F 263 22.21 6.40 3.71
C ILE F 263 21.28 5.26 3.34
N LYS F 264 20.77 4.56 4.33
CA LYS F 264 19.85 3.45 4.10
C LYS F 264 18.49 4.03 3.73
N VAL F 265 17.82 3.43 2.77
CA VAL F 265 16.49 3.91 2.38
C VAL F 265 15.53 2.73 2.36
N GLN F 266 14.24 3.03 2.45
CA GLN F 266 13.21 1.99 2.48
C GLN F 266 13.25 1.09 1.25
N SER F 267 13.36 1.71 0.08
CA SER F 267 13.39 0.97 -1.17
C SER F 267 12.04 0.27 -1.31
N GLY F 268 12.03 -0.85 -2.03
CA GLY F 268 10.80 -1.60 -2.21
C GLY F 268 10.02 -1.20 -3.44
N ILE F 269 8.98 -1.97 -3.74
CA ILE F 269 8.17 -1.70 -4.91
C ILE F 269 6.81 -1.21 -4.50
N HIS F 270 6.74 -0.53 -3.38
CA HIS F 270 5.47 -0.02 -2.93
C HIS F 270 5.54 1.45 -2.61
N GLY F 271 6.26 2.18 -3.45
CA GLY F 271 6.39 3.61 -3.25
C GLY F 271 7.17 4.04 -2.01
N ASN F 272 7.33 5.36 -1.88
CA ASN F 272 8.05 5.95 -0.76
C ASN F 272 9.39 5.23 -0.61
N ALA F 273 9.97 4.83 -1.74
CA ALA F 273 11.22 4.10 -1.78
C ALA F 273 12.46 4.87 -1.42
N THR F 274 12.38 6.20 -1.50
CA THR F 274 13.51 7.05 -1.18
C THR F 274 13.41 7.65 0.21
N GLN F 275 12.71 7.01 1.12
CA GLN F 275 12.62 7.56 2.47
C GLN F 275 13.64 6.95 3.41
N THR F 276 14.32 7.84 4.13
CA THR F 276 15.33 7.44 5.11
C THR F 276 14.64 7.03 6.39
N SER F 277 15.43 6.65 7.39
CA SER F 277 14.91 6.21 8.67
C SER F 277 14.12 7.31 9.38
N ILE F 278 14.15 8.51 8.85
CA ILE F 278 13.41 9.61 9.46
C ILE F 278 12.35 10.14 8.51
N PRO F 279 11.08 10.08 8.92
CA PRO F 279 9.96 10.55 8.10
C PRO F 279 10.20 11.94 7.57
N GLY F 280 9.84 12.18 6.32
CA GLY F 280 10.04 13.51 5.76
C GLY F 280 11.44 13.73 5.23
N VAL F 281 12.35 12.79 5.50
CA VAL F 281 13.72 12.89 5.00
C VAL F 281 13.93 11.78 3.96
N PHE F 282 14.31 12.22 2.75
CA PHE F 282 14.53 11.31 1.63
C PHE F 282 15.92 11.43 1.05
N ALA F 283 16.41 10.35 0.47
CA ALA F 283 17.74 10.36 -0.12
C ALA F 283 17.69 9.84 -1.55
N ALA F 284 18.49 10.46 -2.42
CA ALA F 284 18.55 10.06 -3.83
C ALA F 284 19.99 10.16 -4.33
N GLY F 285 20.27 9.58 -5.49
CA GLY F 285 21.61 9.65 -6.01
C GLY F 285 22.59 8.67 -5.38
N ASP F 286 23.88 8.90 -5.63
CA ASP F 286 24.93 8.05 -5.12
C ASP F 286 25.05 8.00 -3.60
N VAL F 287 24.47 8.97 -2.91
CA VAL F 287 24.58 8.94 -1.45
C VAL F 287 23.81 7.75 -0.88
N MET F 288 22.84 7.26 -1.64
CA MET F 288 22.03 6.13 -1.18
C MET F 288 22.11 4.90 -2.07
N ASP F 289 23.10 4.87 -2.97
CA ASP F 289 23.27 3.76 -3.89
C ASP F 289 24.73 3.35 -4.00
N HIS F 290 25.09 2.19 -3.46
CA HIS F 290 26.47 1.76 -3.55
C HIS F 290 26.71 0.65 -4.57
N ILE F 291 25.70 0.37 -5.39
CA ILE F 291 25.85 -0.67 -6.42
C ILE F 291 26.02 -0.11 -7.81
N TYR F 292 24.99 0.61 -8.27
CA TYR F 292 24.96 1.18 -9.62
C TYR F 292 25.80 2.43 -9.87
N ARG F 293 25.47 3.51 -9.16
CA ARG F 293 26.18 4.78 -9.28
C ARG F 293 26.38 5.28 -10.71
N GLN F 294 25.28 5.69 -11.34
CA GLN F 294 25.34 6.20 -12.70
C GLN F 294 24.59 7.51 -12.74
N ALA F 295 24.85 8.32 -13.77
CA ALA F 295 24.17 9.59 -13.92
C ALA F 295 22.67 9.35 -14.07
N ILE F 296 22.32 8.38 -14.91
CA ILE F 296 20.92 8.09 -15.18
C ILE F 296 20.16 7.42 -14.03
N THR F 297 20.86 6.63 -13.20
CA THR F 297 20.20 5.99 -12.07
C THR F 297 19.98 7.02 -10.99
N SER F 298 20.92 7.98 -10.90
CA SER F 298 20.85 9.05 -9.92
C SER F 298 19.75 10.00 -10.30
N ALA F 299 19.58 10.24 -11.60
CA ALA F 299 18.52 11.14 -12.06
C ALA F 299 17.18 10.51 -11.67
N GLY F 300 17.10 9.19 -11.82
CA GLY F 300 15.89 8.45 -11.48
C GLY F 300 15.47 8.57 -10.03
N THR F 301 16.34 8.12 -9.11
CA THR F 301 16.01 8.19 -7.69
C THR F 301 15.77 9.63 -7.28
N GLY F 302 16.40 10.56 -8.00
CA GLY F 302 16.21 11.96 -7.70
C GLY F 302 14.78 12.30 -7.99
N CYS F 303 14.26 11.75 -9.07
CA CYS F 303 12.88 12.00 -9.46
C CYS F 303 11.96 11.43 -8.37
N MET F 304 12.27 10.22 -7.94
CA MET F 304 11.51 9.54 -6.91
C MET F 304 11.48 10.33 -5.62
N ALA F 305 12.62 10.89 -5.24
CA ALA F 305 12.71 11.66 -4.02
C ALA F 305 11.67 12.78 -4.04
N ALA F 306 11.51 13.40 -5.19
CA ALA F 306 10.56 14.48 -5.36
C ALA F 306 9.15 13.96 -5.17
N LEU F 307 8.78 12.95 -5.95
CA LEU F 307 7.45 12.36 -5.87
C LEU F 307 7.13 11.85 -4.48
N ASP F 308 8.14 11.35 -3.78
CA ASP F 308 7.96 10.88 -2.42
C ASP F 308 7.74 12.04 -1.46
N ALA F 309 8.51 13.11 -1.62
CA ALA F 309 8.38 14.26 -0.74
C ALA F 309 7.06 14.99 -0.96
N GLU F 310 6.60 15.02 -2.22
CA GLU F 310 5.34 15.70 -2.51
C GLU F 310 4.21 14.94 -1.83
N ARG F 311 4.22 13.62 -2.01
CA ARG F 311 3.22 12.79 -1.41
C ARG F 311 3.22 13.06 0.10
N TYR F 312 4.40 13.21 0.66
CA TYR F 312 4.57 13.48 2.09
C TYR F 312 4.03 14.85 2.48
N LEU F 313 4.47 15.88 1.76
CA LEU F 313 4.01 17.24 2.06
C LEU F 313 2.52 17.41 1.86
N ASP F 314 1.94 16.64 0.95
CA ASP F 314 0.50 16.72 0.71
C ASP F 314 -0.19 16.36 2.03
N GLY F 315 0.30 15.30 2.66
CA GLY F 315 -0.25 14.85 3.92
C GLY F 315 -0.26 15.94 4.97
N LEU F 316 0.86 16.64 5.14
CA LEU F 316 0.92 17.70 6.13
C LEU F 316 -0.07 18.81 5.87
N ALA F 317 -0.35 19.07 4.59
CA ALA F 317 -1.29 20.13 4.20
C ALA F 317 -2.75 19.74 4.47
N ASP F 318 -2.98 18.45 4.65
CA ASP F 318 -4.32 17.96 4.91
C ASP F 318 -4.66 17.99 6.38
N ALA F 319 -3.64 17.89 7.23
CA ALA F 319 -3.84 17.92 8.67
C ALA F 319 -4.00 19.39 9.05
N LYS F 320 -3.64 20.26 8.12
CA LYS F 320 -3.73 21.70 8.34
C LYS F 320 -5.15 22.18 8.08
N SER G 1 7.01 -2.91 -50.63
CA SER G 1 8.01 -2.15 -51.42
C SER G 1 8.02 -2.60 -52.89
N ASP G 2 7.13 -3.53 -53.21
CA ASP G 2 7.02 -4.05 -54.57
C ASP G 2 5.60 -3.96 -55.12
N LYS G 3 4.70 -3.41 -54.31
CA LYS G 3 3.30 -3.26 -54.71
C LYS G 3 2.69 -2.00 -54.09
N ILE G 4 3.37 -1.48 -53.05
CA ILE G 4 2.92 -0.29 -52.34
C ILE G 4 2.63 0.85 -53.33
N ILE G 5 1.62 1.66 -53.01
CA ILE G 5 1.23 2.77 -53.87
C ILE G 5 1.08 4.05 -53.05
N HIS G 6 1.76 5.10 -53.47
CA HIS G 6 1.64 6.38 -52.77
C HIS G 6 0.35 7.03 -53.21
N LEU G 7 -0.74 6.28 -53.13
CA LEU G 7 -2.07 6.73 -53.52
C LEU G 7 -2.32 8.21 -53.20
N THR G 8 -3.27 8.79 -53.92
CA THR G 8 -3.64 10.20 -53.74
C THR G 8 -5.16 10.30 -53.80
N ASP G 9 -5.68 11.47 -53.44
CA ASP G 9 -7.12 11.69 -53.46
C ASP G 9 -7.69 11.59 -54.88
N ASP G 10 -6.86 11.89 -55.87
CA ASP G 10 -7.29 11.82 -57.27
C ASP G 10 -7.32 10.37 -57.75
N SER G 11 -6.15 9.73 -57.67
CA SER G 11 -5.98 8.36 -58.10
C SER G 11 -6.47 7.35 -57.05
N PHE G 12 -7.72 7.49 -56.65
CA PHE G 12 -8.30 6.58 -55.68
C PHE G 12 -9.57 5.97 -56.24
N ASP G 13 -10.48 6.84 -56.69
CA ASP G 13 -11.73 6.36 -57.26
C ASP G 13 -11.41 5.36 -58.35
N THR G 14 -10.40 5.68 -59.15
CA THR G 14 -9.99 4.80 -60.25
C THR G 14 -9.20 3.58 -59.78
N ASP G 15 -8.28 3.78 -58.84
CA ASP G 15 -7.45 2.69 -58.32
C ASP G 15 -8.22 1.69 -57.46
N VAL G 16 -8.61 2.12 -56.27
CA VAL G 16 -9.33 1.27 -55.34
C VAL G 16 -10.81 1.07 -55.65
N LEU G 17 -11.59 2.15 -55.58
CA LEU G 17 -13.03 2.09 -55.82
C LEU G 17 -13.47 1.29 -57.04
N LYS G 18 -12.58 1.14 -58.02
CA LYS G 18 -12.94 0.40 -59.22
C LYS G 18 -11.77 -0.44 -59.74
N ALA G 19 -11.57 -1.61 -59.13
CA ALA G 19 -10.50 -2.53 -59.50
C ALA G 19 -10.80 -3.86 -58.83
N ASP G 20 -11.26 -4.83 -59.61
CA ASP G 20 -11.58 -6.14 -59.08
C ASP G 20 -10.34 -6.75 -58.43
N GLY G 21 -10.49 -7.05 -57.14
CA GLY G 21 -9.39 -7.59 -56.38
C GLY G 21 -9.28 -6.83 -55.08
N ALA G 22 -8.60 -7.41 -54.10
CA ALA G 22 -8.44 -6.78 -52.80
C ALA G 22 -7.19 -5.91 -52.71
N ILE G 23 -7.40 -4.63 -52.46
CA ILE G 23 -6.31 -3.67 -52.31
C ILE G 23 -6.44 -3.06 -50.91
N LEU G 24 -5.52 -3.42 -50.02
CA LEU G 24 -5.52 -2.92 -48.66
C LEU G 24 -5.11 -1.44 -48.61
N VAL G 25 -5.73 -0.64 -47.74
CA VAL G 25 -5.36 0.77 -47.64
C VAL G 25 -4.99 1.18 -46.21
N ASP G 26 -3.74 1.62 -46.08
CA ASP G 26 -3.15 2.06 -44.83
C ASP G 26 -3.17 3.58 -44.73
N PHE G 27 -4.22 4.13 -44.12
CA PHE G 27 -4.32 5.57 -43.95
C PHE G 27 -3.33 5.99 -42.86
N TRP G 28 -2.39 6.86 -43.22
CA TRP G 28 -1.39 7.33 -42.27
C TRP G 28 -1.17 8.84 -42.34
N ALA G 29 -0.25 9.33 -41.51
CA ALA G 29 0.07 10.76 -41.46
C ALA G 29 1.42 10.96 -40.80
N GLU G 30 2.27 11.74 -41.45
CA GLU G 30 3.60 11.99 -40.95
C GLU G 30 3.69 12.36 -39.46
N TRP G 31 2.59 12.84 -38.89
CA TRP G 31 2.57 13.23 -37.47
C TRP G 31 2.15 12.12 -36.52
N CYS G 32 1.59 11.05 -37.05
CA CYS G 32 1.14 9.97 -36.19
C CYS G 32 2.09 8.79 -36.27
N GLY G 33 2.86 8.60 -35.19
CA GLY G 33 3.82 7.52 -35.14
C GLY G 33 3.31 6.16 -35.59
N PRO G 34 2.46 5.50 -34.80
CA PRO G 34 1.93 4.18 -35.17
C PRO G 34 1.41 4.08 -36.61
N SER G 35 1.17 5.22 -37.24
CA SER G 35 0.69 5.23 -38.63
C SER G 35 1.76 4.67 -39.54
N LYS G 36 2.90 5.34 -39.54
CA LYS G 36 4.04 4.94 -40.36
C LYS G 36 4.74 3.71 -39.84
N MET G 37 4.27 3.20 -38.69
CA MET G 37 4.85 2.00 -38.11
C MET G 37 4.31 0.75 -38.82
N ILE G 38 3.19 0.92 -39.53
CA ILE G 38 2.57 -0.17 -40.24
C ILE G 38 3.13 -0.35 -41.64
N ALA G 39 3.72 0.72 -42.17
CA ALA G 39 4.30 0.68 -43.52
C ALA G 39 5.26 -0.49 -43.66
N PRO G 40 6.18 -0.69 -42.71
CA PRO G 40 7.11 -1.81 -42.80
C PRO G 40 6.40 -3.15 -42.81
N ILE G 41 5.37 -3.29 -41.99
CA ILE G 41 4.62 -4.53 -41.93
C ILE G 41 3.98 -4.80 -43.28
N LEU G 42 3.47 -3.74 -43.91
CA LEU G 42 2.83 -3.88 -45.22
C LEU G 42 3.82 -4.43 -46.24
N ASP G 43 5.08 -4.05 -46.11
CA ASP G 43 6.13 -4.50 -47.02
C ASP G 43 6.48 -5.97 -46.78
N GLU G 44 6.57 -6.36 -45.51
CA GLU G 44 6.85 -7.75 -45.17
C GLU G 44 5.65 -8.59 -45.63
N ILE G 45 4.52 -7.90 -45.85
CA ILE G 45 3.28 -8.51 -46.28
C ILE G 45 3.15 -8.53 -47.81
N ALA G 46 3.63 -7.48 -48.45
CA ALA G 46 3.57 -7.34 -49.90
C ALA G 46 3.82 -8.63 -50.69
N ASP G 47 4.93 -9.30 -50.40
CA ASP G 47 5.30 -10.53 -51.10
C ASP G 47 4.37 -11.72 -50.80
N GLU G 48 4.24 -12.09 -49.53
CA GLU G 48 3.42 -13.22 -49.09
C GLU G 48 1.95 -13.12 -49.55
N TYR G 49 1.49 -11.92 -49.88
CA TYR G 49 0.12 -11.74 -50.32
C TYR G 49 0.02 -11.23 -51.75
N GLN G 50 1.13 -11.27 -52.47
CA GLN G 50 1.17 -10.82 -53.86
C GLN G 50 0.45 -11.82 -54.75
N GLY G 51 -0.80 -11.49 -55.10
CA GLY G 51 -1.59 -12.37 -55.93
C GLY G 51 -2.98 -12.45 -55.32
N LYS G 52 -3.03 -12.07 -54.05
CA LYS G 52 -4.26 -12.07 -53.28
C LYS G 52 -4.57 -10.66 -52.79
N LEU G 53 -3.54 -9.82 -52.73
CA LEU G 53 -3.69 -8.45 -52.24
C LEU G 53 -2.66 -7.49 -52.82
N THR G 54 -2.98 -6.20 -52.77
CA THR G 54 -2.08 -5.13 -53.24
C THR G 54 -2.06 -4.01 -52.19
N VAL G 55 -1.01 -3.99 -51.36
CA VAL G 55 -0.89 -2.98 -50.31
C VAL G 55 -0.76 -1.56 -50.88
N ALA G 56 -1.66 -0.67 -50.46
CA ALA G 56 -1.65 0.72 -50.94
C ALA G 56 -1.79 1.77 -49.81
N LYS G 57 -0.72 2.51 -49.57
CA LYS G 57 -0.68 3.55 -48.54
C LYS G 57 -1.37 4.85 -49.02
N LEU G 58 -1.80 5.67 -48.07
CA LEU G 58 -2.47 6.93 -48.39
C LEU G 58 -2.15 7.99 -47.34
N ASN G 59 -1.51 9.06 -47.76
CA ASN G 59 -1.13 10.14 -46.84
C ASN G 59 -2.19 11.25 -46.79
N ILE G 60 -3.03 11.22 -45.76
CA ILE G 60 -4.05 12.25 -45.59
C ILE G 60 -3.42 13.57 -45.19
N ASP G 61 -2.12 13.54 -44.87
CA ASP G 61 -1.41 14.75 -44.50
C ASP G 61 -1.45 15.69 -45.67
N GLN G 62 -1.58 15.12 -46.86
CA GLN G 62 -1.64 15.89 -48.10
C GLN G 62 -2.71 15.33 -49.04
N ASN G 63 -3.64 14.57 -48.46
CA ASN G 63 -4.74 13.95 -49.19
C ASN G 63 -5.94 13.85 -48.24
N PRO G 64 -6.68 14.97 -48.09
CA PRO G 64 -7.86 15.07 -47.21
C PRO G 64 -9.12 14.36 -47.70
N GLY G 65 -9.57 14.70 -48.91
CA GLY G 65 -10.77 14.10 -49.47
C GLY G 65 -11.14 12.69 -49.03
N THR G 66 -10.26 11.75 -49.36
CA THR G 66 -10.46 10.34 -49.04
C THR G 66 -11.00 9.96 -47.66
N ALA G 67 -10.16 10.13 -46.64
CA ALA G 67 -10.50 9.79 -45.27
C ALA G 67 -11.94 10.08 -44.82
N PRO G 68 -12.37 11.36 -44.86
CA PRO G 68 -13.72 11.77 -44.46
C PRO G 68 -14.80 10.89 -45.08
N LYS G 69 -14.67 10.68 -46.38
CA LYS G 69 -15.59 9.88 -47.18
C LYS G 69 -16.00 8.56 -46.53
N TYR G 70 -15.09 7.96 -45.76
CA TYR G 70 -15.38 6.71 -45.10
C TYR G 70 -15.51 6.86 -43.58
N GLY G 71 -15.61 8.10 -43.11
CA GLY G 71 -15.75 8.33 -41.69
C GLY G 71 -14.57 7.86 -40.85
N ILE G 72 -13.37 8.09 -41.36
CA ILE G 72 -12.16 7.69 -40.67
C ILE G 72 -11.61 8.85 -39.83
N ARG G 73 -11.93 8.85 -38.54
CA ARG G 73 -11.46 9.88 -37.64
C ARG G 73 -10.49 9.25 -36.64
N GLY G 74 -9.52 8.54 -37.19
CA GLY G 74 -8.51 7.89 -36.39
C GLY G 74 -7.47 7.30 -37.30
N ILE G 75 -6.22 7.28 -36.85
CA ILE G 75 -5.13 6.74 -37.64
C ILE G 75 -4.08 6.08 -36.74
N PRO G 76 -3.48 4.98 -37.22
CA PRO G 76 -3.76 4.40 -38.54
C PRO G 76 -5.02 3.54 -38.60
N THR G 77 -5.66 3.55 -39.78
CA THR G 77 -6.86 2.75 -40.04
C THR G 77 -6.63 2.06 -41.38
N LEU G 78 -6.83 0.74 -41.39
CA LEU G 78 -6.64 -0.05 -42.59
C LEU G 78 -7.97 -0.44 -43.21
N LEU G 79 -8.09 -0.26 -44.52
CA LEU G 79 -9.31 -0.60 -45.23
C LEU G 79 -8.99 -1.67 -46.27
N LEU G 80 -9.61 -2.84 -46.12
CA LEU G 80 -9.40 -3.92 -47.07
C LEU G 80 -10.55 -3.86 -48.06
N PHE G 81 -10.24 -3.40 -49.26
CA PHE G 81 -11.24 -3.27 -50.31
C PHE G 81 -11.37 -4.52 -51.17
N LYS G 82 -12.56 -4.69 -51.75
CA LYS G 82 -12.87 -5.81 -52.63
C LYS G 82 -13.81 -5.30 -53.73
N ASN G 83 -13.24 -4.98 -54.89
CA ASN G 83 -13.99 -4.45 -56.03
C ASN G 83 -14.53 -3.07 -55.66
N GLY G 84 -13.63 -2.20 -55.18
CA GLY G 84 -14.02 -0.86 -54.76
C GLY G 84 -15.15 -0.94 -53.76
N GLU G 85 -14.88 -1.58 -52.63
CA GLU G 85 -15.89 -1.78 -51.60
C GLU G 85 -15.21 -2.13 -50.28
N VAL G 86 -15.42 -1.33 -49.24
CA VAL G 86 -14.82 -1.62 -47.95
C VAL G 86 -15.41 -2.91 -47.44
N ALA G 87 -14.56 -3.92 -47.29
CA ALA G 87 -14.99 -5.24 -46.82
C ALA G 87 -14.59 -5.48 -45.38
N ALA G 88 -13.53 -4.81 -44.95
CA ALA G 88 -13.04 -4.96 -43.59
C ALA G 88 -12.05 -3.85 -43.25
N THR G 89 -12.01 -3.45 -41.99
CA THR G 89 -11.10 -2.41 -41.53
C THR G 89 -10.53 -2.72 -40.14
N LYS G 90 -9.26 -2.37 -39.95
CA LYS G 90 -8.58 -2.61 -38.67
C LYS G 90 -8.02 -1.26 -38.19
N VAL G 91 -8.25 -0.92 -36.93
CA VAL G 91 -7.78 0.35 -36.40
C VAL G 91 -6.63 0.24 -35.39
N GLY G 92 -5.77 1.26 -35.41
CA GLY G 92 -4.64 1.31 -34.51
C GLY G 92 -3.48 0.46 -35.00
N ALA G 93 -2.38 0.47 -34.25
CA ALA G 93 -1.21 -0.30 -34.60
C ALA G 93 -1.47 -1.78 -34.33
N LEU G 94 -0.55 -2.63 -34.78
CA LEU G 94 -0.67 -4.06 -34.57
C LEU G 94 0.59 -4.77 -35.04
N SER G 95 0.70 -6.06 -34.74
CA SER G 95 1.87 -6.84 -35.13
C SER G 95 1.67 -7.54 -36.47
N LYS G 96 2.77 -7.93 -37.11
CA LYS G 96 2.69 -8.63 -38.38
C LYS G 96 1.73 -9.81 -38.28
N GLY G 97 1.73 -10.46 -37.12
CA GLY G 97 0.86 -11.59 -36.90
C GLY G 97 -0.61 -11.22 -36.77
N GLN G 98 -0.89 -10.06 -36.18
CA GLN G 98 -2.28 -9.64 -36.01
C GLN G 98 -2.86 -9.18 -37.34
N LEU G 99 -1.96 -8.69 -38.20
CA LEU G 99 -2.34 -8.21 -39.53
C LEU G 99 -2.57 -9.40 -40.44
N LYS G 100 -1.74 -10.43 -40.30
CA LYS G 100 -1.88 -11.62 -41.12
C LYS G 100 -3.13 -12.38 -40.68
N GLU G 101 -3.51 -12.23 -39.41
CA GLU G 101 -4.70 -12.92 -38.96
C GLU G 101 -5.92 -12.12 -39.42
N PHE G 102 -5.68 -10.85 -39.73
CA PHE G 102 -6.75 -9.98 -40.22
C PHE G 102 -6.99 -10.27 -41.71
N LEU G 103 -5.91 -10.35 -42.48
CA LEU G 103 -5.98 -10.62 -43.90
C LEU G 103 -6.48 -12.04 -44.15
N ASP G 104 -5.95 -13.01 -43.39
CA ASP G 104 -6.35 -14.40 -43.53
C ASP G 104 -7.81 -14.60 -43.13
N ALA G 105 -8.30 -13.72 -42.26
CA ALA G 105 -9.68 -13.80 -41.81
C ALA G 105 -10.66 -13.39 -42.92
N ASN G 106 -10.33 -12.34 -43.65
CA ASN G 106 -11.20 -11.84 -44.72
C ASN G 106 -10.73 -12.27 -46.10
N LEU G 107 -9.65 -11.65 -46.55
CA LEU G 107 -9.04 -11.89 -47.86
C LEU G 107 -9.06 -13.32 -48.42
N ALA G 108 -9.24 -14.33 -47.57
CA ALA G 108 -9.26 -15.72 -48.05
C ALA G 108 -10.62 -16.20 -48.55
N SER H 1 33.71 41.11 -8.00
CA SER H 1 33.67 41.42 -9.45
C SER H 1 34.24 42.81 -9.76
N ASP H 2 34.62 43.55 -8.70
CA ASP H 2 35.18 44.89 -8.88
C ASP H 2 36.44 45.11 -8.04
N LYS H 3 36.75 44.15 -7.17
CA LYS H 3 37.94 44.22 -6.34
C LYS H 3 38.94 43.18 -6.80
N ILE H 4 38.43 41.98 -7.05
CA ILE H 4 39.26 40.87 -7.51
C ILE H 4 40.02 41.31 -8.76
N ILE H 5 41.34 41.48 -8.61
CA ILE H 5 42.20 41.91 -9.69
C ILE H 5 42.41 40.86 -10.78
N HIS H 6 41.77 41.08 -11.92
CA HIS H 6 41.88 40.17 -13.06
C HIS H 6 43.27 40.35 -13.68
N LEU H 7 44.28 39.77 -13.03
CA LEU H 7 45.66 39.86 -13.48
C LEU H 7 45.90 39.35 -14.90
N THR H 8 47.15 39.50 -15.35
CA THR H 8 47.61 39.05 -16.67
C THR H 8 49.08 38.66 -16.53
N ASP H 9 49.48 37.54 -17.12
CA ASP H 9 50.85 37.05 -17.06
C ASP H 9 51.89 38.17 -16.98
N ASP H 10 51.89 39.06 -17.98
CA ASP H 10 52.82 40.18 -18.02
C ASP H 10 52.72 41.01 -16.75
N SER H 11 51.61 41.71 -16.60
CA SER H 11 51.39 42.55 -15.43
C SER H 11 51.16 41.70 -14.19
N PHE H 12 52.19 41.01 -13.73
CA PHE H 12 52.07 40.19 -12.54
C PHE H 12 52.97 40.73 -11.45
N ASP H 13 54.28 40.55 -11.62
CA ASP H 13 55.24 41.03 -10.64
C ASP H 13 54.96 42.52 -10.40
N THR H 14 54.55 43.21 -11.45
CA THR H 14 54.24 44.63 -11.36
C THR H 14 52.96 44.89 -10.57
N ASP H 15 52.31 43.81 -10.14
CA ASP H 15 51.08 43.91 -9.37
C ASP H 15 51.20 43.20 -8.02
N VAL H 16 51.33 41.89 -8.06
CA VAL H 16 51.41 41.06 -6.86
C VAL H 16 52.76 41.06 -6.12
N LEU H 17 53.85 40.95 -6.87
CA LEU H 17 55.17 40.90 -6.26
C LEU H 17 55.71 42.25 -5.78
N LYS H 18 55.34 43.33 -6.47
CA LYS H 18 55.83 44.65 -6.06
C LYS H 18 54.88 45.38 -5.11
N ALA H 19 53.63 45.55 -5.51
CA ALA H 19 52.64 46.24 -4.67
C ALA H 19 52.65 45.67 -3.26
N ASP H 20 52.96 46.53 -2.29
CA ASP H 20 53.01 46.11 -0.89
C ASP H 20 51.67 45.59 -0.40
N GLY H 21 51.72 44.77 0.65
CA GLY H 21 50.51 44.20 1.21
C GLY H 21 50.33 42.73 0.88
N ALA H 22 49.55 42.04 1.71
CA ALA H 22 49.27 40.62 1.51
C ALA H 22 48.22 40.44 0.43
N ILE H 23 48.65 40.01 -0.76
CA ILE H 23 47.76 39.80 -1.88
C ILE H 23 47.65 38.31 -2.24
N LEU H 24 46.42 37.80 -2.23
CA LEU H 24 46.13 36.39 -2.53
C LEU H 24 45.99 36.20 -4.04
N VAL H 25 46.71 35.21 -4.58
CA VAL H 25 46.66 34.93 -6.01
C VAL H 25 45.94 33.61 -6.33
N ASP H 26 44.92 33.70 -7.18
CA ASP H 26 44.11 32.56 -7.57
C ASP H 26 44.37 32.10 -9.00
N PHE H 27 45.13 31.02 -9.15
CA PHE H 27 45.42 30.47 -10.47
C PHE H 27 44.27 29.56 -10.89
N TRP H 28 43.56 29.93 -11.94
CA TRP H 28 42.43 29.13 -12.39
C TRP H 28 42.31 28.98 -13.91
N ALA H 29 41.29 28.24 -14.33
CA ALA H 29 41.08 28.01 -15.75
C ALA H 29 39.65 27.59 -16.04
N GLU H 30 39.09 28.13 -17.11
CA GLU H 30 37.73 27.85 -17.50
C GLU H 30 37.45 26.38 -17.79
N TRP H 31 38.48 25.53 -17.74
CA TRP H 31 38.29 24.10 -18.00
C TRP H 31 38.30 23.31 -16.70
N CYS H 32 38.77 23.95 -15.65
CA CYS H 32 38.85 23.33 -14.34
C CYS H 32 37.69 23.83 -13.48
N GLY H 33 36.67 23.00 -13.34
CA GLY H 33 35.51 23.38 -12.54
C GLY H 33 35.91 23.94 -11.19
N PRO H 34 36.51 23.12 -10.32
CA PRO H 34 36.92 23.57 -9.00
C PRO H 34 37.60 24.94 -9.02
N SER H 35 38.23 25.28 -10.14
CA SER H 35 38.91 26.57 -10.27
C SER H 35 37.90 27.71 -10.28
N LYS H 36 36.89 27.59 -11.13
CA LYS H 36 35.84 28.60 -11.28
C LYS H 36 34.78 28.53 -10.18
N MET H 37 34.87 27.51 -9.33
CA MET H 37 33.90 27.33 -8.25
C MET H 37 34.37 28.11 -7.02
N ILE H 38 35.55 28.68 -7.13
CA ILE H 38 36.13 29.47 -6.05
C ILE H 38 35.74 30.93 -6.25
N ALA H 39 35.66 31.35 -7.51
CA ALA H 39 35.32 32.73 -7.84
C ALA H 39 34.32 33.38 -6.88
N PRO H 40 33.20 32.69 -6.59
CA PRO H 40 32.20 33.24 -5.68
C PRO H 40 32.77 33.56 -4.30
N ILE H 41 33.34 32.55 -3.65
CA ILE H 41 33.93 32.71 -2.33
C ILE H 41 34.99 33.81 -2.28
N LEU H 42 35.72 34.02 -3.36
CA LEU H 42 36.76 35.05 -3.38
C LEU H 42 36.14 36.43 -3.28
N ASP H 43 34.93 36.58 -3.81
CA ASP H 43 34.25 37.87 -3.74
C ASP H 43 33.90 38.15 -2.29
N GLU H 44 33.20 37.21 -1.66
CA GLU H 44 32.80 37.34 -0.26
C GLU H 44 34.03 37.24 0.64
N ILE H 45 35.21 37.48 0.07
CA ILE H 45 36.45 37.46 0.81
C ILE H 45 37.15 38.79 0.59
N ALA H 46 36.99 39.33 -0.61
CA ALA H 46 37.58 40.62 -0.95
C ALA H 46 36.89 41.66 -0.09
N ASP H 47 35.62 41.40 0.21
CA ASP H 47 34.83 42.29 1.03
C ASP H 47 34.97 41.93 2.51
N GLU H 48 34.81 40.65 2.83
CA GLU H 48 34.92 40.19 4.22
C GLU H 48 36.34 40.18 4.75
N TYR H 49 37.31 40.55 3.94
CA TYR H 49 38.71 40.60 4.37
C TYR H 49 39.43 41.79 3.77
N GLN H 50 38.65 42.75 3.27
CA GLN H 50 39.20 43.94 2.66
C GLN H 50 40.18 44.67 3.58
N GLY H 51 41.00 45.55 3.00
CA GLY H 51 41.96 46.31 3.78
C GLY H 51 43.04 45.47 4.43
N LYS H 52 42.73 44.21 4.71
CA LYS H 52 43.71 43.32 5.33
C LYS H 52 44.11 42.20 4.36
N LEU H 53 43.73 42.34 3.09
CA LEU H 53 44.05 41.34 2.06
C LEU H 53 43.55 41.77 0.68
N THR H 54 44.30 41.40 -0.35
CA THR H 54 43.94 41.71 -1.73
C THR H 54 43.78 40.41 -2.52
N VAL H 55 42.75 40.35 -3.36
CA VAL H 55 42.50 39.15 -4.15
C VAL H 55 42.79 39.39 -5.64
N ALA H 56 43.56 38.48 -6.24
CA ALA H 56 43.92 38.57 -7.65
C ALA H 56 43.76 37.22 -8.36
N LYS H 57 42.94 37.20 -9.41
CA LYS H 57 42.69 35.99 -10.20
C LYS H 57 43.55 35.94 -11.46
N LEU H 58 44.55 35.06 -11.46
CA LEU H 58 45.43 34.91 -12.62
C LEU H 58 45.03 33.74 -13.48
N ASN H 59 44.03 33.94 -14.33
CA ASN H 59 43.58 32.90 -15.23
C ASN H 59 44.77 32.43 -16.05
N ILE H 60 44.77 31.16 -16.44
CA ILE H 60 45.89 30.63 -17.23
C ILE H 60 45.48 30.10 -18.60
N ASP H 61 44.19 30.16 -18.91
CA ASP H 61 43.72 29.68 -20.22
C ASP H 61 44.64 30.32 -21.25
N GLN H 62 44.88 31.62 -21.05
CA GLN H 62 45.72 32.40 -21.93
C GLN H 62 46.76 33.20 -21.15
N ASN H 63 47.35 32.55 -20.15
CA ASN H 63 48.37 33.15 -19.29
C ASN H 63 49.11 32.02 -18.59
N PRO H 64 49.93 31.27 -19.34
CA PRO H 64 50.72 30.15 -18.81
C PRO H 64 52.10 30.51 -18.26
N GLY H 65 52.63 31.64 -18.70
CA GLY H 65 53.95 32.04 -18.26
C GLY H 65 54.21 32.13 -16.76
N THR H 66 53.16 32.30 -15.98
CA THR H 66 53.35 32.45 -14.54
C THR H 66 53.31 31.19 -13.69
N ALA H 67 52.33 30.33 -13.94
CA ALA H 67 52.18 29.10 -13.16
C ALA H 67 53.49 28.33 -12.93
N PRO H 68 54.23 28.04 -14.00
CA PRO H 68 55.49 27.30 -13.90
C PRO H 68 56.38 27.86 -12.79
N LYS H 69 56.64 29.15 -12.92
CA LYS H 69 57.49 29.92 -12.00
C LYS H 69 57.50 29.46 -10.54
N TYR H 70 56.35 29.02 -10.04
CA TYR H 70 56.25 28.59 -8.65
C TYR H 70 56.07 27.10 -8.44
N GLY H 71 56.06 26.34 -9.53
CA GLY H 71 55.88 24.92 -9.42
C GLY H 71 54.43 24.53 -9.21
N ILE H 72 53.54 25.17 -9.96
CA ILE H 72 52.12 24.88 -9.86
C ILE H 72 51.73 23.89 -10.95
N ARG H 73 51.66 22.61 -10.58
CA ARG H 73 51.28 21.57 -11.50
C ARG H 73 49.89 21.08 -11.09
N GLY H 74 48.99 22.04 -10.90
CA GLY H 74 47.64 21.69 -10.51
C GLY H 74 46.82 22.90 -10.08
N ILE H 75 45.58 22.95 -10.53
CA ILE H 75 44.69 24.05 -10.18
C ILE H 75 43.38 23.49 -9.65
N PRO H 76 42.65 24.28 -8.86
CA PRO H 76 43.10 25.63 -8.50
C PRO H 76 44.14 25.59 -7.39
N THR H 77 45.04 26.56 -7.41
CA THR H 77 46.08 26.68 -6.39
C THR H 77 46.16 28.14 -5.99
N LEU H 78 46.02 28.40 -4.69
CA LEU H 78 46.07 29.76 -4.17
C LEU H 78 47.39 30.08 -3.49
N LEU H 79 48.04 31.14 -3.96
CA LEU H 79 49.31 31.58 -3.41
C LEU H 79 49.12 32.89 -2.64
N LEU H 80 49.46 32.86 -1.36
CA LEU H 80 49.34 34.04 -0.49
C LEU H 80 50.65 34.81 -0.49
N PHE H 81 50.75 35.76 -1.42
CA PHE H 81 51.94 36.59 -1.57
C PHE H 81 52.10 37.66 -0.49
N LYS H 82 53.27 38.29 -0.49
CA LYS H 82 53.66 39.35 0.43
C LYS H 82 54.89 40.04 -0.18
N ASN H 83 54.71 40.56 -1.39
CA ASN H 83 55.77 41.22 -2.15
C ASN H 83 56.78 40.23 -2.71
N GLY H 84 56.38 39.52 -3.77
CA GLY H 84 57.25 38.53 -4.38
C GLY H 84 57.74 37.52 -3.37
N GLU H 85 56.83 37.08 -2.50
CA GLU H 85 57.15 36.13 -1.43
C GLU H 85 55.94 35.25 -1.07
N VAL H 86 56.03 33.96 -1.35
CA VAL H 86 54.92 33.07 -1.03
C VAL H 86 54.90 32.83 0.46
N ALA H 87 53.84 33.28 1.12
CA ALA H 87 53.68 33.10 2.56
C ALA H 87 52.99 31.78 2.84
N ALA H 88 52.08 31.40 1.94
CA ALA H 88 51.32 30.16 2.04
C ALA H 88 50.77 29.80 0.67
N THR H 89 50.11 28.64 0.58
CA THR H 89 49.52 28.18 -0.67
C THR H 89 48.43 27.16 -0.36
N LYS H 90 47.32 27.24 -1.09
CA LYS H 90 46.21 26.31 -0.89
C LYS H 90 45.77 25.63 -2.17
N VAL H 91 46.14 24.37 -2.31
CA VAL H 91 45.80 23.59 -3.50
C VAL H 91 44.51 22.82 -3.33
N GLY H 92 43.58 23.04 -4.25
CA GLY H 92 42.32 22.33 -4.20
C GLY H 92 41.12 23.20 -3.96
N ALA H 93 39.94 22.63 -4.17
CA ALA H 93 38.69 23.35 -3.96
C ALA H 93 38.46 23.41 -2.46
N LEU H 94 37.39 24.08 -2.06
CA LEU H 94 37.05 24.23 -0.65
C LEU H 94 35.82 25.12 -0.49
N SER H 95 35.16 25.01 0.65
CA SER H 95 33.98 25.82 0.93
C SER H 95 34.43 27.18 1.46
N LYS H 96 33.47 28.06 1.74
CA LYS H 96 33.80 29.39 2.25
C LYS H 96 34.51 29.30 3.60
N GLY H 97 33.99 28.47 4.50
CA GLY H 97 34.60 28.31 5.80
C GLY H 97 36.02 27.80 5.64
N GLN H 98 36.18 26.88 4.69
CA GLN H 98 37.48 26.29 4.38
C GLN H 98 38.50 27.38 4.12
N LEU H 99 38.22 28.18 3.09
CA LEU H 99 39.09 29.27 2.68
C LEU H 99 39.39 30.24 3.81
N LYS H 100 38.35 30.57 4.58
CA LYS H 100 38.51 31.49 5.69
C LYS H 100 39.39 30.87 6.77
N GLU H 101 39.19 29.57 7.03
CA GLU H 101 39.99 28.88 8.04
C GLU H 101 41.47 28.89 7.68
N PHE H 102 41.76 29.12 6.41
CA PHE H 102 43.13 29.17 5.93
C PHE H 102 43.63 30.61 6.02
N LEU H 103 42.76 31.54 5.62
CA LEU H 103 43.10 32.96 5.66
C LEU H 103 43.32 33.43 7.09
N ASP H 104 42.53 32.92 8.02
CA ASP H 104 42.69 33.30 9.42
C ASP H 104 43.94 32.67 10.02
N ALA H 105 44.04 31.34 9.92
CA ALA H 105 45.19 30.60 10.44
C ALA H 105 46.50 31.25 9.99
N ASN H 106 46.44 31.95 8.86
CA ASN H 106 47.60 32.63 8.30
C ASN H 106 47.66 34.11 8.66
N LEU H 107 46.90 34.92 7.92
CA LEU H 107 46.86 36.36 8.14
C LEU H 107 46.95 36.78 9.61
N ALA H 108 47.45 37.99 9.83
CA ALA H 108 47.60 38.53 11.17
C ALA H 108 47.31 40.02 11.14
PA FAD I . -7.69 -19.04 12.50
O1A FAD I . -6.23 -19.04 12.18
O2A FAD I . -8.22 -18.66 13.83
O5B FAD I . -8.17 -20.56 12.39
C5B FAD I . -7.99 -21.21 11.16
C4B FAD I . -8.67 -22.51 11.07
O4B FAD I . -8.46 -23.04 9.75
C3B FAD I . -8.11 -23.45 12.08
O3B FAD I . -9.25 -23.90 12.74
C2B FAD I . -7.47 -24.53 11.25
O2B FAD I . -7.60 -25.83 11.84
C1B FAD I . -8.17 -24.43 9.92
N9A FAD I . -7.42 -25.00 8.78
C8A FAD I . -6.35 -24.46 8.14
N7A FAD I . -6.03 -25.07 7.04
C5A FAD I . -6.95 -26.09 6.94
C6A FAD I . -7.12 -27.11 5.96
N6A FAD I . -6.27 -27.21 4.93
N1A FAD I . -8.13 -28.01 6.16
C2A FAD I . -8.93 -27.90 7.23
N3A FAD I . -8.86 -26.99 8.19
C4A FAD I . -7.83 -26.09 8.00
N1 FAD I . -6.95 -11.36 18.08
C2 FAD I . -7.67 -10.57 18.87
O2 FAD I . -8.58 -9.89 18.38
N3 FAD I . -7.37 -10.62 20.22
C4 FAD I . -6.40 -11.42 20.84
O4 FAD I . -6.20 -11.38 22.07
C4X FAD I . -5.66 -12.25 19.94
N5 FAD I . -4.65 -12.98 20.51
C5X FAD I . -3.91 -13.74 19.67
C6 FAD I . -2.86 -14.47 20.32
C7 FAD I . -1.96 -15.27 19.65
C7M FAD I . -1.01 -16.08 20.53
C8 FAD I . -2.07 -15.38 18.19
C8M FAD I . -1.18 -16.29 17.40
C9 FAD I . -3.09 -14.67 17.53
C9A FAD I . -4.03 -13.85 18.26
N10 FAD I . -5.17 -13.04 17.74
C10 FAD I . -5.98 -12.17 18.60
C1' FAD I . -5.49 -13.00 16.30
C2' FAD I . -6.60 -13.93 15.89
O2' FAD I . -6.33 -15.19 16.52
C3' FAD I . -6.80 -14.08 14.40
O3' FAD I . -7.04 -12.75 13.84
C4' FAD I . -8.02 -14.99 14.17
O4' FAD I . -8.03 -16.24 14.93
C5' FAD I . -8.31 -15.27 12.72
O5' FAD I . -9.41 -16.12 12.63
P FAD I . -9.58 -17.12 11.46
O1P FAD I . -10.75 -17.94 11.81
O2P FAD I . -9.55 -16.31 10.19
O3P FAD I . -8.31 -18.07 11.41
PA 3AA J . 2.60 -9.27 13.39
O1A 3AA J . 2.48 -9.57 11.95
O2A 3AA J . 1.70 -8.33 14.08
O5B 3AA J . 4.06 -8.73 13.65
C5B 3AA J . 5.25 -9.48 13.28
C4B 3AA J . 6.51 -9.07 14.08
O4B 3AA J . 7.63 -9.92 13.78
C1B 3AA J . 8.61 -9.16 13.04
N9A 3AA J . 9.11 -9.92 11.88
C4A 3AA J . 10.39 -10.44 11.79
N3A 3AA J . 11.39 -10.34 12.70
C2A 3AA J . 12.45 -10.98 12.27
N1A 3AA J . 12.63 -11.62 11.16
C6A 3AA J . 11.64 -11.72 10.28
N6A 3AA J . 11.79 -12.43 9.16
C5A 3AA J . 10.44 -11.10 10.60
N7A 3AA J . 9.23 -11.00 9.94
C8A 3AA J . 8.49 -10.31 10.73
C2B 3AA J . 7.99 -7.87 12.63
O2B 3AA J . 8.94 -6.83 12.51
P2B 3AA J . 8.62 -5.28 12.11
O1X 3AA J . 9.95 -4.59 11.92
O2X 3AA J . 7.84 -5.34 10.80
O3X 3AA J . 7.84 -4.68 13.27
C3B 3AA J . 7.01 -7.68 13.76
O3B 3AA J . 7.66 -7.05 14.86
O3 3AA J . 2.53 -10.71 14.07
PN 3AA J . 1.86 -11.20 15.43
O1N 3AA J . 2.43 -10.49 16.59
O2N 3AA J . 1.88 -12.67 15.44
O5D 3AA J . 0.37 -10.65 15.21
C5D 3AA J . -0.52 -10.98 14.13
C4D 3AA J . -1.93 -10.33 14.17
O4D 3AA J . -2.69 -10.83 15.30
C3D 3AA J . -1.86 -8.84 14.28
O3D 3AA J . -2.76 -8.31 13.34
C2D 3AA J . -2.11 -8.55 15.76
O2D 3AA J . -2.69 -7.28 15.91
C1D 3AA J . -2.94 -9.75 16.27
N1N 3AA J . -2.66 -10.20 17.67
C2N 3AA J . -3.38 -9.60 18.74
C4N 3AA J . -1.95 -10.88 20.35
C5N 3AA J . -1.28 -11.46 19.24
C6N 3AA J . -1.61 -11.14 17.92
C3N 3AA J . -3.01 -9.95 20.09
N7N 3AA J . -3.65 -9.42 21.09
PA FAD K . -26.45 1.46 16.55
O1A FAD K . -27.67 2.02 15.87
O2A FAD K . -26.56 0.30 17.45
O5B FAD K . -25.80 2.61 17.38
C5B FAD K . -25.76 3.97 17.02
C4B FAD K . -25.33 4.76 18.20
O4B FAD K . -25.17 6.08 17.71
C3B FAD K . -26.29 4.84 19.38
O3B FAD K . -25.59 4.68 20.60
C2B FAD K . -26.92 6.24 19.21
O2B FAD K . -27.35 6.86 20.40
C1B FAD K . -25.80 7.01 18.57
N9A FAD K . -26.20 8.17 17.80
C8A FAD K . -26.97 8.27 16.65
N7A FAD K . -27.00 9.46 16.12
C5A FAD K . -26.18 10.22 16.99
C6A FAD K . -25.79 11.58 16.98
N6A FAD K . -26.21 12.44 16.06
N1A FAD K . -24.97 11.99 17.96
C2A FAD K . -24.57 11.13 18.87
N3A FAD K . -24.85 9.83 19.01
C4A FAD K . -25.68 9.43 18.00
N1 FAD K . -28.12 -7.89 15.12
C2 FAD K . -27.61 -9.09 15.44
O2 FAD K . -26.52 -9.41 15.04
N3 FAD K . -28.35 -9.91 16.25
C4 FAD K . -29.61 -9.64 16.79
O4 FAD K . -30.18 -10.49 17.46
C4X FAD K . -30.13 -8.36 16.43
N5 FAD K . -31.41 -8.08 16.95
C5X FAD K . -31.88 -6.79 16.68
C6 FAD K . -33.20 -6.50 17.18
C7 FAD K . -33.86 -5.30 16.94
C7M FAD K . -35.28 -5.12 17.50
C8 FAD K . -33.17 -4.28 16.15
C8M FAD K . -33.81 -2.96 15.79
C9 FAD K . -31.89 -4.52 15.66
C9A FAD K . -31.20 -5.77 15.90
N10 FAD K . -29.87 -6.18 15.35
C10 FAD K . -29.33 -7.53 15.60
C1' FAD K . -29.10 -5.28 14.49
C2' FAD K . -28.01 -4.50 15.20
O2' FAD K . -28.67 -3.86 16.30
C3' FAD K . -27.20 -3.48 14.39
O3' FAD K . -26.71 -4.01 13.13
C4' FAD K . -26.01 -2.95 15.23
O4' FAD K . -26.28 -2.72 16.62
C5' FAD K . -25.61 -1.62 14.65
O5' FAD K . -24.49 -1.11 15.39
P FAD K . -23.98 0.37 15.28
O1P FAD K . -23.03 0.57 16.37
O2P FAD K . -23.55 0.54 13.91
O3P FAD K . -25.31 1.28 15.40
PA 3AA L . -35.03 -4.78 7.05
O1A 3AA L . -34.51 -3.84 6.02
O2A 3AA L . -34.31 -6.06 7.30
O5B 3AA L . -36.48 -5.10 6.60
C5B 3AA L . -37.47 -4.12 6.42
C4B 3AA L . -38.80 -4.75 6.07
O4B 3AA L . -39.75 -3.69 6.08
C1B 3AA L . -40.39 -3.60 4.80
N9A 3AA L . -40.60 -2.18 4.47
C4A 3AA L . -41.81 -1.58 4.29
N3A 3AA L . -43.02 -2.17 4.39
C2A 3AA L . -43.96 -1.28 4.14
N1A 3AA L . -43.84 0.00 3.84
C6A 3AA L . -42.64 0.55 3.73
N6A 3AA L . -42.50 1.82 3.33
C5A 3AA L . -41.55 -0.28 3.98
N7A 3AA L . -40.22 -0.02 3.97
C8A 3AA L . -39.70 -1.17 4.26
C2B 3AA L . -39.45 -4.30 3.85
O2B 3AA L . -40.09 -4.74 2.67
P2B 3AA L . -39.36 -5.54 1.44
O1X 3AA L . -40.30 -5.43 0.27
O2X 3AA L . -38.09 -4.75 1.22
O3X 3AA L . -39.16 -6.99 1.89
C3B 3AA L . -38.87 -5.42 4.72
O3B 3AA L . -39.62 -6.70 4.66
O3 3AA L . -35.18 -4.06 8.48
PN 3AA L . -35.07 -4.78 9.92
O1N 3AA L . -35.81 -6.04 9.95
O2N 3AA L . -35.37 -3.76 10.92
O5D 3AA L . -33.58 -5.19 9.98
C5D 3AA L . -32.40 -4.40 9.72
C4D 3AA L . -31.03 -5.21 9.87
O4D 3AA L . -30.76 -5.67 11.22
C3D 3AA L . -30.91 -6.43 8.99
O3D 3AA L . -29.58 -6.58 8.42
C2D 3AA L . -31.36 -7.56 9.89
O2D 3AA L . -30.90 -8.81 9.43
C1D 3AA L . -30.83 -7.11 11.24
N1N 3AA L . -31.59 -7.60 12.41
C2N 3AA L . -31.23 -8.86 12.91
C4N 3AA L . -33.33 -8.85 14.29
C5N 3AA L . -33.64 -7.59 13.76
C6N 3AA L . -32.81 -6.95 12.85
C3N 3AA L . -32.12 -9.49 13.86
N7N 3AA L . -31.80 -10.68 14.34
PA FAD M . 7.08 1.82 -22.78
O1A FAD M . 5.62 1.63 -22.57
O2A FAD M . 7.69 3.14 -23.07
O5B FAD M . 7.49 0.97 -24.04
C5B FAD M . 7.23 -0.41 -24.01
C4B FAD M . 7.83 -1.12 -25.14
O4B FAD M . 7.58 -2.50 -25.01
C3B FAD M . 7.27 -0.66 -26.44
O3B FAD M . 8.41 -0.29 -27.18
C2B FAD M . 6.55 -1.85 -26.99
O2B FAD M . 6.67 -1.97 -28.41
C1B FAD M . 7.23 -3.01 -26.31
N9A FAD M . 6.44 -4.23 -26.25
C8A FAD M . 5.38 -4.48 -25.42
N7A FAD M . 4.97 -5.71 -25.41
C5A FAD M . 5.84 -6.34 -26.30
C6A FAD M . 5.93 -7.68 -26.72
N6A FAD M . 5.03 -8.55 -26.26
N1A FAD M . 6.91 -8.03 -27.61
C2A FAD M . 7.72 -7.06 -28.04
N3A FAD M . 7.72 -5.75 -27.72
C4A FAD M . 6.73 -5.44 -26.83
N1 FAD M . 6.97 10.41 -18.63
C2 FAD M . 7.75 11.46 -18.31
O2 FAD M . 8.73 11.31 -17.57
N3 FAD M . 7.44 12.66 -18.95
C4 FAD M . 6.42 12.88 -19.92
O4 FAD M . 6.28 13.98 -20.45
C4X FAD M . 5.65 11.72 -20.22
N5 FAD M . 4.62 11.93 -21.11
C5X FAD M . 3.81 10.84 -21.36
C6 FAD M . 2.74 11.15 -22.26
C7 FAD M . 1.78 10.24 -22.63
C7M FAD M . 0.82 10.70 -23.74
C8 FAD M . 1.86 8.89 -22.05
C8M FAD M . 0.90 7.78 -22.47
C9 FAD M . 2.91 8.56 -21.16
C9A FAD M . 3.91 9.54 -20.79
N10 FAD M . 5.04 9.40 -19.86
C10 FAD M . 5.96 10.53 -19.54
C1' FAD M . 5.32 8.15 -19.14
C2' FAD M . 6.41 7.31 -19.77
O2' FAD M . 6.15 7.31 -21.16
C3' FAD M . 6.51 5.91 -19.24
O3' FAD M . 6.77 6.00 -17.83
C4' FAD M . 7.67 5.18 -19.99
O4' FAD M . 7.58 5.27 -21.45
C5' FAD M . 7.91 3.76 -19.57
O5' FAD M . 8.95 3.27 -20.35
P FAD M . 9.08 1.77 -20.63
O1P FAD M . 10.22 1.60 -21.57
O2P FAD M . 9.04 1.02 -19.31
O3P FAD M . 7.73 1.30 -21.40
PA 3AA N . -2.65 7.75 -14.30
O1A 3AA N . -2.56 6.32 -13.92
O2A 3AA N . -1.68 8.76 -13.80
O5B 3AA N . -4.07 8.33 -13.85
C5B 3AA N . -5.30 7.70 -14.30
C4B 3AA N . -6.51 8.68 -14.30
O4B 3AA N . -7.66 8.04 -14.88
C1B 3AA N . -8.64 7.83 -13.82
N9A 3AA N . -9.22 6.47 -13.92
C4A 3AA N . -10.53 6.22 -14.30
N3A 3AA N . -11.50 7.13 -14.60
C2A 3AA N . -12.61 6.50 -14.94
N1A 3AA N . -12.85 5.21 -14.98
C6A 3AA N . -11.90 4.35 -14.67
N6A 3AA N . -12.11 3.05 -14.79
C5A 3AA N . -10.64 4.86 -14.31
N7A 3AA N . -9.44 4.24 -13.94
C8A 3AA N . -8.64 5.23 -13.73
C2B 3AA N . -7.97 8.08 -12.50
O2B 3AA N . -8.86 8.51 -11.51
P2B 3AA N . -8.47 8.86 -9.96
O1X 3AA N . -9.78 9.07 -9.22
O2X 3AA N . -7.73 7.63 -9.47
O3X 3AA N . -7.61 10.12 -9.99
C3B 3AA N . -6.96 9.10 -12.91
O3B 3AA N . -7.55 10.39 -12.86
O3 3AA N . -2.65 7.69 -15.87
PN 3AA N . -1.93 8.67 -16.93
O1N 3AA N . -2.42 10.06 -16.83
O2N 3AA N . -2.02 7.99 -18.24
O5D 3AA N . -0.42 8.66 -16.40
C5D 3AA N . 0.40 7.48 -16.20
C4D 3AA N . 1.84 7.75 -15.69
O4D 3AA N . 2.60 8.49 -16.67
C3D 3AA N . 1.87 8.57 -14.45
O3D 3AA N . 2.78 7.92 -13.57
C2D 3AA N . 2.19 9.97 -14.90
O2D 3AA N . 2.83 10.67 -13.87
C1D 3AA N . 2.95 9.81 -16.20
N1N 3AA N . 2.69 10.83 -17.27
C2N 3AA N . 3.47 12.01 -17.26
C4N 3AA N . 2.01 12.91 -19.09
C5N 3AA N . 1.29 11.72 -19.06
C6N 3AA N . 1.60 10.68 -18.18
C3N 3AA N . 3.12 13.05 -18.19
N7N 3AA N . 3.84 14.16 -18.21
PA FAD O . 27.04 14.03 -7.17
O1A FAD O . 28.25 13.65 -6.39
O2A FAD O . 27.10 14.24 -8.63
O5B FAD O . 26.44 15.35 -6.57
C5B FAD O . 26.48 15.70 -5.19
C4B FAD O . 26.12 17.16 -5.02
O4B FAD O . 25.97 17.40 -3.63
C3B FAD O . 27.13 18.17 -5.53
O3B FAD O . 26.41 19.22 -6.19
C2B FAD O . 27.85 18.62 -4.25
O2B FAD O . 28.33 19.96 -4.28
C1B FAD O . 26.73 18.53 -3.24
N9A FAD O . 27.19 18.36 -1.85
C8A FAD O . 27.94 17.35 -1.25
N7A FAD O . 28.01 17.43 0.04
C5A FAD O . 27.25 18.58 0.32
C6A FAD O . 26.90 19.23 1.53
N6A FAD O . 27.34 18.81 2.73
N1A FAD O . 26.14 20.33 1.47
C2A FAD O . 25.73 20.75 0.30
N3A FAD O . 25.97 20.25 -0.92
C4A FAD O . 26.76 19.13 -0.82
N1 FAD O . 28.11 8.32 -14.83
C2 FAD O . 27.56 8.09 -16.00
O2 FAD O . 26.42 7.69 -16.04
N3 FAD O . 28.28 8.37 -17.12
C4 FAD O . 29.58 8.88 -17.17
O4 FAD O . 30.11 9.10 -18.27
C4X FAD O . 30.16 9.13 -15.89
N5 FAD O . 31.46 9.64 -15.92
C5X FAD O . 31.99 9.98 -14.69
C6 FAD O . 33.35 10.47 -14.71
C7 FAD O . 34.07 10.79 -13.55
C7M FAD O . 35.52 11.34 -13.74
C8 FAD O . 33.42 10.63 -12.25
C8M FAD O . 34.09 10.94 -10.93
C9 FAD O . 32.12 10.15 -12.19
C9A FAD O . 31.36 9.81 -13.40
N10 FAD O . 30.00 9.20 -13.44
C10 FAD O . 29.38 8.84 -14.76
C1' FAD O . 29.26 8.95 -12.17
C2' FAD O . 28.22 9.98 -11.83
O2' FAD O . 28.93 11.20 -11.85
C3' FAD O . 27.42 9.80 -10.54
O3' FAD O . 26.89 8.48 -10.35
C4' FAD O . 26.29 10.85 -10.42
O4' FAD O . 26.64 12.21 -10.85
C5' FAD O . 25.95 10.97 -8.97
O5' FAD O . 24.93 11.94 -8.83
P FAD O . 24.51 12.54 -7.49
O1P FAD O . 23.61 13.68 -7.75
O2P FAD O . 24.05 11.44 -6.65
O3P FAD O . 25.90 12.95 -6.79
PA 3AA P . 34.98 2.34 -8.45
O1A 3AA P . 34.43 1.92 -7.14
O2A 3AA P . 34.25 1.99 -9.70
O5B 3AA P . 36.38 1.70 -8.58
C5B 3AA P . 37.40 1.93 -7.66
C4B 3AA P . 38.69 1.26 -8.10
O4B 3AA P . 39.68 1.72 -7.20
C1B 3AA P . 40.26 0.59 -6.53
N9A 3AA P . 40.54 0.96 -5.13
C4A 3AA P . 41.78 1.00 -4.57
N3A 3AA P . 42.95 0.74 -5.17
C2A 3AA P . 43.94 0.89 -4.31
N1A 3AA P . 43.89 1.23 -3.02
C6A 3AA P . 42.70 1.48 -2.45
N6A 3AA P . 42.62 1.72 -1.14
C5A 3AA P . 41.59 1.36 -3.27
N7A 3AA P . 40.26 1.57 -3.02
C8A 3AA P . 39.69 1.31 -4.14
C2B 3AA P . 39.28 -0.53 -6.66
O2B 3AA P . 39.88 -1.79 -6.50
P2B 3AA P . 39.04 -3.20 -6.56
O1X 3AA P . 39.93 -4.25 -5.92
O2X 3AA P . 37.79 -2.92 -5.73
O3X 3AA P . 38.75 -3.49 -8.03
C3B 3AA P . 38.67 -0.26 -8.05
O3B 3AA P . 39.34 -0.95 -9.12
O3 3AA P . 35.21 3.92 -8.48
PN 3AA P . 35.09 4.85 -9.77
O1N 3AA P . 35.76 4.19 -10.90
O2N 3AA P . 35.46 6.23 -9.39
O5D 3AA P . 33.58 4.82 -10.14
C5D 3AA P . 32.41 5.01 -9.30
C4D 3AA P . 30.99 4.84 -10.04
O4D 3AA P . 30.76 5.79 -11.08
C3D 3AA P . 30.77 3.47 -10.70
O3D 3AA P . 29.42 2.96 -10.49
C2D 3AA P . 31.20 3.69 -12.12
O2D 3AA P . 30.69 2.70 -12.99
C1D 3AA P . 30.75 5.13 -12.35
N1N 3AA P . 31.54 5.86 -13.37
C2N 3AA P . 31.12 5.73 -14.71
C4N 3AA P . 33.24 6.84 -15.42
C5N 3AA P . 33.62 6.95 -14.07
C6N 3AA P . 32.80 6.48 -13.04
C3N 3AA P . 31.98 6.24 -15.74
N7N 3AA P . 31.61 6.15 -16.98
#